data_8CP4
#
_entry.id   8CP4
#
_cell.length_a   186.170
_cell.length_b   212.690
_cell.length_c   196.740
_cell.angle_alpha   90.000
_cell.angle_beta   90.000
_cell.angle_gamma   90.000
#
_symmetry.space_group_name_H-M   'C 2 2 21'
#
loop_
_entity.id
_entity.type
_entity.pdbx_description
1 polymer 'NAD_synthase domain-containing protein'
2 non-polymer 'IRON/SULFUR CLUSTER'
3 non-polymer 'ADENOSINE MONOPHOSPHATE'
4 non-polymer 'CHLORIDE ION'
5 water water
#
_entity_poly.entity_id   1
_entity_poly.type   'polypeptide(L)'
_entity_poly.pdbx_seq_one_letter_code
;GPMLEVLFQGPMIIMEKGLLEKYNSLLEFFKNKKVIVAYSGGVDSTLISKIASDNAQTLAVTIDNGFFSENVIKKAENRA
KKYNIPQKTIKIDYLNEITSKDLENRCYNCKKRIAEELKRIKNELNYDIIVDGTIYDDIFEDRPGIKAFNESNIISPLSN
LKFSKNDVFELSNYLKIDIPKKDTCMATRILSAPISKENMAKSNLAEEFIKLNFHIESYLRVRYLENIAIIELTKNESEK
IFDNDSIERINTELKKIGFEKVVLDLNFKGS
;
_entity_poly.pdbx_strand_id   A,B,C,D,E,F,G
#
loop_
_chem_comp.id
_chem_comp.type
_chem_comp.name
_chem_comp.formula
AMP non-polymer 'ADENOSINE MONOPHOSPHATE' 'C10 H14 N5 O7 P'
CL non-polymer 'CHLORIDE ION' 'Cl -1'
SF4 non-polymer 'IRON/SULFUR CLUSTER' 'Fe4 S4'
#
# COMPACT_ATOMS: atom_id res chain seq x y z
N GLU A 16 26.98 50.63 43.11
CA GLU A 16 27.96 51.69 42.94
C GLU A 16 27.40 52.77 42.00
N LYS A 17 26.97 52.37 40.79
CA LYS A 17 26.31 53.30 39.88
C LYS A 17 24.86 53.52 40.30
N GLY A 18 24.35 54.71 40.02
CA GLY A 18 22.96 55.06 40.28
C GLY A 18 22.07 54.78 39.07
N LEU A 19 20.77 55.03 39.26
CA LEU A 19 19.79 54.73 38.20
C LEU A 19 19.96 55.61 36.97
N LEU A 20 20.19 56.91 37.15
CA LEU A 20 20.36 57.78 35.98
C LEU A 20 21.56 57.34 35.16
N GLU A 21 22.66 57.00 35.82
CA GLU A 21 23.82 56.50 35.11
C GLU A 21 23.50 55.19 34.41
N LYS A 22 22.72 54.34 35.07
CA LYS A 22 22.29 53.10 34.44
C LYS A 22 21.34 53.41 33.28
N TYR A 23 20.36 54.29 33.53
CA TYR A 23 19.40 54.63 32.50
C TYR A 23 20.10 55.21 31.29
N ASN A 24 21.01 56.17 31.52
CA ASN A 24 21.76 56.78 30.42
C ASN A 24 22.62 55.73 29.71
N SER A 25 23.21 54.81 30.49
CA SER A 25 24.00 53.75 29.89
C SER A 25 23.14 52.90 28.98
N LEU A 26 21.91 52.66 29.42
CA LEU A 26 20.95 51.88 28.63
C LEU A 26 20.63 52.57 27.31
N LEU A 27 20.39 53.89 27.34
CA LEU A 27 20.11 54.64 26.12
C LEU A 27 21.32 54.65 25.20
N GLU A 28 22.54 54.76 25.76
CA GLU A 28 23.71 54.71 24.90
C GLU A 28 23.82 53.38 24.17
N PHE A 29 23.42 52.29 24.83
CA PHE A 29 23.52 50.99 24.16
C PHE A 29 22.55 50.86 23.00
N PHE A 30 21.29 51.28 23.18
CA PHE A 30 20.30 51.14 22.13
C PHE A 30 20.47 52.12 20.97
N LYS A 31 21.41 53.07 21.08
CA LYS A 31 21.61 54.07 20.04
C LYS A 31 21.98 53.41 18.71
N ASN A 32 21.24 53.74 17.64
CA ASN A 32 21.55 53.30 16.26
C ASN A 32 21.61 51.77 16.12
N LYS A 33 20.80 51.07 16.91
CA LYS A 33 20.73 49.63 16.86
C LYS A 33 19.33 49.18 16.46
N LYS A 34 19.26 48.14 15.66
CA LYS A 34 18.00 47.52 15.29
C LYS A 34 17.72 46.42 16.32
N VAL A 35 16.82 46.69 17.25
CA VAL A 35 16.64 45.89 18.46
C VAL A 35 15.39 45.04 18.40
N ILE A 36 15.52 43.76 18.76
CA ILE A 36 14.37 42.88 19.00
C ILE A 36 14.32 42.50 20.47
N VAL A 37 13.18 42.77 21.08
CA VAL A 37 12.99 42.49 22.49
C VAL A 37 12.15 41.23 22.61
N ALA A 38 12.59 40.30 23.47
CA ALA A 38 11.78 39.13 23.76
C ALA A 38 10.75 39.59 24.77
N TYR A 39 9.64 40.08 24.25
CA TYR A 39 8.63 40.76 25.06
C TYR A 39 7.60 39.76 25.57
N SER A 40 7.32 39.82 26.88
CA SER A 40 6.36 38.90 27.48
C SER A 40 5.18 39.61 28.13
N GLY A 41 5.26 40.90 28.37
CA GLY A 41 4.24 41.60 29.10
C GLY A 41 4.57 41.81 30.56
N GLY A 42 5.57 41.10 31.08
CA GLY A 42 5.97 41.27 32.46
C GLY A 42 6.62 42.61 32.63
N VAL A 43 6.83 42.98 33.90
CA VAL A 43 7.42 44.28 34.23
C VAL A 43 8.80 44.44 33.60
N ASP A 44 9.67 43.44 33.77
CA ASP A 44 11.00 43.48 33.20
C ASP A 44 10.99 43.66 31.69
N SER A 45 10.33 42.75 30.98
CA SER A 45 10.38 42.80 29.51
C SER A 45 9.72 44.07 29.00
N THR A 46 8.62 44.51 29.62
CA THR A 46 7.92 45.68 29.09
C THR A 46 8.78 46.93 29.26
N LEU A 47 9.43 47.08 30.42
CA LEU A 47 10.30 48.23 30.64
C LEU A 47 11.39 48.28 29.58
N ILE A 48 12.11 47.18 29.35
CA ILE A 48 13.13 47.25 28.32
C ILE A 48 12.52 47.43 26.94
N SER A 49 11.30 46.93 26.71
CA SER A 49 10.67 47.16 25.41
C SER A 49 10.38 48.63 25.19
N LYS A 50 9.86 49.31 26.22
CA LYS A 50 9.55 50.73 26.08
C LYS A 50 10.83 51.56 25.87
N ILE A 51 11.85 51.38 26.72
CA ILE A 51 13.08 52.14 26.52
C ILE A 51 13.69 51.84 25.16
N ALA A 52 13.57 50.61 24.68
CA ALA A 52 14.13 50.37 23.36
C ALA A 52 13.30 51.07 22.28
N SER A 53 11.97 51.08 22.41
CA SER A 53 11.13 51.70 21.38
C SER A 53 11.41 53.18 21.22
N ASP A 54 11.64 53.91 22.32
CA ASP A 54 11.78 55.36 22.24
C ASP A 54 13.12 55.83 21.71
N ASN A 55 14.16 54.99 21.77
CA ASN A 55 15.48 55.40 21.32
C ASN A 55 15.99 54.64 20.10
N ALA A 56 15.33 53.56 19.69
CA ALA A 56 15.81 52.78 18.56
C ALA A 56 14.64 52.16 17.78
N GLN A 57 14.95 51.71 16.56
CA GLN A 57 14.05 50.91 15.74
C GLN A 57 13.94 49.54 16.40
N THR A 58 12.81 49.32 17.09
CA THR A 58 12.56 48.19 17.99
C THR A 58 11.31 47.38 17.61
N LEU A 59 11.37 46.06 17.85
CA LEU A 59 10.20 45.18 17.71
C LEU A 59 10.14 44.23 18.89
N ALA A 60 9.06 44.34 19.65
CA ALA A 60 8.77 43.42 20.74
C ALA A 60 8.09 42.17 20.19
N VAL A 61 8.75 41.04 20.32
CA VAL A 61 8.23 39.79 19.77
C VAL A 61 7.77 38.94 20.95
N THR A 62 6.54 38.45 20.85
CA THR A 62 5.95 37.56 21.83
C THR A 62 5.80 36.20 21.17
N ILE A 63 6.41 35.18 21.76
CA ILE A 63 6.33 33.82 21.26
C ILE A 63 5.26 33.11 22.07
N ASP A 64 4.12 32.81 21.42
CA ASP A 64 2.98 32.12 22.03
C ASP A 64 3.21 30.60 22.00
N ASN A 65 3.62 30.07 23.15
CA ASN A 65 3.95 28.67 23.34
C ASN A 65 2.76 27.77 23.53
N GLY A 66 1.63 28.34 23.90
CA GLY A 66 0.57 27.52 24.37
C GLY A 66 0.69 27.30 25.85
N PHE A 67 1.71 27.89 26.48
CA PHE A 67 1.88 27.82 27.92
C PHE A 67 1.23 28.99 28.66
N PHE A 68 0.73 30.03 27.97
CA PHE A 68 0.08 31.15 28.65
C PHE A 68 -1.34 31.32 28.13
N SER A 69 -2.25 31.73 29.02
CA SER A 69 -3.66 31.87 28.65
C SER A 69 -3.86 33.03 27.67
N GLU A 70 -4.96 32.94 26.93
CA GLU A 70 -5.28 33.98 25.96
C GLU A 70 -5.28 35.34 26.61
N ASN A 71 -5.83 35.44 27.83
CA ASN A 71 -5.86 36.71 28.55
C ASN A 71 -4.46 37.27 28.64
N VAL A 72 -3.49 36.41 28.96
CA VAL A 72 -2.12 36.86 29.16
C VAL A 72 -1.54 37.44 27.88
N ILE A 73 -1.71 36.73 26.76
CA ILE A 73 -1.18 37.24 25.49
C ILE A 73 -1.88 38.53 25.10
N LYS A 74 -3.20 38.59 25.24
CA LYS A 74 -3.91 39.83 24.96
C LYS A 74 -3.39 40.96 25.83
N LYS A 75 -3.20 40.69 27.13
CA LYS A 75 -2.65 41.71 28.01
C LYS A 75 -1.31 42.19 27.49
N ALA A 76 -0.44 41.27 27.04
CA ALA A 76 0.85 41.71 26.53
C ALA A 76 0.71 42.55 25.28
N GLU A 77 -0.21 42.14 24.38
CA GLU A 77 -0.40 42.88 23.14
C GLU A 77 -0.90 44.29 23.43
N ASN A 78 -1.88 44.41 24.31
CA ASN A 78 -2.47 45.70 24.66
C ASN A 78 -1.45 46.63 25.30
N ARG A 79 -0.66 46.11 26.23
CA ARG A 79 0.33 46.94 26.88
C ARG A 79 1.26 47.55 25.84
N ALA A 80 1.64 46.75 24.85
CA ALA A 80 2.49 47.27 23.79
C ALA A 80 1.78 48.36 23.00
N LYS A 81 0.50 48.15 22.65
CA LYS A 81 -0.24 49.16 21.90
C LYS A 81 -0.48 50.39 22.76
N LYS A 82 -0.63 50.20 24.07
CA LYS A 82 -0.80 51.33 24.99
C LYS A 82 0.46 52.18 25.10
N TYR A 83 1.62 51.55 25.26
CA TYR A 83 2.90 52.26 25.37
C TYR A 83 3.56 52.53 24.00
N ASN A 84 2.84 52.33 22.89
CA ASN A 84 3.38 52.59 21.54
C ASN A 84 4.65 51.78 21.29
N ILE A 85 4.63 50.53 21.74
CA ILE A 85 5.68 49.56 21.47
C ILE A 85 5.29 48.74 20.25
N PRO A 86 6.10 48.74 19.19
CA PRO A 86 5.77 47.92 18.01
C PRO A 86 5.91 46.45 18.37
N GLN A 87 4.82 45.71 18.22
CA GLN A 87 4.79 44.36 18.73
C GLN A 87 4.11 43.37 17.78
N LYS A 88 4.71 42.20 17.69
CA LYS A 88 4.19 41.06 16.94
C LYS A 88 4.20 39.82 17.83
N THR A 89 3.14 39.03 17.72
CA THR A 89 2.96 37.76 18.43
C THR A 89 2.99 36.59 17.45
N ILE A 90 3.73 35.54 17.80
CA ILE A 90 3.87 34.38 16.94
C ILE A 90 3.34 33.18 17.69
N LYS A 91 2.15 32.68 17.32
CA LYS A 91 1.63 31.45 17.91
C LYS A 91 2.44 30.32 17.33
N ILE A 92 2.92 29.43 18.16
CA ILE A 92 3.77 28.35 17.69
C ILE A 92 3.13 27.03 18.04
N ASP A 93 3.27 26.06 17.13
CA ASP A 93 2.85 24.71 17.44
C ASP A 93 4.01 24.08 18.19
N TYR A 94 4.06 24.33 19.50
CA TYR A 94 5.19 23.84 20.26
C TYR A 94 4.89 22.53 20.93
N LEU A 95 3.64 22.34 21.32
CA LEU A 95 3.25 21.12 22.01
C LEU A 95 3.20 19.95 21.04
N ASN A 96 4.18 19.08 21.12
CA ASN A 96 4.20 17.89 20.31
C ASN A 96 4.59 16.72 21.21
N GLU A 97 4.85 15.56 20.60
CA GLU A 97 5.06 14.35 21.39
C GLU A 97 6.41 14.34 22.08
N ILE A 98 7.46 14.81 21.41
CA ILE A 98 8.74 14.90 22.11
C ILE A 98 8.66 15.95 23.19
N THR A 99 7.95 17.05 22.92
CA THR A 99 7.92 18.14 23.88
C THR A 99 6.95 17.87 25.02
N SER A 100 5.91 17.07 24.79
CA SER A 100 4.98 16.76 25.88
C SER A 100 5.67 15.97 26.98
N LYS A 101 6.55 15.03 26.59
CA LYS A 101 7.35 14.27 27.53
C LYS A 101 8.51 15.14 27.98
N ASP A 102 9.60 14.51 28.40
CA ASP A 102 10.81 15.21 28.83
C ASP A 102 10.42 16.46 29.61
N LEU A 103 9.85 16.21 30.77
CA LEU A 103 9.43 17.29 31.65
C LEU A 103 10.61 17.83 32.41
N GLU A 104 11.69 17.04 32.55
CA GLU A 104 12.86 17.51 33.29
C GLU A 104 13.45 18.76 32.67
N ASN A 105 13.63 18.76 31.36
CA ASN A 105 14.17 19.92 30.68
C ASN A 105 13.13 20.86 30.06
N ARG A 106 11.85 20.83 30.49
CA ARG A 106 10.85 21.62 29.76
C ARG A 106 11.34 23.05 29.58
N CYS A 107 11.86 23.67 30.65
CA CYS A 107 12.24 25.06 30.54
C CYS A 107 13.32 25.26 29.50
N TYR A 108 14.30 24.37 29.48
CA TYR A 108 15.35 24.48 28.48
C TYR A 108 14.77 24.43 27.07
N ASN A 109 14.01 23.38 26.78
CA ASN A 109 13.36 23.27 25.47
C ASN A 109 12.47 24.46 25.19
N CYS A 110 11.75 24.91 26.20
CA CYS A 110 10.81 26.01 26.03
C CYS A 110 11.53 27.23 25.49
N LYS A 111 12.55 27.66 26.22
CA LYS A 111 13.32 28.85 25.91
C LYS A 111 14.26 28.60 24.73
N LYS A 112 14.73 27.37 24.55
CA LYS A 112 15.59 27.10 23.40
C LYS A 112 14.82 27.32 22.11
N ARG A 113 13.54 26.92 22.08
CA ARG A 113 12.64 27.14 20.93
C ARG A 113 12.31 28.60 20.74
N ILE A 114 11.96 29.29 21.83
CA ILE A 114 11.65 30.71 21.74
C ILE A 114 12.86 31.46 21.20
N ALA A 115 14.04 31.12 21.70
CA ALA A 115 15.26 31.74 21.20
C ALA A 115 15.43 31.52 19.71
N GLU A 116 15.11 30.32 19.24
CA GLU A 116 15.33 30.03 17.83
C GLU A 116 14.39 30.86 16.96
N GLU A 117 13.15 31.08 17.42
CA GLU A 117 12.22 31.91 16.67
C GLU A 117 12.64 33.35 16.68
N LEU A 118 13.13 33.84 17.83
CA LEU A 118 13.60 35.21 17.85
C LEU A 118 14.77 35.37 16.91
N LYS A 119 15.72 34.43 16.95
CA LYS A 119 16.85 34.50 16.03
C LYS A 119 16.36 34.49 14.57
N ARG A 120 15.32 33.72 14.28
CA ARG A 120 14.77 33.73 12.93
C ARG A 120 14.20 35.09 12.58
N ILE A 121 13.33 35.62 13.42
CA ILE A 121 12.76 36.94 13.14
C ILE A 121 13.88 37.95 12.93
N LYS A 122 14.91 37.89 13.79
CA LYS A 122 16.02 38.85 13.69
C LYS A 122 16.69 38.81 12.33
N ASN A 123 16.97 37.63 11.84
CA ASN A 123 17.72 37.59 10.59
C ASN A 123 16.85 37.79 9.34
N GLU A 124 15.57 37.40 9.34
CA GLU A 124 14.71 37.82 8.22
C GLU A 124 14.52 39.33 8.21
N LEU A 125 14.36 39.94 9.40
CA LEU A 125 14.27 41.39 9.51
C LEU A 125 15.63 42.09 9.32
N ASN A 126 16.72 41.33 9.50
CA ASN A 126 18.09 41.84 9.41
C ASN A 126 18.39 42.87 10.48
N TYR A 127 17.73 42.73 11.62
CA TYR A 127 18.05 43.52 12.80
C TYR A 127 19.39 43.09 13.37
N ASP A 128 19.92 43.90 14.30
CA ASP A 128 21.28 43.70 14.79
C ASP A 128 21.37 42.78 16.01
N ILE A 129 20.56 43.03 17.04
CA ILE A 129 20.66 42.34 18.32
C ILE A 129 19.27 41.86 18.77
N ILE A 130 19.27 40.94 19.74
CA ILE A 130 18.06 40.48 20.42
C ILE A 130 18.27 40.71 21.90
N VAL A 131 17.32 41.35 22.58
CA VAL A 131 17.49 41.54 24.02
C VAL A 131 16.30 40.94 24.75
N ASP A 132 16.51 40.61 26.02
CA ASP A 132 15.52 40.04 26.91
C ASP A 132 15.57 40.78 28.24
N GLY A 133 14.45 40.74 28.98
CA GLY A 133 14.40 41.42 30.26
C GLY A 133 14.96 40.66 31.45
N THR A 134 16.18 40.15 31.33
CA THR A 134 16.83 39.46 32.45
C THR A 134 17.48 40.54 33.28
N ILE A 135 17.16 40.60 34.57
CA ILE A 135 17.67 41.63 35.46
C ILE A 135 18.89 41.09 36.22
N TYR A 136 19.55 41.97 36.98
CA TYR A 136 20.76 41.59 37.72
C TYR A 136 20.44 40.52 38.76
N ASP A 137 19.27 40.64 39.40
CA ASP A 137 18.93 39.73 40.49
C ASP A 137 18.80 38.31 39.98
N ASP A 138 18.24 38.17 38.80
CA ASP A 138 17.99 36.89 38.17
C ASP A 138 19.28 36.10 37.95
N ILE A 139 20.46 36.72 38.00
CA ILE A 139 21.64 35.95 37.66
C ILE A 139 22.08 35.05 38.79
N PHE A 140 21.58 35.26 40.01
CA PHE A 140 21.97 34.42 41.14
C PHE A 140 20.92 33.34 41.43
N GLU A 141 20.13 32.97 40.43
CA GLU A 141 19.10 31.94 40.45
C GLU A 141 19.42 30.80 39.49
N ASP A 142 18.77 29.66 39.73
CA ASP A 142 18.86 28.55 38.80
C ASP A 142 17.76 28.87 37.81
N ARG A 143 18.10 29.62 36.76
CA ARG A 143 17.17 29.86 35.66
C ARG A 143 17.71 29.04 34.49
N PRO A 144 17.13 27.84 34.22
CA PRO A 144 17.65 26.99 33.13
C PRO A 144 17.34 27.50 31.74
N GLY A 145 16.30 28.29 31.56
CA GLY A 145 16.09 28.82 30.24
C GLY A 145 17.04 29.95 29.90
N ILE A 146 17.59 30.64 30.92
CA ILE A 146 18.69 31.60 30.68
C ILE A 146 19.91 30.82 30.20
N LYS A 147 20.04 29.55 30.62
CA LYS A 147 21.02 28.68 29.98
C LYS A 147 20.71 28.56 28.50
N ALA A 148 19.46 28.16 28.17
CA ALA A 148 19.06 28.04 26.76
C ALA A 148 19.12 29.37 26.01
N PHE A 149 18.67 30.47 26.64
CA PHE A 149 18.75 31.78 26.00
C PHE A 149 20.18 32.25 25.88
N ASN A 150 20.89 32.37 27.02
CA ASN A 150 22.25 32.87 26.95
C ASN A 150 23.20 31.76 26.32
N GLU A 151 22.59 30.68 25.81
CA GLU A 151 23.26 29.74 24.90
C GLU A 151 23.44 30.33 23.51
N SER A 152 22.37 30.83 22.91
CA SER A 152 22.50 31.62 21.70
C SER A 152 22.76 33.05 22.11
N ASN A 153 23.43 33.81 21.26
CA ASN A 153 23.66 35.20 21.58
C ASN A 153 22.33 35.84 21.93
N ILE A 154 22.25 36.42 23.12
CA ILE A 154 21.04 37.06 23.64
C ILE A 154 21.53 38.03 24.69
N ILE A 155 21.26 39.30 24.49
CA ILE A 155 21.79 40.33 25.36
C ILE A 155 20.82 40.58 26.50
N SER A 156 21.34 40.63 27.72
CA SER A 156 20.46 40.92 28.83
C SER A 156 20.83 42.29 29.40
N PRO A 157 20.38 43.41 28.82
CA PRO A 157 20.95 44.71 29.22
C PRO A 157 20.62 45.09 30.64
N LEU A 158 19.43 44.76 31.14
CA LEU A 158 19.19 45.09 32.54
C LEU A 158 20.17 44.35 33.45
N SER A 159 20.49 43.09 33.11
CA SER A 159 21.45 42.33 33.90
C SER A 159 22.85 42.91 33.77
N ASN A 160 23.26 43.32 32.57
CA ASN A 160 24.60 43.86 32.43
C ASN A 160 24.80 45.16 33.21
N LEU A 161 23.77 46.00 33.32
CA LEU A 161 23.90 47.29 34.01
C LEU A 161 23.48 47.25 35.47
N LYS A 162 23.43 46.06 36.08
CA LYS A 162 23.18 45.92 37.51
C LYS A 162 21.84 46.55 37.92
N PHE A 163 20.81 46.38 37.09
CA PHE A 163 19.46 46.80 37.43
C PHE A 163 18.87 45.85 38.49
N SER A 164 18.27 46.41 39.54
CA SER A 164 17.60 45.58 40.53
C SER A 164 16.11 45.50 40.27
N LYS A 165 15.41 44.69 41.06
CA LYS A 165 13.95 44.66 40.96
C LYS A 165 13.36 46.02 41.30
N ASN A 166 13.92 46.69 42.31
CA ASN A 166 13.47 48.04 42.64
C ASN A 166 13.91 49.04 41.59
N ASP A 167 15.12 48.89 41.04
CA ASP A 167 15.55 49.79 39.97
C ASP A 167 14.57 49.71 38.79
N VAL A 168 14.08 48.51 38.51
CA VAL A 168 13.12 48.32 37.42
C VAL A 168 11.76 48.91 37.79
N PHE A 169 11.25 48.58 38.97
CA PHE A 169 9.95 49.12 39.38
C PHE A 169 10.00 50.64 39.48
N GLU A 170 11.11 51.17 39.99
CA GLU A 170 11.23 52.62 40.17
C GLU A 170 11.24 53.35 38.82
N LEU A 171 12.09 52.91 37.90
CA LEU A 171 12.14 53.56 36.58
C LEU A 171 10.85 53.35 35.81
N SER A 172 10.13 52.26 36.07
CA SER A 172 8.82 52.09 35.45
C SER A 172 7.84 53.17 35.88
N ASN A 173 7.88 53.56 37.16
CA ASN A 173 7.01 54.65 37.59
C ASN A 173 7.35 55.96 36.91
N TYR A 174 8.64 56.30 36.81
CA TYR A 174 8.97 57.58 36.18
C TYR A 174 8.48 57.59 34.74
N LEU A 175 8.68 56.47 34.03
CA LEU A 175 8.23 56.31 32.65
C LEU A 175 6.75 56.02 32.51
N LYS A 176 5.99 55.97 33.60
CA LYS A 176 4.53 55.83 33.57
C LYS A 176 4.06 54.50 32.98
N ILE A 177 4.86 53.45 33.12
CA ILE A 177 4.44 52.08 32.78
C ILE A 177 3.80 51.43 34.00
N ASP A 178 2.53 51.06 33.86
CA ASP A 178 1.79 50.43 34.94
C ASP A 178 2.37 49.06 35.25
N ILE A 179 2.37 48.70 36.52
CA ILE A 179 2.89 47.41 36.96
C ILE A 179 1.73 46.42 36.94
N PRO A 180 1.69 45.49 36.00
CA PRO A 180 0.59 44.53 35.94
C PRO A 180 0.79 43.43 36.97
N LYS A 181 -0.25 42.62 37.15
CA LYS A 181 -0.10 41.53 38.09
C LYS A 181 0.50 40.36 37.33
N LYS A 182 1.45 39.66 37.94
CA LYS A 182 2.21 38.70 37.16
C LYS A 182 1.38 37.44 36.89
N ASP A 183 1.32 37.09 35.62
CA ASP A 183 0.82 35.81 35.14
C ASP A 183 2.00 34.89 34.88
N THR A 184 1.97 33.72 35.50
CA THR A 184 3.06 32.76 35.50
C THR A 184 2.71 31.52 34.67
N CYS A 185 3.72 30.97 33.98
CA CYS A 185 3.55 29.85 33.04
C CYS A 185 2.61 28.76 33.55
N MET A 186 1.70 28.32 32.69
CA MET A 186 0.78 27.25 33.10
C MET A 186 1.44 25.89 33.14
N ALA A 187 2.42 25.64 32.27
CA ALA A 187 3.05 24.31 32.21
C ALA A 187 3.70 23.91 33.55
N THR A 188 4.02 24.89 34.39
CA THR A 188 4.58 24.64 35.71
C THR A 188 3.61 23.95 36.64
N ARG A 189 2.30 24.03 36.35
CA ARG A 189 1.33 23.31 37.17
C ARG A 189 1.39 21.82 36.92
N ILE A 190 1.88 21.43 35.74
CA ILE A 190 1.98 20.03 35.32
C ILE A 190 3.19 19.40 36.00
N LEU A 191 2.96 18.52 36.98
CA LEU A 191 4.07 17.83 37.63
C LEU A 191 4.37 16.44 37.07
N SER A 192 3.54 15.91 36.17
CA SER A 192 3.81 14.62 35.58
C SER A 192 3.61 14.70 34.07
N ALA A 193 4.53 14.11 33.32
CA ALA A 193 4.37 14.06 31.86
C ALA A 193 3.01 13.44 31.54
N PRO A 194 2.38 13.90 30.48
CA PRO A 194 2.88 14.92 29.58
C PRO A 194 2.25 16.29 29.83
N ILE A 195 2.95 17.34 29.40
CA ILE A 195 2.39 18.67 29.45
C ILE A 195 1.42 18.77 28.29
N SER A 196 0.15 18.60 28.59
CA SER A 196 -0.92 18.62 27.61
C SER A 196 -1.65 19.96 27.64
N LYS A 197 -2.35 20.27 26.57
CA LYS A 197 -3.18 21.46 26.67
C LYS A 197 -4.30 21.26 27.68
N GLU A 198 -4.91 20.07 27.70
CA GLU A 198 -6.03 19.78 28.60
C GLU A 198 -5.61 19.78 30.07
N ASN A 199 -4.42 19.25 30.41
CA ASN A 199 -3.97 19.20 31.81
C ASN A 199 -3.79 20.60 32.39
N MET A 200 -3.13 21.48 31.63
CA MET A 200 -3.00 22.86 32.07
C MET A 200 -4.36 23.49 32.22
N ALA A 201 -5.30 23.14 31.34
CA ALA A 201 -6.66 23.61 31.52
C ALA A 201 -7.23 23.13 32.84
N LYS A 202 -6.98 21.86 33.16
CA LYS A 202 -7.53 21.29 34.37
C LYS A 202 -7.06 22.09 35.57
N SER A 203 -5.78 22.52 35.58
CA SER A 203 -5.33 23.35 36.70
C SER A 203 -5.90 24.74 36.64
N ASN A 204 -5.88 25.37 35.46
CA ASN A 204 -6.33 26.74 35.38
C ASN A 204 -7.77 26.89 35.80
N LEU A 205 -8.64 25.99 35.33
CA LEU A 205 -10.02 26.08 35.78
C LEU A 205 -10.08 25.93 37.29
N ALA A 206 -9.35 24.96 37.83
CA ALA A 206 -9.37 24.75 39.26
C ALA A 206 -8.92 26.01 39.98
N GLU A 207 -7.88 26.66 39.46
CA GLU A 207 -7.35 27.84 40.11
C GLU A 207 -8.35 28.98 40.07
N GLU A 208 -8.94 29.25 38.91
CA GLU A 208 -9.93 30.31 38.81
C GLU A 208 -11.15 30.03 39.69
N PHE A 209 -11.58 28.76 39.79
CA PHE A 209 -12.73 28.46 40.63
C PHE A 209 -12.44 28.74 42.09
N ILE A 210 -11.31 28.27 42.60
CA ILE A 210 -10.95 28.49 44.00
C ILE A 210 -10.74 29.97 44.27
N LYS A 211 -10.04 30.65 43.35
CA LYS A 211 -9.73 32.06 43.53
C LYS A 211 -10.98 32.93 43.55
N LEU A 212 -12.03 32.54 42.82
CA LEU A 212 -13.26 33.32 42.72
C LEU A 212 -14.27 33.05 43.82
N ASN A 213 -14.49 31.78 44.15
CA ASN A 213 -15.51 31.44 45.14
C ASN A 213 -15.02 31.62 46.57
N PHE A 214 -13.72 31.60 46.80
CA PHE A 214 -13.20 31.72 48.14
C PHE A 214 -12.22 32.86 48.28
N HIS A 215 -12.02 33.65 47.23
CA HIS A 215 -11.27 34.89 47.35
C HIS A 215 -9.85 34.66 47.85
N ILE A 216 -9.11 33.82 47.14
CA ILE A 216 -7.69 33.63 47.47
C ILE A 216 -6.94 34.61 46.56
N GLU A 217 -6.79 35.85 47.02
CA GLU A 217 -6.03 36.81 46.23
C GLU A 217 -4.54 36.48 46.19
N SER A 218 -3.98 36.01 47.31
CA SER A 218 -2.56 35.73 47.41
C SER A 218 -2.22 34.41 46.69
N TYR A 219 -0.94 34.05 46.70
CA TYR A 219 -0.40 32.92 45.91
C TYR A 219 -1.29 31.69 46.00
N LEU A 220 -1.67 31.17 44.82
CA LEU A 220 -2.50 29.99 44.72
C LEU A 220 -2.04 29.18 43.53
N ARG A 221 -2.00 27.87 43.70
CA ARG A 221 -1.59 26.94 42.66
C ARG A 221 -2.41 25.68 42.75
N VAL A 222 -2.80 25.14 41.60
CA VAL A 222 -3.39 23.80 41.57
C VAL A 222 -2.49 22.94 40.69
N ARG A 223 -1.61 22.15 41.31
CA ARG A 223 -0.71 21.32 40.53
C ARG A 223 -1.49 20.14 39.97
N TYR A 224 -1.01 19.64 38.82
CA TYR A 224 -1.52 18.40 38.19
C TYR A 224 -0.46 17.31 38.39
N LEU A 225 -0.78 16.30 39.21
CA LEU A 225 0.11 15.15 39.42
C LEU A 225 -0.68 13.87 39.17
N GLU A 226 -0.55 13.32 37.96
CA GLU A 226 -1.24 12.10 37.57
C GLU A 226 -2.72 12.22 37.89
N ASN A 227 -3.30 13.30 37.41
CA ASN A 227 -4.71 13.60 37.58
C ASN A 227 -5.09 13.80 39.03
N ILE A 228 -4.15 14.12 39.90
CA ILE A 228 -4.44 14.58 41.25
C ILE A 228 -4.16 16.07 41.30
N ALA A 229 -5.09 16.84 41.86
CA ALA A 229 -4.90 18.27 42.01
C ALA A 229 -4.24 18.52 43.36
N ILE A 230 -3.12 19.20 43.38
CA ILE A 230 -2.48 19.58 44.62
C ILE A 230 -2.61 21.08 44.77
N ILE A 231 -3.39 21.51 45.76
CA ILE A 231 -3.62 22.92 46.02
C ILE A 231 -2.49 23.49 46.87
N GLU A 232 -1.89 24.56 46.37
CA GLU A 232 -0.88 25.31 47.10
C GLU A 232 -1.41 26.70 47.44
N LEU A 233 -1.29 27.11 48.70
CA LEU A 233 -1.75 28.42 49.15
C LEU A 233 -0.81 29.00 50.20
N THR A 234 -1.01 30.27 50.52
CA THR A 234 -0.21 31.03 51.48
C THR A 234 -0.75 30.92 52.89
N LYS A 235 0.15 31.16 53.85
CA LYS A 235 -0.19 31.00 55.27
C LYS A 235 -1.34 31.91 55.69
N ASN A 236 -1.32 33.19 55.28
CA ASN A 236 -2.45 34.01 55.73
C ASN A 236 -3.75 33.74 54.98
N GLU A 237 -3.71 33.23 53.76
CA GLU A 237 -4.96 32.96 53.05
C GLU A 237 -5.71 31.76 53.64
N SER A 238 -4.98 30.89 54.36
CA SER A 238 -5.44 29.57 54.80
C SER A 238 -6.85 29.47 55.37
N GLU A 239 -7.21 30.32 56.32
CA GLU A 239 -8.51 30.15 56.95
C GLU A 239 -9.65 30.27 55.95
N LYS A 240 -9.40 30.90 54.79
CA LYS A 240 -10.46 31.13 53.81
C LYS A 240 -11.04 29.83 53.25
N ILE A 241 -10.39 28.69 53.44
CA ILE A 241 -10.95 27.43 52.94
C ILE A 241 -10.99 26.38 54.05
N PHE A 242 -10.89 26.80 55.32
CA PHE A 242 -10.82 25.81 56.39
C PHE A 242 -12.18 25.24 56.81
N ASP A 243 -13.32 25.86 56.52
CA ASP A 243 -14.56 25.20 56.90
C ASP A 243 -14.89 24.06 55.91
N ASN A 244 -15.57 23.03 56.44
CA ASN A 244 -15.89 21.82 55.68
C ASN A 244 -16.86 22.05 54.51
N ASP A 245 -17.73 23.08 54.57
CA ASP A 245 -18.54 23.34 53.39
C ASP A 245 -17.69 23.92 52.26
N SER A 246 -16.67 24.70 52.58
CA SER A 246 -15.78 25.17 51.52
C SER A 246 -14.96 24.03 50.96
N ILE A 247 -14.50 23.13 51.82
CA ILE A 247 -13.69 22.02 51.35
C ILE A 247 -14.52 21.09 50.48
N GLU A 248 -15.74 20.77 50.92
CA GLU A 248 -16.59 19.87 50.14
C GLU A 248 -16.89 20.44 48.77
N ARG A 249 -17.12 21.74 48.67
CA ARG A 249 -17.38 22.38 47.39
C ARG A 249 -16.16 22.29 46.47
N ILE A 250 -14.94 22.49 47.01
CA ILE A 250 -13.73 22.46 46.19
C ILE A 250 -13.45 21.05 45.68
N ASN A 251 -13.48 20.07 46.59
CA ASN A 251 -13.24 18.69 46.19
C ASN A 251 -14.23 18.23 45.14
N THR A 252 -15.49 18.63 45.29
CA THR A 252 -16.52 18.19 44.35
C THR A 252 -16.34 18.84 43.00
N GLU A 253 -16.10 20.16 42.98
CA GLU A 253 -15.90 20.89 41.73
C GLU A 253 -14.60 20.49 41.04
N LEU A 254 -13.50 20.34 41.78
CA LEU A 254 -12.28 19.98 41.10
C LEU A 254 -12.36 18.56 40.55
N LYS A 255 -13.11 17.67 41.21
CA LYS A 255 -13.29 16.35 40.60
C LYS A 255 -14.19 16.42 39.39
N LYS A 256 -15.12 17.38 39.36
CA LYS A 256 -15.98 17.53 38.20
C LYS A 256 -15.13 17.93 36.99
N ILE A 257 -14.05 18.69 37.23
CA ILE A 257 -13.08 19.01 36.20
C ILE A 257 -12.31 17.79 35.74
N GLY A 258 -12.37 16.70 36.51
CA GLY A 258 -11.74 15.44 36.13
C GLY A 258 -10.48 15.04 36.86
N PHE A 259 -10.11 15.75 37.92
CA PHE A 259 -9.06 15.26 38.82
C PHE A 259 -9.59 14.02 39.55
N GLU A 260 -8.73 12.99 39.75
CA GLU A 260 -9.19 11.82 40.49
C GLU A 260 -9.37 12.11 41.97
N LYS A 261 -8.44 12.88 42.55
CA LYS A 261 -8.44 13.21 43.97
C LYS A 261 -8.04 14.67 44.12
N VAL A 262 -8.59 15.31 45.14
CA VAL A 262 -8.28 16.70 45.37
C VAL A 262 -7.57 16.75 46.70
N VAL A 263 -6.33 17.27 46.71
CA VAL A 263 -5.54 17.33 47.94
C VAL A 263 -4.95 18.71 48.15
N LEU A 264 -4.64 19.00 49.42
CA LEU A 264 -4.06 20.27 49.83
C LEU A 264 -2.64 20.07 50.37
N ASP A 265 -1.65 20.68 49.71
CA ASP A 265 -0.26 20.65 50.17
C ASP A 265 -0.15 21.43 51.47
N LEU A 266 0.21 20.72 52.57
CA LEU A 266 0.29 21.35 53.90
C LEU A 266 1.56 22.16 54.12
N ASN A 267 2.32 22.41 53.06
CA ASN A 267 3.50 23.27 53.10
C ASN A 267 3.05 24.64 52.57
N PHE A 268 2.53 25.46 53.48
CA PHE A 268 2.01 26.77 53.10
C PHE A 268 3.16 27.77 52.95
N LYS A 269 3.01 28.70 52.00
CA LYS A 269 4.08 29.64 51.71
C LYS A 269 4.19 30.73 52.78
N GLY A 270 5.39 30.85 53.36
CA GLY A 270 5.66 31.70 54.51
C GLY A 270 5.46 33.19 54.46
N LYS B 17 0.96 56.98 -0.30
CA LYS B 17 2.21 57.69 -0.04
C LYS B 17 3.23 56.75 0.55
N GLY B 18 2.99 56.32 1.79
CA GLY B 18 3.78 55.23 2.35
C GLY B 18 3.81 54.03 1.43
N LEU B 19 2.64 53.63 0.91
CA LEU B 19 2.55 52.46 0.03
C LEU B 19 3.28 52.67 -1.28
N LEU B 20 3.12 53.84 -1.89
CA LEU B 20 3.76 54.12 -3.17
C LEU B 20 5.29 54.09 -3.08
N GLU B 21 5.85 54.51 -1.94
CA GLU B 21 7.29 54.37 -1.76
C GLU B 21 7.70 52.91 -1.81
N LYS B 22 6.90 52.03 -1.21
CA LYS B 22 7.15 50.60 -1.32
C LYS B 22 6.95 50.16 -2.76
N TYR B 23 5.92 50.72 -3.42
CA TYR B 23 5.63 50.36 -4.78
C TYR B 23 6.82 50.66 -5.68
N ASN B 24 7.47 51.81 -5.48
CA ASN B 24 8.63 52.17 -6.28
C ASN B 24 9.78 51.16 -6.11
N SER B 25 10.02 50.73 -4.87
CA SER B 25 11.20 49.91 -4.62
C SER B 25 11.16 48.61 -5.40
N LEU B 26 9.98 47.99 -5.50
CA LEU B 26 9.88 46.74 -6.24
C LEU B 26 10.25 46.95 -7.71
N LEU B 27 9.74 48.03 -8.33
CA LEU B 27 10.02 48.26 -9.75
C LEU B 27 11.50 48.42 -9.99
N GLU B 28 12.19 49.10 -9.09
CA GLU B 28 13.63 49.19 -9.23
C GLU B 28 14.30 47.85 -8.97
N PHE B 29 13.73 47.04 -8.06
CA PHE B 29 14.35 45.75 -7.79
C PHE B 29 14.30 44.84 -9.01
N PHE B 30 13.18 44.83 -9.71
CA PHE B 30 12.99 44.00 -10.90
C PHE B 30 13.67 44.54 -12.17
N LYS B 31 14.25 45.74 -12.16
CA LYS B 31 14.87 46.26 -13.38
C LYS B 31 16.02 45.37 -13.86
N ASN B 32 15.96 44.94 -15.13
CA ASN B 32 17.02 44.14 -15.79
C ASN B 32 17.33 42.84 -15.08
N LYS B 33 16.35 42.25 -14.42
CA LYS B 33 16.53 40.97 -13.74
C LYS B 33 15.66 39.94 -14.45
N LYS B 34 16.17 38.72 -14.56
CA LYS B 34 15.40 37.61 -15.10
C LYS B 34 14.70 36.90 -13.93
N VAL B 35 13.40 37.16 -13.74
CA VAL B 35 12.66 36.79 -12.54
C VAL B 35 11.71 35.64 -12.81
N ILE B 36 11.78 34.63 -11.94
CA ILE B 36 10.83 33.54 -11.93
C ILE B 36 10.03 33.65 -10.64
N VAL B 37 8.70 33.69 -10.78
CA VAL B 37 7.79 33.89 -9.66
C VAL B 37 7.15 32.56 -9.30
N ALA B 38 7.13 32.25 -8.01
CA ALA B 38 6.41 31.08 -7.53
C ALA B 38 4.95 31.49 -7.55
N TYR B 39 4.32 31.31 -8.71
CA TYR B 39 2.98 31.82 -8.98
C TYR B 39 1.88 30.81 -8.67
N SER B 40 0.88 31.24 -7.87
CA SER B 40 -0.21 30.35 -7.45
C SER B 40 -1.62 30.78 -7.83
N GLY B 41 -1.84 32.02 -8.22
CA GLY B 41 -3.16 32.53 -8.44
C GLY B 41 -3.69 33.39 -7.32
N GLY B 42 -3.06 33.33 -6.13
CA GLY B 42 -3.48 34.10 -4.97
C GLY B 42 -3.18 35.59 -5.14
N VAL B 43 -3.77 36.38 -4.25
CA VAL B 43 -3.57 37.82 -4.37
C VAL B 43 -2.10 38.17 -4.24
N ASP B 44 -1.45 37.64 -3.20
CA ASP B 44 -0.03 37.85 -2.97
C ASP B 44 0.76 37.46 -4.22
N SER B 45 0.49 36.25 -4.69
CA SER B 45 1.21 35.65 -5.80
C SER B 45 1.06 36.49 -7.08
N THR B 46 -0.15 36.97 -7.35
CA THR B 46 -0.41 37.72 -8.59
C THR B 46 0.19 39.13 -8.54
N LEU B 47 0.11 39.79 -7.38
CA LEU B 47 0.64 41.15 -7.27
C LEU B 47 2.12 41.16 -7.57
N ILE B 48 2.90 40.29 -6.93
CA ILE B 48 4.33 40.27 -7.18
C ILE B 48 4.62 39.84 -8.62
N SER B 49 3.78 38.97 -9.19
CA SER B 49 3.96 38.54 -10.58
C SER B 49 3.67 39.66 -11.57
N LYS B 50 2.57 40.38 -11.37
CA LYS B 50 2.21 41.44 -12.31
C LYS B 50 3.28 42.52 -12.35
N ILE B 51 3.64 43.05 -11.18
CA ILE B 51 4.65 44.12 -11.07
C ILE B 51 5.97 43.69 -11.73
N ALA B 52 6.33 42.41 -11.60
CA ALA B 52 7.56 41.97 -12.26
C ALA B 52 7.38 41.84 -13.77
N SER B 53 6.20 41.41 -14.24
CA SER B 53 6.00 41.28 -15.69
C SER B 53 6.12 42.61 -16.40
N ASP B 54 5.63 43.67 -15.76
CA ASP B 54 5.58 44.97 -16.38
C ASP B 54 6.96 45.60 -16.47
N ASN B 55 7.89 45.14 -15.63
CA ASN B 55 9.23 45.70 -15.54
C ASN B 55 10.36 44.75 -15.92
N ALA B 56 10.12 43.45 -16.00
CA ALA B 56 11.24 42.56 -16.25
C ALA B 56 10.78 41.32 -17.01
N GLN B 57 11.79 40.66 -17.60
CA GLN B 57 11.64 39.36 -18.22
C GLN B 57 11.31 38.36 -17.13
N THR B 58 10.02 38.02 -17.01
CA THR B 58 9.49 37.21 -15.92
C THR B 58 8.75 35.98 -16.44
N LEU B 59 8.77 34.93 -15.64
CA LEU B 59 7.98 33.73 -15.91
C LEU B 59 7.36 33.29 -14.60
N ALA B 60 6.03 33.35 -14.54
CA ALA B 60 5.30 32.89 -13.39
C ALA B 60 5.10 31.39 -13.56
N VAL B 61 5.68 30.60 -12.66
CA VAL B 61 5.65 29.16 -12.74
C VAL B 61 4.71 28.66 -11.67
N THR B 62 3.81 27.77 -12.06
CA THR B 62 2.86 27.12 -11.16
C THR B 62 3.19 25.64 -11.08
N ILE B 63 3.51 25.12 -9.90
CA ILE B 63 3.83 23.72 -9.72
C ILE B 63 2.59 23.01 -9.23
N ASP B 64 1.99 22.21 -10.09
CA ASP B 64 0.80 21.40 -9.80
C ASP B 64 1.24 20.10 -9.14
N ASN B 65 1.31 20.08 -7.79
CA ASN B 65 1.76 18.85 -7.14
C ASN B 65 0.62 17.90 -6.85
N GLY B 66 -0.61 18.27 -7.17
CA GLY B 66 -1.75 17.42 -6.91
C GLY B 66 -2.53 17.77 -5.67
N PHE B 67 -2.14 18.81 -5.00
CA PHE B 67 -2.88 19.30 -3.86
C PHE B 67 -3.94 20.34 -4.21
N PHE B 68 -4.04 20.73 -5.48
CA PHE B 68 -5.01 21.73 -5.91
C PHE B 68 -5.92 21.14 -6.97
N SER B 69 -7.20 21.53 -6.93
CA SER B 69 -8.17 21.07 -7.91
C SER B 69 -7.93 21.69 -9.28
N GLU B 70 -8.41 21.02 -10.32
CA GLU B 70 -8.23 21.51 -11.68
C GLU B 70 -8.76 22.93 -11.84
N ASN B 71 -9.90 23.22 -11.22
CA ASN B 71 -10.46 24.56 -11.31
C ASN B 71 -9.43 25.59 -10.89
N VAL B 72 -8.76 25.31 -9.78
CA VAL B 72 -7.83 26.29 -9.22
C VAL B 72 -6.65 26.52 -10.15
N ILE B 73 -6.10 25.46 -10.74
CA ILE B 73 -4.98 25.65 -11.66
C ILE B 73 -5.45 26.42 -12.89
N LYS B 74 -6.64 26.09 -13.40
CA LYS B 74 -7.19 26.85 -14.52
C LYS B 74 -7.36 28.32 -14.12
N LYS B 75 -7.94 28.58 -12.92
CA LYS B 75 -8.07 29.95 -12.46
C LYS B 75 -6.72 30.63 -12.42
N ALA B 76 -5.70 29.94 -11.92
CA ALA B 76 -4.37 30.55 -11.90
C ALA B 76 -3.86 30.81 -13.32
N GLU B 77 -4.09 29.87 -14.24
CA GLU B 77 -3.66 30.06 -15.61
C GLU B 77 -4.40 31.22 -16.26
N ASN B 78 -5.70 31.29 -16.05
CA ASN B 78 -6.48 32.37 -16.64
C ASN B 78 -6.07 33.74 -16.10
N ARG B 79 -5.90 33.85 -14.79
CA ARG B 79 -5.49 35.14 -14.25
C ARG B 79 -4.17 35.57 -14.85
N ALA B 80 -3.23 34.63 -15.01
CA ALA B 80 -1.92 34.99 -15.55
C ALA B 80 -2.04 35.57 -16.94
N LYS B 81 -2.82 34.92 -17.81
CA LYS B 81 -3.01 35.39 -19.16
C LYS B 81 -3.84 36.67 -19.20
N LYS B 82 -4.76 36.83 -18.24
CA LYS B 82 -5.62 38.01 -18.21
C LYS B 82 -4.81 39.26 -17.99
N TYR B 83 -3.85 39.20 -17.07
CA TYR B 83 -2.92 40.28 -16.81
C TYR B 83 -1.67 40.25 -17.70
N ASN B 84 -1.66 39.43 -18.76
CA ASN B 84 -0.50 39.36 -19.67
C ASN B 84 0.79 39.01 -18.93
N ILE B 85 0.65 38.14 -17.93
CA ILE B 85 1.76 37.53 -17.20
C ILE B 85 2.18 36.21 -17.82
N PRO B 86 3.44 36.08 -18.20
CA PRO B 86 3.96 34.83 -18.79
C PRO B 86 3.95 33.72 -17.75
N GLN B 87 3.23 32.63 -18.05
CA GLN B 87 3.00 31.57 -17.07
C GLN B 87 3.14 30.17 -17.70
N LYS B 88 3.77 29.27 -16.93
CA LYS B 88 3.91 27.85 -17.24
C LYS B 88 3.50 27.04 -16.00
N THR B 89 2.79 25.93 -16.22
CA THR B 89 2.40 25.01 -15.15
C THR B 89 3.16 23.69 -15.28
N ILE B 90 3.68 23.22 -14.17
CA ILE B 90 4.48 22.00 -14.16
C ILE B 90 3.81 21.01 -13.21
N LYS B 91 3.15 20.01 -13.79
CA LYS B 91 2.53 18.92 -13.05
C LYS B 91 3.61 17.94 -12.66
N ILE B 92 3.71 17.63 -11.38
CA ILE B 92 4.73 16.74 -10.88
C ILE B 92 4.04 15.59 -10.16
N ASP B 93 4.63 14.40 -10.26
CA ASP B 93 4.07 13.26 -9.57
C ASP B 93 4.68 13.28 -8.17
N TYR B 94 4.10 14.12 -7.30
CA TYR B 94 4.64 14.27 -5.96
C TYR B 94 3.91 13.41 -4.97
N LEU B 95 2.67 13.09 -5.22
CA LEU B 95 2.01 12.48 -4.10
C LEU B 95 2.41 11.04 -3.87
N ASN B 96 3.27 10.43 -4.68
CA ASN B 96 3.58 9.00 -4.46
C ASN B 96 4.47 8.74 -3.25
N GLU B 97 4.49 9.62 -2.26
CA GLU B 97 5.47 9.54 -1.20
C GLU B 97 5.22 8.54 -0.10
N ILE B 98 6.31 8.49 0.68
CA ILE B 98 6.32 7.95 2.01
C ILE B 98 5.39 8.83 2.80
N THR B 99 5.45 10.12 2.45
CA THR B 99 4.72 11.25 3.00
C THR B 99 3.55 11.59 2.12
N SER B 100 2.85 10.57 1.70
CA SER B 100 1.42 10.56 1.97
C SER B 100 1.20 10.55 3.48
N LYS B 101 2.06 9.85 4.25
CA LYS B 101 1.93 9.76 5.72
C LYS B 101 2.50 10.94 6.53
N ASP B 102 3.58 11.57 6.11
CA ASP B 102 4.01 12.69 6.94
C ASP B 102 2.97 13.81 6.97
N LEU B 103 2.14 13.91 8.01
CA LEU B 103 1.38 15.15 8.15
C LEU B 103 2.06 16.30 8.86
N GLU B 104 2.92 16.14 9.87
CA GLU B 104 3.46 17.37 10.43
C GLU B 104 4.29 18.15 9.41
N ASN B 105 5.12 17.47 8.66
CA ASN B 105 5.94 18.23 7.73
C ASN B 105 5.33 18.36 6.34
N ARG B 106 4.04 18.03 6.19
CA ARG B 106 3.43 17.99 4.88
C ARG B 106 3.75 19.27 4.12
N CYS B 107 3.49 20.41 4.76
CA CYS B 107 3.73 21.71 4.13
C CYS B 107 5.21 21.93 3.86
N TYR B 108 6.07 21.57 4.80
CA TYR B 108 7.50 21.68 4.53
C TYR B 108 7.89 20.81 3.33
N ASN B 109 7.54 19.53 3.37
CA ASN B 109 7.85 18.67 2.23
C ASN B 109 7.24 19.19 0.96
N CYS B 110 6.06 19.78 1.02
CA CYS B 110 5.42 20.33 -0.17
C CYS B 110 6.29 21.38 -0.83
N LYS B 111 6.56 22.47 -0.10
CA LYS B 111 7.31 23.57 -0.67
C LYS B 111 8.75 23.17 -0.95
N LYS B 112 9.33 22.27 -0.16
CA LYS B 112 10.71 21.91 -0.48
C LYS B 112 10.80 21.28 -1.87
N ARG B 113 9.86 20.43 -2.22
CA ARG B 113 9.85 19.85 -3.56
C ARG B 113 9.53 20.90 -4.61
N ILE B 114 8.59 21.80 -4.33
CA ILE B 114 8.29 22.86 -5.29
C ILE B 114 9.53 23.73 -5.50
N ALA B 115 10.16 24.16 -4.40
CA ALA B 115 11.35 25.00 -4.49
C ALA B 115 12.41 24.31 -5.34
N GLU B 116 12.50 22.99 -5.20
CA GLU B 116 13.41 22.24 -6.04
C GLU B 116 13.05 22.44 -7.51
N GLU B 117 11.77 22.54 -7.82
CA GLU B 117 11.37 22.68 -9.21
C GLU B 117 11.62 24.10 -9.73
N LEU B 118 11.29 25.11 -8.93
CA LEU B 118 11.59 26.47 -9.36
C LEU B 118 13.08 26.64 -9.56
N LYS B 119 13.86 26.09 -8.65
CA LYS B 119 15.31 26.15 -8.76
C LYS B 119 15.76 25.51 -10.06
N ARG B 120 15.09 24.44 -10.48
CA ARG B 120 15.45 23.81 -11.74
C ARG B 120 15.12 24.72 -12.90
N ILE B 121 13.87 25.20 -12.96
CA ILE B 121 13.44 26.10 -14.05
C ILE B 121 14.34 27.34 -14.13
N LYS B 122 14.69 27.92 -12.98
CA LYS B 122 15.55 29.10 -13.02
C LYS B 122 16.86 28.80 -13.74
N ASN B 123 17.51 27.69 -13.40
CA ASN B 123 18.81 27.43 -14.00
C ASN B 123 18.76 26.90 -15.42
N GLU B 124 17.72 26.17 -15.80
CA GLU B 124 17.66 25.78 -17.19
C GLU B 124 17.44 27.00 -18.08
N LEU B 125 16.58 27.92 -17.64
CA LEU B 125 16.34 29.18 -18.36
C LEU B 125 17.48 30.19 -18.19
N ASN B 126 18.35 30.03 -17.19
CA ASN B 126 19.43 30.95 -16.86
C ASN B 126 18.93 32.27 -16.31
N TYR B 127 17.73 32.29 -15.75
CA TYR B 127 17.24 33.48 -15.08
C TYR B 127 18.08 33.77 -13.84
N ASP B 128 17.90 34.98 -13.28
CA ASP B 128 18.70 35.49 -12.15
C ASP B 128 18.13 35.15 -10.76
N ILE B 129 16.84 35.44 -10.50
CA ILE B 129 16.28 35.28 -9.15
C ILE B 129 14.95 34.54 -9.18
N ILE B 130 14.54 34.02 -8.02
CA ILE B 130 13.22 33.43 -7.84
C ILE B 130 12.54 34.13 -6.67
N VAL B 131 11.33 34.62 -6.91
CA VAL B 131 10.60 35.34 -5.88
C VAL B 131 9.33 34.58 -5.58
N ASP B 132 8.85 34.79 -4.36
CA ASP B 132 7.61 34.18 -3.90
C ASP B 132 6.80 35.27 -3.25
N GLY B 133 5.49 35.05 -3.21
CA GLY B 133 4.66 36.11 -2.67
C GLY B 133 4.48 36.14 -1.17
N THR B 134 5.59 36.04 -0.44
CA THR B 134 5.47 36.12 1.00
C THR B 134 5.46 37.57 1.41
N ILE B 135 4.44 37.92 2.18
CA ILE B 135 4.28 39.25 2.64
C ILE B 135 4.86 39.33 4.04
N TYR B 136 5.02 40.56 4.56
CA TYR B 136 5.66 40.76 5.85
C TYR B 136 4.88 40.12 7.00
N ASP B 137 3.54 40.17 6.93
CA ASP B 137 2.73 39.59 8.00
C ASP B 137 2.95 38.09 8.10
N ASP B 138 3.27 37.43 6.99
CA ASP B 138 3.55 36.00 6.98
C ASP B 138 4.77 35.61 7.81
N ILE B 139 5.63 36.53 8.18
CA ILE B 139 6.80 36.10 8.92
C ILE B 139 6.50 35.89 10.41
N PHE B 140 5.38 36.42 10.92
CA PHE B 140 5.03 36.29 12.33
C PHE B 140 4.00 35.18 12.57
N GLU B 141 3.95 34.20 11.68
CA GLU B 141 3.14 33.02 11.89
C GLU B 141 4.04 31.79 11.78
N ASP B 142 3.54 30.66 12.30
CA ASP B 142 4.31 29.43 12.22
C ASP B 142 3.98 28.78 10.88
N ARG B 143 4.66 29.22 9.83
CA ARG B 143 4.42 28.62 8.52
C ARG B 143 5.66 27.89 8.00
N PRO B 144 5.69 26.55 8.10
CA PRO B 144 6.86 25.79 7.63
C PRO B 144 7.00 25.77 6.13
N GLY B 145 5.93 25.93 5.36
CA GLY B 145 6.12 25.92 3.93
C GLY B 145 7.01 27.06 3.49
N ILE B 146 6.97 28.19 4.22
CA ILE B 146 7.95 29.24 3.99
C ILE B 146 9.36 28.85 4.43
N LYS B 147 9.50 27.97 5.43
CA LYS B 147 10.85 27.55 5.79
C LYS B 147 11.56 26.87 4.62
N ALA B 148 10.89 25.93 3.94
CA ALA B 148 11.56 25.26 2.83
C ALA B 148 12.03 26.25 1.77
N PHE B 149 11.22 27.27 1.50
CA PHE B 149 11.53 28.26 0.48
C PHE B 149 12.74 29.09 0.87
N ASN B 150 12.73 29.64 2.10
CA ASN B 150 13.86 30.42 2.58
C ASN B 150 15.11 29.56 2.76
N GLU B 151 14.98 28.23 2.66
CA GLU B 151 16.12 27.34 2.54
C GLU B 151 16.68 27.35 1.12
N SER B 152 15.84 27.31 0.09
CA SER B 152 16.35 27.39 -1.28
C SER B 152 16.56 28.81 -1.78
N ASN B 153 17.03 29.71 -0.93
CA ASN B 153 17.26 31.11 -1.26
C ASN B 153 16.24 31.65 -2.27
N ILE B 154 14.98 31.76 -1.83
CA ILE B 154 13.93 32.37 -2.64
C ILE B 154 13.61 33.72 -2.02
N ILE B 155 13.69 34.78 -2.80
CA ILE B 155 13.55 36.11 -2.25
C ILE B 155 12.08 36.44 -2.07
N SER B 156 11.74 36.94 -0.90
CA SER B 156 10.35 37.26 -0.65
C SER B 156 10.26 38.80 -0.62
N PRO B 157 10.16 39.46 -1.78
CA PRO B 157 10.30 40.93 -1.79
C PRO B 157 9.18 41.66 -1.08
N LEU B 158 7.95 41.15 -1.13
CA LEU B 158 6.86 41.82 -0.44
C LEU B 158 7.15 41.91 1.04
N SER B 159 7.66 40.82 1.61
CA SER B 159 8.00 40.82 3.03
C SER B 159 9.22 41.69 3.29
N ASN B 160 10.21 41.68 2.38
CA ASN B 160 11.38 42.52 2.61
C ASN B 160 11.00 43.99 2.67
N LEU B 161 9.99 44.40 1.91
CA LEU B 161 9.60 45.80 1.93
C LEU B 161 8.45 46.05 2.87
N LYS B 162 8.18 45.09 3.77
CA LYS B 162 7.21 45.23 4.86
C LYS B 162 5.79 45.50 4.34
N PHE B 163 5.40 44.77 3.29
CA PHE B 163 4.02 44.84 2.80
C PHE B 163 3.09 44.20 3.81
N SER B 164 2.00 44.89 4.14
CA SER B 164 1.00 44.28 5.00
C SER B 164 -0.09 43.64 4.14
N LYS B 165 -1.07 43.02 4.79
CA LYS B 165 -2.19 42.48 4.05
C LYS B 165 -2.97 43.58 3.35
N ASN B 166 -3.25 44.68 4.06
CA ASN B 166 -3.96 45.79 3.40
C ASN B 166 -3.08 46.44 2.37
N ASP B 167 -1.77 46.48 2.62
CA ASP B 167 -0.84 47.00 1.62
C ASP B 167 -0.95 46.19 0.34
N VAL B 168 -1.12 44.88 0.47
CA VAL B 168 -1.28 44.08 -0.74
C VAL B 168 -2.63 44.35 -1.35
N PHE B 169 -3.68 44.38 -0.55
CA PHE B 169 -5.02 44.55 -1.10
C PHE B 169 -5.17 45.91 -1.82
N GLU B 170 -4.73 47.00 -1.17
CA GLU B 170 -4.91 48.33 -1.76
C GLU B 170 -4.09 48.52 -3.03
N LEU B 171 -2.82 48.11 -3.02
CA LEU B 171 -2.01 48.26 -4.22
C LEU B 171 -2.60 47.43 -5.37
N SER B 172 -3.23 46.30 -5.07
CA SER B 172 -3.91 45.51 -6.09
C SER B 172 -5.08 46.27 -6.71
N ASN B 173 -5.85 47.00 -5.89
CA ASN B 173 -6.93 47.83 -6.43
C ASN B 173 -6.40 48.95 -7.28
N TYR B 174 -5.29 49.56 -6.88
CA TYR B 174 -4.70 50.60 -7.70
C TYR B 174 -4.22 50.04 -9.03
N LEU B 175 -3.58 48.88 -9.04
CA LEU B 175 -3.17 48.30 -10.31
C LEU B 175 -4.30 47.61 -11.08
N LYS B 176 -5.53 47.60 -10.54
CA LYS B 176 -6.72 47.00 -11.18
C LYS B 176 -6.60 45.46 -11.33
N ILE B 177 -5.93 44.84 -10.36
CA ILE B 177 -5.88 43.38 -10.21
C ILE B 177 -7.08 42.94 -9.38
N ASP B 178 -7.96 42.15 -9.99
CA ASP B 178 -9.16 41.67 -9.31
C ASP B 178 -8.80 40.71 -8.19
N ILE B 179 -9.58 40.76 -7.12
CA ILE B 179 -9.33 39.96 -5.93
C ILE B 179 -10.14 38.67 -6.06
N PRO B 180 -9.52 37.53 -6.28
CA PRO B 180 -10.25 36.25 -6.34
C PRO B 180 -10.49 35.57 -4.99
N LYS B 181 -11.29 34.52 -5.03
CA LYS B 181 -11.54 33.66 -3.86
C LYS B 181 -10.24 32.95 -3.44
N LYS B 182 -10.19 32.51 -2.17
CA LYS B 182 -8.96 31.96 -1.61
C LYS B 182 -8.62 30.59 -2.21
N ASP B 183 -9.55 29.63 -2.17
CA ASP B 183 -9.37 28.27 -2.73
C ASP B 183 -8.12 27.61 -2.15
N THR B 184 -8.03 27.55 -0.82
CA THR B 184 -6.79 27.04 -0.26
C THR B 184 -6.55 25.57 -0.65
N CYS B 185 -5.32 25.12 -0.42
CA CYS B 185 -4.84 23.78 -0.71
C CYS B 185 -5.82 22.70 -0.30
N MET B 186 -5.95 21.68 -1.11
CA MET B 186 -6.96 20.71 -0.76
C MET B 186 -6.50 19.77 0.36
N ALA B 187 -5.21 19.46 0.39
CA ALA B 187 -4.66 18.55 1.38
C ALA B 187 -4.87 19.04 2.80
N THR B 188 -5.12 20.34 2.99
CA THR B 188 -5.34 20.82 4.33
C THR B 188 -6.61 20.24 4.92
N ARG B 189 -7.51 19.70 4.07
CA ARG B 189 -8.71 19.00 4.56
C ARG B 189 -8.40 17.62 5.15
N ILE B 190 -7.32 16.97 4.70
CA ILE B 190 -6.92 15.66 5.20
C ILE B 190 -6.27 15.88 6.55
N LEU B 191 -6.94 15.45 7.60
CA LEU B 191 -6.48 15.57 8.98
C LEU B 191 -5.85 14.29 9.52
N SER B 192 -5.90 13.20 8.78
CA SER B 192 -5.33 11.95 9.23
C SER B 192 -4.58 11.33 8.08
N ALA B 193 -3.39 10.79 8.35
CA ALA B 193 -2.66 10.10 7.31
C ALA B 193 -3.53 9.00 6.67
N PRO B 194 -3.34 8.75 5.39
CA PRO B 194 -2.38 9.42 4.51
C PRO B 194 -3.09 10.43 3.60
N ILE B 195 -2.34 11.40 3.06
CA ILE B 195 -2.88 12.34 2.08
C ILE B 195 -2.95 11.58 0.77
N SER B 196 -4.15 11.18 0.43
CA SER B 196 -4.39 10.43 -0.77
C SER B 196 -5.05 11.29 -1.82
N LYS B 197 -4.88 10.90 -3.08
CA LYS B 197 -5.69 11.56 -4.10
C LYS B 197 -7.16 11.29 -3.85
N GLU B 198 -7.50 10.07 -3.42
CA GLU B 198 -8.89 9.67 -3.23
C GLU B 198 -9.52 10.43 -2.07
N ASN B 199 -8.76 10.67 -0.98
CA ASN B 199 -9.27 11.42 0.17
C ASN B 199 -9.53 12.88 -0.14
N MET B 200 -8.59 13.53 -0.83
CA MET B 200 -8.84 14.91 -1.17
C MET B 200 -10.08 15.02 -2.03
N ALA B 201 -10.31 14.02 -2.91
CA ALA B 201 -11.53 13.96 -3.71
C ALA B 201 -12.77 13.80 -2.83
N LYS B 202 -12.68 12.97 -1.79
CA LYS B 202 -13.81 12.75 -0.91
C LYS B 202 -14.27 14.08 -0.32
N SER B 203 -13.34 14.96 0.03
CA SER B 203 -13.72 16.28 0.53
C SER B 203 -14.20 17.20 -0.58
N ASN B 204 -13.48 17.24 -1.70
CA ASN B 204 -13.85 18.25 -2.67
C ASN B 204 -15.26 17.99 -3.18
N LEU B 205 -15.60 16.72 -3.46
CA LEU B 205 -16.96 16.43 -3.86
C LEU B 205 -17.91 16.86 -2.78
N ALA B 206 -17.58 16.54 -1.54
CA ALA B 206 -18.46 16.87 -0.43
C ALA B 206 -18.66 18.38 -0.35
N GLU B 207 -17.57 19.12 -0.53
CA GLU B 207 -17.66 20.57 -0.49
C GLU B 207 -18.48 21.07 -1.67
N GLU B 208 -18.15 20.60 -2.88
CA GLU B 208 -18.87 21.09 -4.06
C GLU B 208 -20.35 20.81 -3.96
N PHE B 209 -20.72 19.63 -3.44
CA PHE B 209 -22.13 19.30 -3.29
C PHE B 209 -22.82 20.23 -2.31
N ILE B 210 -22.24 20.41 -1.12
CA ILE B 210 -22.83 21.30 -0.13
C ILE B 210 -22.86 22.72 -0.64
N LYS B 211 -21.78 23.14 -1.29
CA LYS B 211 -21.72 24.52 -1.77
C LYS B 211 -22.75 24.78 -2.86
N LEU B 212 -23.03 23.78 -3.70
CA LEU B 212 -23.94 23.94 -4.83
C LEU B 212 -25.39 23.74 -4.44
N ASN B 213 -25.68 22.71 -3.66
CA ASN B 213 -27.06 22.42 -3.34
C ASN B 213 -27.62 23.30 -2.24
N PHE B 214 -26.78 23.89 -1.40
CA PHE B 214 -27.28 24.68 -0.30
C PHE B 214 -26.78 26.11 -0.32
N HIS B 215 -26.03 26.51 -1.35
CA HIS B 215 -25.63 27.90 -1.52
C HIS B 215 -24.83 28.39 -0.33
N ILE B 216 -23.75 27.66 -0.03
CA ILE B 216 -22.81 28.11 0.98
C ILE B 216 -21.73 28.84 0.19
N GLU B 217 -21.96 30.13 -0.04
CA GLU B 217 -20.92 30.88 -0.76
C GLU B 217 -19.69 31.11 0.10
N SER B 218 -19.84 31.34 1.40
CA SER B 218 -18.72 31.71 2.27
C SER B 218 -17.82 30.52 2.62
N TYR B 219 -16.96 30.71 3.64
CA TYR B 219 -15.97 29.73 4.11
C TYR B 219 -16.61 28.38 4.37
N LEU B 220 -16.14 27.35 3.69
CA LEU B 220 -16.69 26.01 3.82
C LEU B 220 -15.61 24.94 3.68
N ARG B 221 -15.64 23.96 4.57
CA ARG B 221 -14.64 22.90 4.56
C ARG B 221 -15.26 21.58 4.91
N VAL B 222 -14.81 20.52 4.24
CA VAL B 222 -15.16 19.17 4.63
C VAL B 222 -13.86 18.43 4.98
N ARG B 223 -13.52 18.34 6.26
CA ARG B 223 -12.28 17.68 6.65
C ARG B 223 -12.42 16.17 6.55
N TYR B 224 -11.29 15.50 6.31
CA TYR B 224 -11.21 14.04 6.31
C TYR B 224 -10.49 13.60 7.58
N LEU B 225 -11.20 12.90 8.46
CA LEU B 225 -10.63 12.37 9.70
C LEU B 225 -10.96 10.88 9.81
N GLU B 226 -10.01 10.04 9.37
CA GLU B 226 -10.21 8.59 9.39
C GLU B 226 -11.56 8.26 8.78
N ASN B 227 -11.80 8.79 7.59
CA ASN B 227 -13.04 8.63 6.86
C ASN B 227 -14.27 9.24 7.54
N ILE B 228 -14.13 10.14 8.48
CA ILE B 228 -15.28 10.88 8.99
C ILE B 228 -15.24 12.28 8.37
N ALA B 229 -16.38 12.74 7.86
CA ALA B 229 -16.47 14.06 7.27
C ALA B 229 -16.86 15.08 8.35
N ILE B 230 -16.01 16.09 8.56
CA ILE B 230 -16.27 17.16 9.51
C ILE B 230 -16.51 18.44 8.72
N ILE B 231 -17.76 18.92 8.77
CA ILE B 231 -18.20 20.11 8.05
C ILE B 231 -18.01 21.36 8.91
N GLU B 232 -17.29 22.35 8.35
CA GLU B 232 -17.01 23.65 8.95
C GLU B 232 -17.71 24.80 8.21
N LEU B 233 -18.32 25.71 8.96
CA LEU B 233 -19.16 26.76 8.37
C LEU B 233 -18.91 28.15 8.96
N THR B 234 -19.51 29.13 8.29
CA THR B 234 -19.49 30.50 8.72
C THR B 234 -20.62 30.70 9.68
N LYS B 235 -20.47 31.70 10.55
CA LYS B 235 -21.50 31.95 11.55
C LYS B 235 -22.79 32.31 10.83
N ASN B 236 -22.71 33.19 9.84
CA ASN B 236 -23.92 33.65 9.19
C ASN B 236 -24.48 32.68 8.16
N GLU B 237 -23.65 31.85 7.54
CA GLU B 237 -24.15 30.89 6.54
C GLU B 237 -24.99 29.77 7.16
N SER B 238 -24.84 29.56 8.47
CA SER B 238 -25.42 28.43 9.19
C SER B 238 -26.88 28.14 8.85
N GLU B 239 -27.71 29.19 8.83
CA GLU B 239 -29.14 28.98 8.59
C GLU B 239 -29.42 28.24 7.31
N LYS B 240 -28.49 28.26 6.36
CA LYS B 240 -28.75 27.59 5.10
C LYS B 240 -28.80 26.08 5.24
N ILE B 241 -28.35 25.51 6.36
CA ILE B 241 -28.37 24.06 6.50
C ILE B 241 -29.10 23.61 7.76
N PHE B 242 -29.89 24.48 8.34
CA PHE B 242 -30.49 24.13 9.62
C PHE B 242 -31.76 23.28 9.52
N ASP B 243 -32.45 23.19 8.38
CA ASP B 243 -33.62 22.31 8.39
C ASP B 243 -33.20 20.85 8.20
N ASN B 244 -34.00 19.95 8.78
CA ASN B 244 -33.68 18.53 8.77
C ASN B 244 -33.62 17.94 7.38
N ASP B 245 -34.41 18.46 6.42
CA ASP B 245 -34.34 17.89 5.08
C ASP B 245 -33.02 18.24 4.42
N SER B 246 -32.46 19.41 4.73
CA SER B 246 -31.12 19.69 4.21
C SER B 246 -30.07 18.82 4.88
N ILE B 247 -30.24 18.60 6.18
CA ILE B 247 -29.25 17.79 6.87
C ILE B 247 -29.30 16.34 6.39
N GLU B 248 -30.51 15.79 6.21
CA GLU B 248 -30.62 14.41 5.76
C GLU B 248 -30.00 14.22 4.38
N ARG B 249 -30.18 15.20 3.48
CA ARG B 249 -29.57 15.13 2.16
C ARG B 249 -28.05 15.13 2.28
N ILE B 250 -27.51 15.98 3.15
CA ILE B 250 -26.07 16.08 3.29
C ILE B 250 -25.49 14.78 3.81
N ASN B 251 -26.05 14.28 4.91
CA ASN B 251 -25.53 13.05 5.50
C ASN B 251 -25.54 11.91 4.49
N THR B 252 -26.59 11.84 3.66
CA THR B 252 -26.74 10.73 2.72
C THR B 252 -25.73 10.83 1.58
N GLU B 253 -25.60 12.01 0.98
CA GLU B 253 -24.69 12.15 -0.14
C GLU B 253 -23.25 11.98 0.31
N LEU B 254 -22.89 12.59 1.44
CA LEU B 254 -21.51 12.45 1.90
C LEU B 254 -21.20 11.01 2.24
N LYS B 255 -22.16 10.26 2.77
CA LYS B 255 -21.90 8.84 2.96
C LYS B 255 -21.86 8.12 1.63
N LYS B 256 -22.58 8.63 0.62
CA LYS B 256 -22.50 7.97 -0.68
C LYS B 256 -21.12 8.13 -1.30
N ILE B 257 -20.47 9.27 -1.05
CA ILE B 257 -19.11 9.46 -1.56
C ILE B 257 -18.11 8.52 -0.94
N GLY B 258 -18.47 7.97 0.24
CA GLY B 258 -17.68 7.02 1.00
C GLY B 258 -17.27 7.40 2.40
N PHE B 259 -17.78 8.51 2.92
CA PHE B 259 -17.55 8.85 4.33
C PHE B 259 -18.34 7.93 5.26
N GLU B 260 -17.72 7.44 6.34
CA GLU B 260 -18.46 6.59 7.29
C GLU B 260 -19.38 7.39 8.21
N LYS B 261 -19.04 8.63 8.52
CA LYS B 261 -19.84 9.47 9.40
C LYS B 261 -19.85 10.88 8.82
N VAL B 262 -20.97 11.58 8.96
CA VAL B 262 -21.02 12.98 8.57
C VAL B 262 -21.36 13.80 9.79
N VAL B 263 -20.46 14.72 10.16
CA VAL B 263 -20.65 15.54 11.34
C VAL B 263 -20.44 17.02 11.02
N LEU B 264 -21.07 17.87 11.83
CA LEU B 264 -20.94 19.30 11.68
C LEU B 264 -20.21 19.88 12.88
N ASP B 265 -19.03 20.45 12.63
CA ASP B 265 -18.26 21.09 13.69
C ASP B 265 -19.01 22.28 14.22
N LEU B 266 -19.38 22.23 15.50
CA LEU B 266 -20.14 23.30 16.13
C LEU B 266 -19.30 24.50 16.50
N ASN B 267 -18.08 24.58 16.02
CA ASN B 267 -17.25 25.79 16.16
C ASN B 267 -17.31 26.57 14.84
N PHE B 268 -18.26 27.49 14.73
CA PHE B 268 -18.47 28.26 13.50
C PHE B 268 -17.52 29.45 13.37
N LYS B 269 -17.12 29.78 12.11
CA LYS B 269 -16.19 30.88 11.87
C LYS B 269 -16.82 32.26 12.02
N GLY B 270 -16.25 33.05 12.92
CA GLY B 270 -16.72 34.40 13.27
C GLY B 270 -16.64 35.43 12.14
N MET C 15 6.64 28.24 -39.12
CA MET C 15 7.90 28.98 -39.08
C MET C 15 9.08 28.51 -40.02
N GLU C 16 9.43 29.34 -41.03
CA GLU C 16 10.60 29.06 -41.88
C GLU C 16 11.87 29.82 -41.46
N LYS C 17 11.91 31.16 -41.59
CA LYS C 17 13.10 31.85 -41.09
C LYS C 17 13.25 31.56 -39.63
N GLY C 18 14.35 31.97 -39.05
CA GLY C 18 14.42 31.77 -37.62
C GLY C 18 14.53 30.30 -37.33
N LEU C 19 13.76 29.46 -38.03
CA LEU C 19 14.01 28.03 -37.98
C LEU C 19 15.34 27.76 -38.65
N LEU C 20 15.53 28.35 -39.83
CA LEU C 20 16.84 28.25 -40.48
C LEU C 20 17.89 28.98 -39.65
N GLU C 21 17.54 30.15 -39.11
CA GLU C 21 18.45 30.89 -38.24
C GLU C 21 18.81 30.07 -37.00
N LYS C 22 17.86 29.33 -36.45
CA LYS C 22 18.20 28.43 -35.36
C LYS C 22 19.05 27.28 -35.87
N TYR C 23 18.70 26.72 -37.02
CA TYR C 23 19.48 25.62 -37.56
C TYR C 23 20.91 26.08 -37.77
N ASN C 24 21.11 27.28 -38.32
CA ASN C 24 22.47 27.78 -38.52
C ASN C 24 23.17 27.98 -37.19
N SER C 25 22.47 28.52 -36.18
CA SER C 25 23.11 28.70 -34.89
C SER C 25 23.58 27.36 -34.35
N LEU C 26 22.80 26.34 -34.62
CA LEU C 26 23.10 24.97 -34.21
C LEU C 26 24.40 24.50 -34.87
N LEU C 27 24.56 24.77 -36.17
CA LEU C 27 25.78 24.41 -36.87
C LEU C 27 26.96 25.16 -36.32
N GLU C 28 26.74 26.42 -35.95
CA GLU C 28 27.82 27.24 -35.40
C GLU C 28 28.33 26.70 -34.09
N PHE C 29 27.43 26.14 -33.28
CA PHE C 29 27.82 25.59 -31.99
C PHE C 29 28.71 24.36 -32.17
N PHE C 30 28.33 23.45 -33.08
CA PHE C 30 29.11 22.23 -33.30
C PHE C 30 30.39 22.47 -34.05
N LYS C 31 30.66 23.68 -34.52
CA LYS C 31 31.90 23.96 -35.25
C LYS C 31 33.10 23.69 -34.37
N ASN C 32 34.00 22.84 -34.86
CA ASN C 32 35.25 22.47 -34.20
C ASN C 32 35.02 21.86 -32.82
N LYS C 33 33.94 21.15 -32.66
CA LYS C 33 33.69 20.46 -31.42
C LYS C 33 33.63 18.97 -31.71
N LYS C 34 34.18 18.19 -30.79
CA LYS C 34 34.11 16.73 -30.83
C LYS C 34 32.87 16.32 -30.04
N VAL C 35 31.80 15.91 -30.74
CA VAL C 35 30.46 15.80 -30.16
C VAL C 35 30.05 14.34 -29.93
N ILE C 36 29.51 14.05 -28.74
CA ILE C 36 28.89 12.77 -28.45
C ILE C 36 27.40 13.02 -28.26
N VAL C 37 26.59 12.37 -29.07
CA VAL C 37 25.15 12.54 -29.04
C VAL C 37 24.53 11.33 -28.39
N ALA C 38 23.58 11.57 -27.49
CA ALA C 38 22.83 10.47 -26.90
C ALA C 38 21.76 10.06 -27.90
N TYR C 39 22.11 9.16 -28.81
CA TYR C 39 21.23 8.79 -29.92
C TYR C 39 20.35 7.60 -29.62
N SER C 40 19.03 7.75 -29.86
CA SER C 40 18.04 6.70 -29.64
C SER C 40 17.27 6.29 -30.89
N GLY C 41 17.34 7.10 -31.97
CA GLY C 41 16.54 6.86 -33.15
C GLY C 41 15.31 7.72 -33.26
N GLY C 42 14.88 8.41 -32.18
CA GLY C 42 13.69 9.26 -32.20
C GLY C 42 13.86 10.51 -33.06
N VAL C 43 12.76 11.23 -33.28
CA VAL C 43 12.86 12.45 -34.10
C VAL C 43 13.85 13.43 -33.48
N ASP C 44 13.70 13.70 -32.18
CA ASP C 44 14.59 14.64 -31.48
C ASP C 44 16.05 14.25 -31.65
N SER C 45 16.41 13.05 -31.18
CA SER C 45 17.80 12.59 -31.18
C SER C 45 18.36 12.45 -32.58
N THR C 46 17.57 11.99 -33.54
CA THR C 46 18.11 11.87 -34.88
C THR C 46 18.37 13.24 -35.48
N LEU C 47 17.46 14.20 -35.25
CA LEU C 47 17.65 15.54 -35.79
C LEU C 47 18.93 16.17 -35.29
N ILE C 48 19.13 16.20 -33.97
CA ILE C 48 20.34 16.82 -33.44
C ILE C 48 21.61 16.05 -33.83
N SER C 49 21.51 14.73 -34.03
CA SER C 49 22.69 14.01 -34.53
C SER C 49 23.06 14.44 -35.94
N LYS C 50 22.08 14.50 -36.85
CA LYS C 50 22.38 14.84 -38.23
C LYS C 50 22.99 16.24 -38.30
N ILE C 51 22.42 17.19 -37.56
CA ILE C 51 22.96 18.55 -37.55
C ILE C 51 24.41 18.56 -37.08
N ALA C 52 24.73 17.75 -36.07
CA ALA C 52 26.14 17.69 -35.66
C ALA C 52 27.00 16.98 -36.69
N SER C 53 26.42 15.99 -37.40
CA SER C 53 27.16 15.22 -38.38
C SER C 53 27.74 16.09 -39.48
N ASP C 54 27.01 17.11 -39.90
CA ASP C 54 27.41 17.82 -41.10
C ASP C 54 28.59 18.75 -40.88
N ASN C 55 28.81 19.21 -39.64
CA ASN C 55 29.90 20.13 -39.36
C ASN C 55 30.92 19.68 -38.35
N ALA C 56 30.70 18.58 -37.65
CA ALA C 56 31.60 18.27 -36.57
C ALA C 56 31.86 16.79 -36.51
N GLN C 57 32.94 16.48 -35.82
CA GLN C 57 33.28 15.11 -35.47
C GLN C 57 32.28 14.63 -34.43
N THR C 58 31.29 13.88 -34.91
CA THR C 58 30.16 13.47 -34.10
C THR C 58 30.03 11.95 -34.07
N LEU C 59 29.63 11.44 -32.91
CA LEU C 59 29.36 10.02 -32.70
C LEU C 59 28.04 9.87 -31.96
N ALA C 60 27.07 9.27 -32.63
CA ALA C 60 25.78 8.97 -32.03
C ALA C 60 25.94 7.68 -31.26
N VAL C 61 25.79 7.74 -29.94
CA VAL C 61 26.01 6.58 -29.07
C VAL C 61 24.66 6.08 -28.58
N THR C 62 24.41 4.81 -28.78
CA THR C 62 23.19 4.19 -28.31
C THR C 62 23.56 3.23 -27.21
N ILE C 63 23.04 3.46 -26.02
CA ILE C 63 23.31 2.59 -24.89
C ILE C 63 22.16 1.60 -24.82
N ASP C 64 22.42 0.36 -25.21
CA ASP C 64 21.39 -0.68 -25.13
C ASP C 64 21.40 -1.29 -23.74
N ASN C 65 20.59 -0.75 -22.83
CA ASN C 65 20.53 -1.28 -21.48
C ASN C 65 19.57 -2.45 -21.36
N GLY C 66 18.93 -2.85 -22.44
CA GLY C 66 18.06 -3.99 -22.37
C GLY C 66 16.60 -3.64 -22.19
N PHE C 67 16.26 -2.35 -22.25
CA PHE C 67 14.88 -1.88 -22.22
C PHE C 67 14.22 -1.73 -23.58
N PHE C 68 14.97 -1.88 -24.68
CA PHE C 68 14.50 -1.60 -26.03
C PHE C 68 14.51 -2.85 -26.91
N SER C 69 13.55 -2.95 -27.83
CA SER C 69 13.44 -4.13 -28.67
C SER C 69 14.65 -4.32 -29.60
N GLU C 70 14.90 -5.57 -29.98
CA GLU C 70 15.89 -5.79 -31.03
C GLU C 70 15.49 -5.04 -32.29
N ASN C 71 14.19 -5.05 -32.60
CA ASN C 71 13.68 -4.28 -33.73
C ASN C 71 14.12 -2.84 -33.60
N VAL C 72 13.90 -2.28 -32.40
CA VAL C 72 14.21 -0.88 -32.16
C VAL C 72 15.69 -0.61 -32.30
N ILE C 73 16.55 -1.46 -31.73
CA ILE C 73 17.98 -1.23 -31.88
C ILE C 73 18.39 -1.33 -33.33
N LYS C 74 17.85 -2.33 -34.04
CA LYS C 74 18.16 -2.43 -35.45
C LYS C 74 17.69 -1.20 -36.20
N LYS C 75 16.46 -0.74 -35.96
CA LYS C 75 15.97 0.45 -36.68
C LYS C 75 16.86 1.67 -36.43
N ALA C 76 17.24 1.92 -35.17
CA ALA C 76 18.08 3.10 -34.89
C ALA C 76 19.44 2.98 -35.57
N GLU C 77 20.00 1.78 -35.59
CA GLU C 77 21.26 1.58 -36.27
C GLU C 77 21.11 1.87 -37.76
N ASN C 78 20.00 1.43 -38.36
CA ASN C 78 19.74 1.68 -39.79
C ASN C 78 19.57 3.16 -40.09
N ARG C 79 18.75 3.86 -39.30
CA ARG C 79 18.53 5.27 -39.55
C ARG C 79 19.85 6.01 -39.51
N ALA C 80 20.70 5.67 -38.55
CA ALA C 80 22.02 6.26 -38.47
C ALA C 80 22.84 5.91 -39.70
N LYS C 81 22.78 4.63 -40.13
CA LYS C 81 23.51 4.23 -41.34
C LYS C 81 22.90 4.85 -42.58
N LYS C 82 21.58 5.10 -42.57
CA LYS C 82 20.93 5.74 -43.72
C LYS C 82 21.33 7.20 -43.92
N TYR C 83 21.29 7.98 -42.85
CA TYR C 83 21.66 9.39 -42.88
C TYR C 83 23.15 9.63 -42.69
N ASN C 84 23.97 8.58 -42.81
CA ASN C 84 25.42 8.73 -42.75
C ASN C 84 25.84 9.38 -41.45
N ILE C 85 25.15 9.01 -40.38
CA ILE C 85 25.48 9.40 -39.02
C ILE C 85 26.38 8.36 -38.36
N PRO C 86 27.53 8.75 -37.82
CA PRO C 86 28.41 7.78 -37.14
C PRO C 86 27.77 7.22 -35.86
N GLN C 87 27.62 5.90 -35.78
CA GLN C 87 26.90 5.31 -34.65
C GLN C 87 27.50 4.01 -34.14
N LYS C 88 27.57 3.87 -32.80
CA LYS C 88 27.99 2.66 -32.11
C LYS C 88 26.93 2.33 -31.05
N THR C 89 26.62 1.05 -30.88
CA THR C 89 25.69 0.60 -29.84
C THR C 89 26.47 -0.16 -28.79
N ILE C 90 26.15 0.11 -27.53
CA ILE C 90 26.82 -0.51 -26.39
C ILE C 90 25.78 -1.20 -25.53
N LYS C 91 25.81 -2.54 -25.52
CA LYS C 91 24.95 -3.38 -24.68
C LYS C 91 25.44 -3.35 -23.22
N ILE C 92 24.54 -3.15 -22.26
CA ILE C 92 24.86 -2.92 -20.86
C ILE C 92 24.15 -3.92 -19.97
N ASP C 93 24.83 -4.28 -18.87
CA ASP C 93 24.28 -5.17 -17.85
C ASP C 93 23.44 -4.41 -16.83
N TYR C 94 22.72 -3.39 -17.24
CA TYR C 94 22.04 -2.52 -16.28
C TYR C 94 20.91 -3.23 -15.59
N LEU C 95 20.30 -4.21 -16.26
CA LEU C 95 18.99 -4.65 -15.82
C LEU C 95 19.08 -5.33 -14.48
N ASN C 96 19.86 -6.42 -14.40
CA ASN C 96 19.82 -7.24 -13.20
C ASN C 96 20.50 -6.46 -12.10
N GLU C 97 19.74 -6.13 -11.05
CA GLU C 97 20.22 -5.27 -9.97
C GLU C 97 19.21 -5.29 -8.83
N ILE C 98 19.40 -4.32 -7.94
CA ILE C 98 18.36 -3.81 -7.05
C ILE C 98 17.39 -3.01 -7.91
N THR C 99 17.85 -2.59 -9.11
CA THR C 99 17.09 -1.69 -9.98
C THR C 99 15.90 -2.39 -10.56
N SER C 100 15.93 -3.72 -10.58
CA SER C 100 14.78 -4.47 -11.07
C SER C 100 13.58 -4.15 -10.19
N LYS C 101 13.84 -4.07 -8.90
CA LYS C 101 12.87 -3.82 -7.84
C LYS C 101 12.63 -2.34 -7.57
N ASP C 102 13.36 -1.45 -8.23
CA ASP C 102 13.13 -0.03 -8.02
C ASP C 102 12.37 0.50 -9.24
N LEU C 103 11.06 0.47 -9.12
CA LEU C 103 10.18 1.00 -10.14
C LEU C 103 9.89 2.49 -9.93
N GLU C 104 9.87 2.97 -8.68
CA GLU C 104 9.51 4.37 -8.42
C GLU C 104 10.50 5.36 -9.02
N ASN C 105 11.78 5.12 -8.85
CA ASN C 105 12.78 6.03 -9.39
C ASN C 105 13.30 5.59 -10.74
N ARG C 106 12.64 4.62 -11.37
CA ARG C 106 13.22 3.87 -12.49
C ARG C 106 13.82 4.76 -13.56
N CYS C 107 13.07 5.77 -14.01
CA CYS C 107 13.51 6.55 -15.17
C CYS C 107 14.80 7.30 -14.90
N TYR C 108 14.94 7.85 -13.70
CA TYR C 108 16.17 8.48 -13.25
C TYR C 108 17.33 7.48 -13.21
N ASN C 109 17.12 6.32 -12.57
CA ASN C 109 18.19 5.32 -12.57
C ASN C 109 18.60 4.98 -13.97
N CYS C 110 17.62 4.86 -14.88
CA CYS C 110 17.93 4.53 -16.27
C CYS C 110 18.89 5.54 -16.85
N LYS C 111 18.47 6.80 -16.87
CA LYS C 111 19.29 7.84 -17.47
C LYS C 111 20.56 8.06 -16.65
N LYS C 112 20.52 7.84 -15.32
CA LYS C 112 21.74 8.10 -14.56
C LYS C 112 22.89 7.21 -14.99
N ARG C 113 22.62 5.93 -15.22
CA ARG C 113 23.69 5.08 -15.74
C ARG C 113 24.02 5.46 -17.18
N ILE C 114 23.00 5.72 -18.00
CA ILE C 114 23.29 6.06 -19.39
C ILE C 114 24.21 7.27 -19.47
N ALA C 115 23.96 8.26 -18.62
CA ALA C 115 24.86 9.39 -18.53
C ALA C 115 26.27 8.93 -18.16
N GLU C 116 26.37 7.94 -17.25
CA GLU C 116 27.67 7.41 -16.81
C GLU C 116 28.40 6.74 -17.96
N GLU C 117 27.67 6.03 -18.82
CA GLU C 117 28.30 5.42 -19.99
C GLU C 117 28.71 6.46 -21.01
N LEU C 118 27.84 7.44 -21.29
CA LEU C 118 28.24 8.48 -22.23
C LEU C 118 29.43 9.27 -21.70
N LYS C 119 29.39 9.66 -20.41
CA LYS C 119 30.50 10.42 -19.83
C LYS C 119 31.79 9.64 -19.90
N ARG C 120 31.74 8.31 -19.76
CA ARG C 120 32.93 7.49 -19.96
C ARG C 120 33.41 7.56 -21.41
N ILE C 121 32.52 7.22 -22.36
CA ILE C 121 32.93 7.24 -23.77
C ILE C 121 33.45 8.62 -24.16
N LYS C 122 32.76 9.68 -23.74
CA LYS C 122 33.26 11.02 -24.03
C LYS C 122 34.69 11.18 -23.53
N ASN C 123 34.99 10.70 -22.33
CA ASN C 123 36.33 10.92 -21.83
C ASN C 123 37.31 9.92 -22.40
N GLU C 124 36.88 8.72 -22.75
CA GLU C 124 37.82 7.83 -23.42
C GLU C 124 38.22 8.40 -24.77
N LEU C 125 37.28 8.97 -25.51
CA LEU C 125 37.63 9.59 -26.79
C LEU C 125 38.31 10.96 -26.64
N ASN C 126 38.21 11.61 -25.48
CA ASN C 126 38.74 12.96 -25.23
C ASN C 126 38.02 13.98 -26.10
N TYR C 127 36.77 13.66 -26.41
CA TYR C 127 35.82 14.51 -27.07
C TYR C 127 35.50 15.70 -26.16
N ASP C 128 34.83 16.70 -26.73
CA ASP C 128 34.61 17.95 -26.02
C ASP C 128 33.27 18.00 -25.26
N ILE C 129 32.15 17.64 -25.91
CA ILE C 129 30.80 17.75 -25.33
C ILE C 129 29.95 16.50 -25.56
N ILE C 130 28.90 16.40 -24.74
CA ILE C 130 27.86 15.37 -24.87
C ILE C 130 26.53 16.11 -25.02
N VAL C 131 25.77 15.81 -26.08
CA VAL C 131 24.48 16.46 -26.29
C VAL C 131 23.37 15.44 -26.31
N ASP C 132 22.15 15.89 -25.99
CA ASP C 132 20.95 15.05 -26.04
C ASP C 132 19.83 15.78 -26.76
N GLY C 133 18.90 15.01 -27.30
CA GLY C 133 17.78 15.64 -27.98
C GLY C 133 16.64 16.08 -27.09
N THR C 134 16.95 16.78 -26.01
CA THR C 134 15.90 17.33 -25.17
C THR C 134 15.52 18.66 -25.78
N ILE C 135 14.23 18.84 -26.00
CA ILE C 135 13.71 20.07 -26.55
C ILE C 135 13.16 20.95 -25.43
N TYR C 136 12.88 22.21 -25.75
CA TYR C 136 12.46 23.22 -24.79
C TYR C 136 11.16 22.85 -24.12
N ASP C 137 10.28 22.16 -24.83
CA ASP C 137 9.00 21.81 -24.22
C ASP C 137 9.22 20.88 -23.03
N ASP C 138 10.17 19.96 -23.15
CA ASP C 138 10.46 18.97 -22.12
C ASP C 138 10.88 19.60 -20.81
N ILE C 139 11.23 20.87 -20.77
CA ILE C 139 11.69 21.42 -19.51
C ILE C 139 10.55 21.75 -18.55
N PHE C 140 9.31 21.93 -19.04
CA PHE C 140 8.17 22.28 -18.20
C PHE C 140 7.31 21.08 -17.87
N GLU C 141 7.90 19.91 -17.96
CA GLU C 141 7.20 18.72 -17.57
C GLU C 141 8.06 17.93 -16.58
N ASP C 142 7.44 16.96 -15.91
CA ASP C 142 8.13 16.12 -14.94
C ASP C 142 8.92 15.04 -15.63
N ARG C 143 10.18 15.30 -15.96
CA ARG C 143 11.00 14.22 -16.50
C ARG C 143 12.30 13.94 -15.76
N PRO C 144 12.39 12.82 -15.03
CA PRO C 144 13.57 12.52 -14.22
C PRO C 144 14.77 12.14 -15.03
N GLY C 145 14.59 11.62 -16.23
CA GLY C 145 15.77 11.26 -16.96
C GLY C 145 16.48 12.49 -17.48
N ILE C 146 15.74 13.58 -17.68
CA ILE C 146 16.38 14.85 -17.96
C ILE C 146 17.09 15.35 -16.71
N LYS C 147 16.55 15.03 -15.52
CA LYS C 147 17.25 15.40 -14.30
C LYS C 147 18.60 14.69 -14.24
N ALA C 148 18.58 13.36 -14.37
CA ALA C 148 19.81 12.57 -14.30
C ALA C 148 20.80 13.03 -15.35
N PHE C 149 20.30 13.39 -16.54
CA PHE C 149 21.20 13.86 -17.58
C PHE C 149 21.78 15.20 -17.22
N ASN C 150 20.92 16.16 -16.83
CA ASN C 150 21.47 17.48 -16.54
C ASN C 150 22.27 17.49 -15.22
N GLU C 151 22.25 16.37 -14.48
CA GLU C 151 23.22 16.22 -13.39
C GLU C 151 24.61 16.02 -13.97
N SER C 152 24.72 15.17 -15.01
CA SER C 152 25.96 14.95 -15.74
C SER C 152 26.24 16.01 -16.80
N ASN C 153 25.91 17.28 -16.52
CA ASN C 153 26.08 18.43 -17.43
C ASN C 153 26.08 18.01 -18.89
N ILE C 154 24.96 17.50 -19.37
CA ILE C 154 24.79 17.10 -20.75
C ILE C 154 24.01 18.19 -21.42
N ILE C 155 24.56 18.72 -22.50
CA ILE C 155 24.00 19.92 -23.13
C ILE C 155 22.81 19.53 -23.99
N SER C 156 21.69 20.27 -23.84
CA SER C 156 20.50 19.91 -24.58
C SER C 156 20.24 20.99 -25.62
N PRO C 157 20.94 20.96 -26.77
CA PRO C 157 20.96 22.15 -27.62
C PRO C 157 19.61 22.50 -28.20
N LEU C 158 18.76 21.53 -28.51
CA LEU C 158 17.46 21.94 -29.03
C LEU C 158 16.74 22.80 -28.01
N SER C 159 16.86 22.45 -26.73
CA SER C 159 16.20 23.21 -25.69
C SER C 159 16.81 24.61 -25.54
N ASN C 160 18.12 24.74 -25.70
CA ASN C 160 18.73 26.05 -25.51
C ASN C 160 18.24 27.05 -26.53
N LEU C 161 17.94 26.58 -27.75
CA LEU C 161 17.45 27.44 -28.83
C LEU C 161 15.93 27.44 -28.90
N LYS C 162 15.25 27.00 -27.84
CA LYS C 162 13.80 27.07 -27.73
C LYS C 162 13.12 26.36 -28.91
N PHE C 163 13.66 25.22 -29.31
CA PHE C 163 13.02 24.35 -30.29
C PHE C 163 11.75 23.78 -29.69
N SER C 164 10.66 23.86 -30.42
CA SER C 164 9.44 23.21 -30.01
C SER C 164 9.34 21.88 -30.71
N LYS C 165 8.29 21.13 -30.39
CA LYS C 165 8.07 19.86 -31.07
C LYS C 165 7.84 20.06 -32.56
N ASN C 166 7.05 21.09 -32.93
CA ASN C 166 6.82 21.36 -34.35
C ASN C 166 8.09 21.86 -34.99
N ASP C 167 8.86 22.64 -34.23
CA ASP C 167 10.12 23.13 -34.74
C ASP C 167 11.02 21.93 -35.10
N VAL C 168 10.95 20.86 -34.30
CA VAL C 168 11.72 19.65 -34.60
C VAL C 168 11.16 18.94 -35.82
N PHE C 169 9.85 18.77 -35.86
CA PHE C 169 9.25 18.07 -36.99
C PHE C 169 9.52 18.84 -38.28
N GLU C 170 9.42 20.16 -38.25
CA GLU C 170 9.58 20.96 -39.47
C GLU C 170 11.01 20.96 -39.98
N LEU C 171 11.99 21.18 -39.10
CA LEU C 171 13.38 21.15 -39.54
C LEU C 171 13.80 19.77 -40.01
N SER C 172 13.23 18.71 -39.43
CA SER C 172 13.50 17.35 -39.88
C SER C 172 13.04 17.13 -41.32
N ASN C 173 11.85 17.63 -41.66
CA ASN C 173 11.33 17.54 -43.04
C ASN C 173 12.21 18.33 -43.99
N TYR C 174 12.73 19.48 -43.53
CA TYR C 174 13.57 20.30 -44.39
C TYR C 174 14.85 19.57 -44.74
N LEU C 175 15.44 18.87 -43.76
CA LEU C 175 16.63 18.06 -43.94
C LEU C 175 16.36 16.70 -44.57
N LYS C 176 15.09 16.38 -44.87
CA LYS C 176 14.66 15.11 -45.49
C LYS C 176 14.94 13.89 -44.61
N ILE C 177 14.90 14.11 -43.29
CA ILE C 177 15.01 13.05 -42.29
C ILE C 177 13.62 12.48 -42.04
N ASP C 178 13.45 11.19 -42.34
CA ASP C 178 12.13 10.57 -42.14
C ASP C 178 11.72 10.51 -40.69
N ILE C 179 10.42 10.66 -40.46
CA ILE C 179 9.85 10.64 -39.11
C ILE C 179 9.49 9.21 -38.79
N PRO C 180 10.17 8.56 -37.85
CA PRO C 180 9.85 7.17 -37.50
C PRO C 180 8.67 7.10 -36.55
N LYS C 181 8.21 5.87 -36.28
CA LYS C 181 7.13 5.70 -35.31
C LYS C 181 7.70 5.76 -33.91
N LYS C 182 6.92 6.30 -32.97
CA LYS C 182 7.40 6.68 -31.65
C LYS C 182 8.14 5.58 -30.89
N ASP C 183 9.02 5.99 -29.97
CA ASP C 183 9.76 5.10 -29.08
C ASP C 183 9.35 5.36 -27.63
N THR C 184 9.41 4.31 -26.80
CA THR C 184 9.03 4.43 -25.40
C THR C 184 9.68 3.46 -24.43
N CYS C 185 10.30 2.38 -24.92
CA CYS C 185 10.95 1.32 -24.12
C CYS C 185 9.96 0.43 -23.34
N MET C 186 10.21 -0.89 -23.30
CA MET C 186 9.27 -1.81 -22.64
C MET C 186 9.14 -1.57 -21.15
N ALA C 187 10.21 -1.11 -20.50
CA ALA C 187 10.17 -0.97 -19.05
C ALA C 187 8.98 -0.11 -18.60
N THR C 188 8.49 0.78 -19.46
CA THR C 188 7.33 1.58 -19.14
C THR C 188 6.06 0.76 -19.08
N ARG C 189 6.03 -0.42 -19.73
CA ARG C 189 4.86 -1.30 -19.62
C ARG C 189 4.78 -1.97 -18.25
N ILE C 190 5.90 -2.14 -17.57
CA ILE C 190 5.90 -2.83 -16.29
C ILE C 190 5.31 -1.90 -15.26
N LEU C 191 4.11 -2.21 -14.79
CA LEU C 191 3.50 -1.36 -13.77
C LEU C 191 3.75 -1.85 -12.36
N SER C 192 4.31 -3.05 -12.18
CA SER C 192 4.58 -3.58 -10.85
C SER C 192 5.98 -4.16 -10.82
N ALA C 193 6.71 -3.86 -9.76
CA ALA C 193 8.02 -4.45 -9.60
C ALA C 193 7.90 -5.96 -9.67
N PRO C 194 8.87 -6.63 -10.26
CA PRO C 194 10.06 -6.02 -10.79
C PRO C 194 10.02 -5.95 -12.32
N ILE C 195 10.88 -5.06 -12.81
CA ILE C 195 11.13 -4.91 -14.24
C ILE C 195 12.07 -6.05 -14.59
N SER C 196 11.52 -7.11 -15.13
CA SER C 196 12.29 -8.25 -15.55
C SER C 196 12.34 -8.29 -17.06
N LYS C 197 13.36 -8.95 -17.61
CA LYS C 197 13.30 -9.14 -19.05
C LYS C 197 12.09 -9.96 -19.46
N GLU C 198 11.72 -10.96 -18.67
CA GLU C 198 10.61 -11.81 -19.06
C GLU C 198 9.29 -11.02 -19.05
N ASN C 199 9.14 -10.06 -18.12
CA ASN C 199 7.94 -9.22 -18.08
C ASN C 199 7.85 -8.31 -19.30
N MET C 200 8.94 -7.63 -19.62
CA MET C 200 8.92 -6.79 -20.79
C MET C 200 8.67 -7.61 -22.04
N ALA C 201 9.22 -8.82 -22.10
CA ALA C 201 8.94 -9.69 -23.23
C ALA C 201 7.48 -10.05 -23.29
N LYS C 202 6.88 -10.38 -22.15
CA LYS C 202 5.47 -10.74 -22.13
C LYS C 202 4.61 -9.63 -22.72
N SER C 203 4.92 -8.38 -22.37
CA SER C 203 4.16 -7.26 -22.88
C SER C 203 4.39 -7.07 -24.37
N ASN C 204 5.66 -7.12 -24.80
CA ASN C 204 5.98 -6.88 -26.21
C ASN C 204 5.29 -7.90 -27.12
N LEU C 205 5.30 -9.18 -26.72
CA LEU C 205 4.61 -10.19 -27.51
C LEU C 205 3.12 -9.87 -27.58
N ALA C 206 2.52 -9.47 -26.45
CA ALA C 206 1.11 -9.13 -26.48
C ALA C 206 0.86 -7.97 -27.42
N GLU C 207 1.75 -6.97 -27.38
CA GLU C 207 1.55 -5.81 -28.22
C GLU C 207 1.68 -6.18 -29.68
N GLU C 208 2.75 -6.87 -30.04
CA GLU C 208 2.95 -7.27 -31.43
C GLU C 208 1.78 -8.13 -31.91
N PHE C 209 1.24 -9.00 -31.03
CA PHE C 209 0.13 -9.84 -31.44
C PHE C 209 -1.09 -9.00 -31.75
N ILE C 210 -1.42 -8.08 -30.84
CA ILE C 210 -2.56 -7.21 -31.06
C ILE C 210 -2.32 -6.30 -32.25
N LYS C 211 -1.11 -5.76 -32.37
CA LYS C 211 -0.80 -4.86 -33.48
C LYS C 211 -0.83 -5.57 -34.83
N LEU C 212 -0.44 -6.85 -34.89
CA LEU C 212 -0.40 -7.55 -36.17
C LEU C 212 -1.72 -8.15 -36.57
N ASN C 213 -2.41 -8.81 -35.64
CA ASN C 213 -3.64 -9.50 -36.01
C ASN C 213 -4.83 -8.57 -36.11
N PHE C 214 -4.76 -7.41 -35.48
CA PHE C 214 -5.88 -6.50 -35.47
C PHE C 214 -5.51 -5.12 -35.96
N HIS C 215 -4.27 -4.95 -36.39
CA HIS C 215 -3.88 -3.76 -37.14
C HIS C 215 -4.13 -2.51 -36.33
N ILE C 216 -3.54 -2.46 -35.15
CA ILE C 216 -3.59 -1.26 -34.32
C ILE C 216 -2.32 -0.50 -34.65
N GLU C 217 -2.36 0.34 -35.69
CA GLU C 217 -1.18 1.14 -36.02
C GLU C 217 -0.96 2.21 -34.97
N SER C 218 -2.03 2.84 -34.48
CA SER C 218 -1.97 3.89 -33.48
C SER C 218 -1.75 3.30 -32.08
N TYR C 219 -1.58 4.20 -31.11
CA TYR C 219 -1.08 3.90 -29.76
C TYR C 219 -1.73 2.66 -29.18
N LEU C 220 -0.87 1.70 -28.81
CA LEU C 220 -1.26 0.42 -28.22
C LEU C 220 -0.23 0.04 -27.18
N ARG C 221 -0.71 -0.42 -26.04
CA ARG C 221 0.13 -0.75 -24.89
C ARG C 221 -0.44 -1.98 -24.22
N VAL C 222 0.43 -2.85 -23.78
CA VAL C 222 0.02 -3.97 -22.94
C VAL C 222 0.77 -3.83 -21.63
N ARG C 223 0.10 -3.26 -20.63
CA ARG C 223 0.78 -3.09 -19.35
C ARG C 223 0.86 -4.44 -18.63
N TYR C 224 1.92 -4.59 -17.85
CA TYR C 224 2.14 -5.75 -17.00
C TYR C 224 1.85 -5.29 -15.58
N LEU C 225 0.77 -5.79 -14.98
CA LEU C 225 0.44 -5.46 -13.61
C LEU C 225 0.25 -6.79 -12.86
N GLU C 226 1.28 -7.22 -12.15
CA GLU C 226 1.16 -8.45 -11.39
C GLU C 226 0.60 -9.54 -12.29
N ASN C 227 1.25 -9.69 -13.44
CA ASN C 227 0.89 -10.67 -14.45
C ASN C 227 -0.52 -10.48 -14.97
N ILE C 228 -1.11 -9.31 -14.82
CA ILE C 228 -2.37 -8.97 -15.48
C ILE C 228 -2.03 -8.03 -16.63
N ALA C 229 -2.58 -8.34 -17.80
CA ALA C 229 -2.34 -7.54 -18.99
C ALA C 229 -3.38 -6.43 -19.06
N ILE C 230 -2.90 -5.18 -19.13
CA ILE C 230 -3.74 -4.02 -19.33
C ILE C 230 -3.44 -3.50 -20.73
N ILE C 231 -4.42 -3.65 -21.61
CA ILE C 231 -4.34 -3.15 -22.97
C ILE C 231 -4.87 -1.72 -22.96
N GLU C 232 -4.04 -0.81 -23.46
CA GLU C 232 -4.39 0.58 -23.66
C GLU C 232 -4.42 0.83 -25.17
N LEU C 233 -5.49 1.46 -25.64
CA LEU C 233 -5.59 1.78 -27.06
C LEU C 233 -6.26 3.14 -27.19
N THR C 234 -6.25 3.67 -28.40
CA THR C 234 -6.80 4.98 -28.72
C THR C 234 -8.28 4.95 -29.09
N LYS C 235 -8.92 6.12 -28.98
CA LYS C 235 -10.36 6.22 -29.18
C LYS C 235 -10.76 5.78 -30.57
N ASN C 236 -10.03 6.21 -31.60
CA ASN C 236 -10.43 5.83 -32.96
C ASN C 236 -10.07 4.39 -33.30
N GLU C 237 -8.97 3.86 -32.76
CA GLU C 237 -8.60 2.49 -33.08
C GLU C 237 -9.58 1.50 -32.49
N SER C 238 -10.40 1.96 -31.53
CA SER C 238 -11.32 1.13 -30.74
C SER C 238 -12.08 0.11 -31.57
N GLU C 239 -12.69 0.58 -32.67
CA GLU C 239 -13.61 -0.23 -33.47
C GLU C 239 -12.99 -1.55 -33.91
N LYS C 240 -11.65 -1.60 -34.04
CA LYS C 240 -10.95 -2.76 -34.58
C LYS C 240 -10.98 -3.97 -33.67
N ILE C 241 -11.26 -3.80 -32.37
CA ILE C 241 -11.24 -4.91 -31.42
C ILE C 241 -12.57 -5.07 -30.69
N PHE C 242 -13.66 -4.51 -31.22
CA PHE C 242 -14.91 -4.60 -30.47
C PHE C 242 -15.69 -5.89 -30.69
N ASP C 243 -15.45 -6.64 -31.76
CA ASP C 243 -16.21 -7.86 -31.93
C ASP C 243 -15.68 -8.95 -30.99
N ASN C 244 -16.62 -9.78 -30.50
CA ASN C 244 -16.28 -10.79 -29.51
C ASN C 244 -15.31 -11.83 -30.05
N ASP C 245 -15.29 -12.06 -31.36
CA ASP C 245 -14.31 -13.01 -31.85
C ASP C 245 -12.89 -12.47 -31.73
N SER C 246 -12.71 -11.16 -31.89
CA SER C 246 -11.39 -10.59 -31.66
C SER C 246 -11.03 -10.62 -30.19
N ILE C 247 -12.01 -10.35 -29.32
CA ILE C 247 -11.75 -10.30 -27.90
C ILE C 247 -11.34 -11.68 -27.39
N GLU C 248 -12.04 -12.73 -27.81
CA GLU C 248 -11.64 -14.06 -27.40
C GLU C 248 -10.24 -14.39 -27.90
N ARG C 249 -9.92 -14.03 -29.14
CA ARG C 249 -8.58 -14.32 -29.67
C ARG C 249 -7.49 -13.61 -28.88
N ILE C 250 -7.73 -12.34 -28.50
CA ILE C 250 -6.71 -11.62 -27.74
C ILE C 250 -6.58 -12.21 -26.33
N ASN C 251 -7.72 -12.41 -25.66
CA ASN C 251 -7.71 -12.96 -24.30
C ASN C 251 -7.02 -14.32 -24.28
N THR C 252 -7.27 -15.14 -25.30
CA THR C 252 -6.69 -16.47 -25.34
C THR C 252 -5.19 -16.42 -25.66
N GLU C 253 -4.80 -15.68 -26.70
CA GLU C 253 -3.37 -15.63 -27.01
C GLU C 253 -2.59 -14.93 -25.91
N LEU C 254 -3.14 -13.87 -25.32
CA LEU C 254 -2.39 -13.20 -24.27
C LEU C 254 -2.25 -14.09 -23.04
N LYS C 255 -3.25 -14.92 -22.71
CA LYS C 255 -3.07 -15.80 -21.56
C LYS C 255 -2.03 -16.87 -21.85
N LYS C 256 -1.89 -17.30 -23.10
CA LYS C 256 -0.83 -18.24 -23.47
C LYS C 256 0.53 -17.65 -23.20
N ILE C 257 0.68 -16.34 -23.35
CA ILE C 257 1.94 -15.74 -23.00
C ILE C 257 2.18 -15.79 -21.50
N GLY C 258 1.12 -16.06 -20.73
CA GLY C 258 1.22 -16.18 -19.30
C GLY C 258 0.59 -15.08 -18.48
N PHE C 259 -0.15 -14.18 -19.08
CA PHE C 259 -0.97 -13.27 -18.28
C PHE C 259 -2.09 -14.05 -17.62
N GLU C 260 -2.35 -13.73 -16.35
CA GLU C 260 -3.39 -14.38 -15.56
C GLU C 260 -4.78 -13.91 -15.98
N LYS C 261 -4.88 -12.64 -16.29
CA LYS C 261 -6.12 -11.98 -16.64
C LYS C 261 -5.75 -11.05 -17.77
N VAL C 262 -6.63 -10.89 -18.75
CA VAL C 262 -6.36 -9.95 -19.81
C VAL C 262 -7.49 -8.92 -19.73
N VAL C 263 -7.11 -7.65 -19.54
CA VAL C 263 -8.12 -6.59 -19.41
C VAL C 263 -7.84 -5.45 -20.38
N LEU C 264 -8.90 -4.70 -20.67
CA LEU C 264 -8.84 -3.53 -21.54
C LEU C 264 -9.13 -2.28 -20.72
N ASP C 265 -8.16 -1.35 -20.66
CA ASP C 265 -8.35 -0.09 -19.96
C ASP C 265 -9.39 0.77 -20.66
N LEU C 266 -10.50 1.06 -19.95
CA LEU C 266 -11.58 1.88 -20.53
C LEU C 266 -11.25 3.38 -20.61
N ASN C 267 -9.99 3.76 -20.40
CA ASN C 267 -9.56 5.15 -20.60
C ASN C 267 -8.82 5.19 -21.94
N PHE C 268 -9.57 5.43 -23.01
CA PHE C 268 -8.98 5.46 -24.35
C PHE C 268 -8.30 6.79 -24.63
N LYS C 269 -7.17 6.74 -25.32
CA LYS C 269 -6.35 7.93 -25.51
C LYS C 269 -6.95 8.85 -26.56
N GLY C 270 -7.18 10.11 -26.18
CA GLY C 270 -7.88 11.12 -26.99
C GLY C 270 -7.37 11.63 -28.33
N GLY D 10 -56.86 -13.40 34.39
CA GLY D 10 -56.55 -12.14 35.03
C GLY D 10 -57.72 -11.66 35.88
N PRO D 11 -57.46 -11.34 37.16
CA PRO D 11 -58.49 -10.78 38.05
C PRO D 11 -58.71 -9.29 37.81
N MET D 12 -59.98 -8.93 37.49
CA MET D 12 -60.45 -7.57 37.13
C MET D 12 -59.53 -6.92 36.06
N ILE D 13 -58.80 -7.76 35.32
CA ILE D 13 -57.99 -7.28 34.21
C ILE D 13 -58.51 -7.92 32.94
N ILE D 14 -58.63 -7.12 31.89
CA ILE D 14 -59.09 -7.58 30.58
C ILE D 14 -58.11 -8.57 29.97
N MET D 15 -56.82 -8.35 30.18
CA MET D 15 -55.69 -9.18 29.77
C MET D 15 -55.91 -9.57 28.31
N GLU D 16 -55.90 -10.84 27.94
CA GLU D 16 -55.61 -11.44 26.63
C GLU D 16 -54.78 -12.69 26.85
N LYS D 17 -54.98 -13.66 25.97
CA LYS D 17 -54.75 -15.06 26.24
C LYS D 17 -53.28 -15.27 26.33
N GLY D 18 -52.67 -15.08 25.15
CA GLY D 18 -51.25 -15.09 24.92
C GLY D 18 -50.56 -14.49 26.12
N LEU D 19 -50.89 -13.26 26.52
CA LEU D 19 -50.19 -12.69 27.66
C LEU D 19 -50.63 -13.35 28.98
N LEU D 20 -51.91 -13.69 29.16
CA LEU D 20 -52.29 -14.38 30.39
C LEU D 20 -51.62 -15.75 30.47
N GLU D 21 -51.54 -16.50 29.34
CA GLU D 21 -50.81 -17.77 29.36
C GLU D 21 -49.34 -17.56 29.66
N LYS D 22 -48.76 -16.49 29.14
CA LYS D 22 -47.38 -16.18 29.48
C LYS D 22 -47.28 -15.80 30.94
N TYR D 23 -48.24 -15.02 31.42
CA TYR D 23 -48.20 -14.60 32.81
C TYR D 23 -48.30 -15.79 33.75
N ASN D 24 -49.26 -16.69 33.48
CA ASN D 24 -49.46 -17.85 34.35
C ASN D 24 -48.25 -18.78 34.32
N SER D 25 -47.71 -19.04 33.12
CA SER D 25 -46.54 -19.92 33.06
C SER D 25 -45.39 -19.32 33.86
N LEU D 26 -45.29 -18.00 33.85
CA LEU D 26 -44.25 -17.31 34.59
C LEU D 26 -44.44 -17.50 36.10
N LEU D 27 -45.69 -17.44 36.59
CA LEU D 27 -45.96 -17.70 38.01
C LEU D 27 -45.62 -19.14 38.38
N GLU D 28 -45.95 -20.08 37.51
CA GLU D 28 -45.66 -21.47 37.80
C GLU D 28 -44.17 -21.72 37.83
N PHE D 29 -43.42 -21.00 37.02
CA PHE D 29 -41.99 -21.23 37.02
C PHE D 29 -41.38 -20.84 38.37
N PHE D 30 -41.78 -19.71 38.94
CA PHE D 30 -41.17 -19.26 40.19
C PHE D 30 -41.66 -20.00 41.43
N LYS D 31 -42.64 -20.93 41.32
CA LYS D 31 -43.14 -21.63 42.50
C LYS D 31 -42.02 -22.40 43.18
N ASN D 32 -41.85 -22.13 44.47
CA ASN D 32 -40.92 -22.85 45.36
C ASN D 32 -39.48 -22.80 44.89
N LYS D 33 -39.09 -21.71 44.24
CA LYS D 33 -37.73 -21.57 43.76
C LYS D 33 -37.08 -20.41 44.50
N LYS D 34 -35.81 -20.58 44.84
CA LYS D 34 -35.03 -19.51 45.44
C LYS D 34 -34.38 -18.74 44.30
N VAL D 35 -34.97 -17.60 43.92
CA VAL D 35 -34.66 -16.91 42.65
C VAL D 35 -33.82 -15.68 42.93
N ILE D 36 -32.76 -15.50 42.15
CA ILE D 36 -31.97 -14.28 42.21
C ILE D 36 -31.98 -13.63 40.83
N VAL D 37 -32.42 -12.37 40.78
CA VAL D 37 -32.69 -11.70 39.53
C VAL D 37 -31.57 -10.72 39.24
N ALA D 38 -31.09 -10.77 38.00
CA ALA D 38 -30.07 -9.84 37.54
C ALA D 38 -30.77 -8.52 37.29
N TYR D 39 -30.92 -7.73 38.35
CA TYR D 39 -31.75 -6.52 38.35
C TYR D 39 -30.99 -5.24 38.03
N SER D 40 -31.50 -4.49 37.04
CA SER D 40 -30.87 -3.25 36.57
C SER D 40 -31.75 -2.01 36.68
N GLY D 41 -33.05 -2.15 36.86
CA GLY D 41 -33.96 -1.02 36.89
C GLY D 41 -34.75 -0.83 35.62
N GLY D 42 -34.34 -1.49 34.52
CA GLY D 42 -35.03 -1.34 33.25
C GLY D 42 -36.42 -1.94 33.31
N VAL D 43 -37.20 -1.76 32.25
CA VAL D 43 -38.53 -2.38 32.29
C VAL D 43 -38.40 -3.88 32.47
N ASP D 44 -37.68 -4.51 31.56
CA ASP D 44 -37.60 -5.96 31.48
C ASP D 44 -37.19 -6.55 32.83
N SER D 45 -36.06 -6.11 33.35
CA SER D 45 -35.57 -6.61 34.62
C SER D 45 -36.54 -6.30 35.76
N THR D 46 -37.16 -5.11 35.80
CA THR D 46 -38.00 -4.83 36.95
C THR D 46 -39.22 -5.72 36.92
N LEU D 47 -39.78 -5.97 35.73
CA LEU D 47 -40.96 -6.83 35.61
C LEU D 47 -40.69 -8.22 36.18
N ILE D 48 -39.62 -8.88 35.70
CA ILE D 48 -39.32 -10.23 36.18
C ILE D 48 -38.99 -10.19 37.68
N SER D 49 -38.40 -9.09 38.17
CA SER D 49 -38.12 -9.02 39.61
C SER D 49 -39.39 -8.96 40.43
N LYS D 50 -40.34 -8.12 40.02
CA LYS D 50 -41.61 -7.99 40.75
C LYS D 50 -42.41 -9.28 40.72
N ILE D 51 -42.59 -9.88 39.54
CA ILE D 51 -43.28 -11.17 39.47
C ILE D 51 -42.58 -12.21 40.32
N ALA D 52 -41.24 -12.23 40.36
CA ALA D 52 -40.61 -13.24 41.19
C ALA D 52 -40.79 -12.92 42.68
N SER D 53 -40.77 -11.64 43.07
CA SER D 53 -40.95 -11.31 44.48
C SER D 53 -42.30 -11.74 45.01
N ASP D 54 -43.35 -11.63 44.19
CA ASP D 54 -44.67 -11.93 44.69
C ASP D 54 -44.89 -13.42 44.88
N ASN D 55 -44.12 -14.26 44.20
CA ASN D 55 -44.30 -15.70 44.26
C ASN D 55 -43.14 -16.49 44.82
N ALA D 56 -41.97 -15.89 45.00
CA ALA D 56 -40.85 -16.70 45.45
C ALA D 56 -39.94 -15.88 46.36
N GLN D 57 -39.13 -16.60 47.10
CA GLN D 57 -38.07 -15.98 47.89
C GLN D 57 -37.09 -15.42 46.87
N THR D 58 -37.18 -14.12 46.59
CA THR D 58 -36.43 -13.53 45.49
C THR D 58 -35.49 -12.43 45.99
N LEU D 59 -34.33 -12.35 45.34
CA LEU D 59 -33.36 -11.29 45.57
C LEU D 59 -32.91 -10.78 44.21
N ALA D 60 -33.26 -9.54 43.94
CA ALA D 60 -32.82 -8.86 42.74
C ALA D 60 -31.48 -8.21 43.10
N VAL D 61 -30.42 -8.57 42.36
CA VAL D 61 -29.06 -8.08 42.62
C VAL D 61 -28.65 -7.10 41.52
N THR D 62 -28.08 -5.97 41.95
CA THR D 62 -27.53 -4.94 41.07
C THR D 62 -26.01 -4.91 41.22
N ILE D 63 -25.30 -5.09 40.11
CA ILE D 63 -23.86 -5.04 40.09
C ILE D 63 -23.41 -3.68 39.57
N ASP D 64 -22.94 -2.85 40.49
CA ASP D 64 -22.37 -1.55 40.13
C ASP D 64 -20.90 -1.75 39.78
N ASN D 65 -20.64 -1.97 38.49
CA ASN D 65 -19.28 -2.10 37.98
C ASN D 65 -18.71 -0.76 37.57
N GLY D 66 -19.46 0.32 37.74
CA GLY D 66 -18.92 1.64 37.46
C GLY D 66 -19.25 2.20 36.11
N PHE D 67 -20.08 1.51 35.34
CA PHE D 67 -20.55 2.00 34.06
C PHE D 67 -21.85 2.78 34.15
N PHE D 68 -22.43 2.91 35.35
CA PHE D 68 -23.74 3.54 35.49
C PHE D 68 -23.63 4.78 36.36
N SER D 69 -24.40 5.81 36.03
CA SER D 69 -24.34 7.00 36.85
C SER D 69 -24.90 6.67 38.22
N GLU D 70 -24.41 7.38 39.24
CA GLU D 70 -24.92 7.14 40.58
C GLU D 70 -26.43 7.33 40.60
N ASN D 71 -26.92 8.33 39.86
CA ASN D 71 -28.34 8.57 39.73
C ASN D 71 -29.07 7.32 39.27
N VAL D 72 -28.47 6.60 38.32
CA VAL D 72 -29.09 5.39 37.79
C VAL D 72 -29.17 4.31 38.86
N ILE D 73 -28.08 4.10 39.62
CA ILE D 73 -28.13 3.09 40.68
C ILE D 73 -29.18 3.45 41.70
N LYS D 74 -29.25 4.72 42.09
CA LYS D 74 -30.27 5.12 43.04
C LYS D 74 -31.66 4.82 42.52
N LYS D 75 -31.94 5.16 41.25
CA LYS D 75 -33.28 4.93 40.72
C LYS D 75 -33.67 3.45 40.78
N ALA D 76 -32.76 2.56 40.39
CA ALA D 76 -33.10 1.14 40.46
C ALA D 76 -33.32 0.70 41.89
N GLU D 77 -32.50 1.19 42.83
CA GLU D 77 -32.69 0.82 44.24
C GLU D 77 -34.06 1.29 44.71
N ASN D 78 -34.41 2.53 44.37
CA ASN D 78 -35.70 3.08 44.80
C ASN D 78 -36.86 2.33 44.17
N ARG D 79 -36.76 2.03 42.87
CA ARG D 79 -37.83 1.29 42.21
C ARG D 79 -38.09 -0.04 42.90
N ALA D 80 -37.01 -0.72 43.32
CA ALA D 80 -37.14 -1.99 44.02
C ALA D 80 -37.85 -1.80 45.35
N LYS D 81 -37.51 -0.73 46.07
CA LYS D 81 -38.14 -0.42 47.35
C LYS D 81 -39.59 0.00 47.17
N LYS D 82 -39.91 0.67 46.05
CA LYS D 82 -41.29 1.02 45.76
C LYS D 82 -42.14 -0.21 45.50
N TYR D 83 -41.67 -1.11 44.66
CA TYR D 83 -42.41 -2.33 44.39
C TYR D 83 -42.12 -3.45 45.39
N ASN D 84 -41.40 -3.13 46.47
CA ASN D 84 -41.12 -4.09 47.54
C ASN D 84 -40.35 -5.32 47.02
N ILE D 85 -39.44 -5.09 46.09
CA ILE D 85 -38.55 -6.14 45.58
C ILE D 85 -37.28 -6.11 46.42
N PRO D 86 -36.90 -7.23 47.04
CA PRO D 86 -35.67 -7.25 47.83
C PRO D 86 -34.45 -7.05 46.93
N GLN D 87 -33.65 -6.05 47.26
CA GLN D 87 -32.56 -5.68 46.39
C GLN D 87 -31.31 -5.32 47.16
N LYS D 88 -30.17 -5.75 46.61
CA LYS D 88 -28.83 -5.43 47.08
C LYS D 88 -27.98 -4.92 45.91
N THR D 89 -27.14 -3.91 46.17
CA THR D 89 -26.20 -3.38 45.19
C THR D 89 -24.79 -3.76 45.62
N ILE D 90 -24.01 -4.26 44.68
CA ILE D 90 -22.65 -4.69 44.97
C ILE D 90 -21.70 -3.87 44.11
N LYS D 91 -20.98 -2.91 44.72
CA LYS D 91 -19.99 -2.15 43.95
C LYS D 91 -18.77 -3.00 43.69
N ILE D 92 -18.32 -2.96 42.45
CA ILE D 92 -17.22 -3.79 42.01
C ILE D 92 -16.12 -2.94 41.42
N ASP D 93 -14.90 -3.36 41.68
CA ASP D 93 -13.71 -2.80 41.09
C ASP D 93 -13.54 -3.51 39.74
N TYR D 94 -14.25 -3.05 38.72
CA TYR D 94 -14.16 -3.77 37.45
C TYR D 94 -13.19 -3.12 36.48
N LEU D 95 -13.01 -1.80 36.54
CA LEU D 95 -12.15 -1.11 35.58
C LEU D 95 -10.68 -1.14 36.01
N ASN D 96 -9.99 -2.20 35.61
CA ASN D 96 -8.55 -2.22 35.80
C ASN D 96 -7.93 -1.86 34.45
N GLU D 97 -6.61 -2.04 34.30
CA GLU D 97 -5.97 -1.62 33.06
C GLU D 97 -6.23 -2.59 31.90
N ILE D 98 -6.45 -3.88 32.18
CA ILE D 98 -6.73 -4.81 31.08
C ILE D 98 -8.13 -4.62 30.52
N THR D 99 -9.09 -4.28 31.39
CA THR D 99 -10.47 -4.18 30.90
C THR D 99 -10.71 -2.90 30.12
N SER D 100 -10.07 -1.81 30.52
CA SER D 100 -10.23 -0.54 29.83
C SER D 100 -9.70 -0.60 28.41
N LYS D 101 -8.59 -1.32 28.19
CA LYS D 101 -7.98 -1.39 26.86
C LYS D 101 -8.84 -2.17 25.88
N ASP D 102 -9.55 -3.21 26.35
CA ASP D 102 -10.47 -3.97 25.49
C ASP D 102 -11.75 -3.18 25.23
N LEU D 103 -11.79 -2.42 24.14
CA LEU D 103 -13.06 -1.83 23.80
C LEU D 103 -13.90 -2.76 22.93
N GLU D 104 -13.31 -3.66 22.14
CA GLU D 104 -14.15 -4.50 21.27
C GLU D 104 -15.07 -5.42 22.08
N ASN D 105 -14.54 -6.13 23.09
CA ASN D 105 -15.36 -7.07 23.85
C ASN D 105 -16.01 -6.49 25.09
N ARG D 106 -16.07 -5.16 25.24
CA ARG D 106 -16.59 -4.62 26.48
C ARG D 106 -17.86 -5.30 26.94
N CYS D 107 -18.86 -5.43 26.07
CA CYS D 107 -20.12 -5.99 26.56
C CYS D 107 -19.96 -7.43 27.06
N TYR D 108 -19.23 -8.26 26.32
CA TYR D 108 -18.97 -9.62 26.77
C TYR D 108 -18.22 -9.62 28.08
N ASN D 109 -17.11 -8.89 28.14
CA ASN D 109 -16.37 -8.81 29.40
C ASN D 109 -17.22 -8.27 30.53
N CYS D 110 -18.08 -7.28 30.24
CA CYS D 110 -18.91 -6.67 31.29
C CYS D 110 -19.84 -7.71 31.91
N LYS D 111 -20.67 -8.34 31.07
CA LYS D 111 -21.59 -9.35 31.56
C LYS D 111 -20.84 -10.57 32.08
N LYS D 112 -19.72 -10.95 31.48
CA LYS D 112 -19.04 -12.12 32.03
C LYS D 112 -18.63 -11.87 33.48
N ARG D 113 -18.18 -10.66 33.79
CA ARG D 113 -17.85 -10.36 35.17
C ARG D 113 -19.10 -10.34 36.04
N ILE D 114 -20.16 -9.68 35.57
CA ILE D 114 -21.40 -9.62 36.35
C ILE D 114 -21.93 -11.03 36.58
N ALA D 115 -21.90 -11.86 35.54
CA ALA D 115 -22.30 -13.24 35.71
C ALA D 115 -21.47 -13.92 36.78
N GLU D 116 -20.16 -13.66 36.81
CA GLU D 116 -19.33 -14.30 37.83
C GLU D 116 -19.75 -13.87 39.22
N GLU D 117 -20.18 -12.62 39.37
CA GLU D 117 -20.66 -12.16 40.67
C GLU D 117 -22.03 -12.70 41.00
N LEU D 118 -22.94 -12.75 40.02
CA LEU D 118 -24.26 -13.30 40.35
C LEU D 118 -24.16 -14.78 40.74
N LYS D 119 -23.37 -15.58 40.00
CA LYS D 119 -23.22 -16.99 40.32
C LYS D 119 -22.64 -17.18 41.71
N ARG D 120 -21.75 -16.28 42.13
CA ARG D 120 -21.22 -16.34 43.49
C ARG D 120 -22.35 -16.06 44.47
N ILE D 121 -23.05 -14.93 44.30
CA ILE D 121 -24.10 -14.57 45.25
C ILE D 121 -25.15 -15.68 45.32
N LYS D 122 -25.56 -16.21 44.16
CA LYS D 122 -26.49 -17.34 44.14
C LYS D 122 -25.97 -18.50 44.96
N ASN D 123 -24.71 -18.85 44.76
CA ASN D 123 -24.21 -20.05 45.38
C ASN D 123 -23.86 -19.83 46.84
N GLU D 124 -23.43 -18.61 47.22
CA GLU D 124 -23.25 -18.36 48.66
C GLU D 124 -24.60 -18.37 49.39
N LEU D 125 -25.66 -17.91 48.75
CA LEU D 125 -26.97 -18.01 49.39
C LEU D 125 -27.55 -19.43 49.32
N ASN D 126 -27.07 -20.23 48.35
CA ASN D 126 -27.57 -21.58 48.01
C ASN D 126 -28.98 -21.49 47.42
N TYR D 127 -29.27 -20.37 46.76
CA TYR D 127 -30.49 -20.20 46.00
C TYR D 127 -30.48 -21.14 44.80
N ASP D 128 -31.64 -21.26 44.15
CA ASP D 128 -31.73 -22.27 43.10
C ASP D 128 -31.34 -21.75 41.72
N ILE D 129 -31.91 -20.62 41.27
CA ILE D 129 -31.72 -20.15 39.90
C ILE D 129 -31.35 -18.66 39.87
N ILE D 130 -30.79 -18.23 38.74
CA ILE D 130 -30.49 -16.84 38.45
C ILE D 130 -31.24 -16.49 37.18
N VAL D 131 -32.05 -15.42 37.22
CA VAL D 131 -32.78 -15.00 36.02
C VAL D 131 -32.42 -13.58 35.65
N ASP D 132 -32.58 -13.29 34.35
CA ASP D 132 -32.32 -11.97 33.77
C ASP D 132 -33.46 -11.57 32.84
N GLY D 133 -33.66 -10.26 32.68
CA GLY D 133 -34.77 -9.82 31.87
C GLY D 133 -34.48 -9.82 30.40
N THR D 134 -34.01 -10.94 29.89
CA THR D 134 -33.79 -11.03 28.46
C THR D 134 -35.11 -11.43 27.84
N ILE D 135 -35.58 -10.63 26.90
CA ILE D 135 -36.86 -10.90 26.27
C ILE D 135 -36.63 -11.63 24.95
N TYR D 136 -37.71 -12.10 24.35
CA TYR D 136 -37.60 -12.89 23.16
C TYR D 136 -37.00 -12.10 22.01
N ASP D 137 -37.29 -10.80 21.93
CA ASP D 137 -36.79 -10.01 20.81
C ASP D 137 -35.27 -9.93 20.85
N ASP D 138 -34.71 -9.89 22.07
CA ASP D 138 -33.28 -9.77 22.26
C ASP D 138 -32.53 -10.95 21.70
N ILE D 139 -33.19 -12.08 21.44
CA ILE D 139 -32.42 -13.24 20.99
C ILE D 139 -32.06 -13.13 19.53
N PHE D 140 -32.73 -12.26 18.78
CA PHE D 140 -32.42 -12.08 17.36
C PHE D 140 -31.56 -10.83 17.09
N GLU D 141 -30.78 -10.38 18.08
CA GLU D 141 -29.78 -9.35 17.85
C GLU D 141 -28.41 -9.83 18.33
N ASP D 142 -27.39 -9.16 17.82
CA ASP D 142 -25.98 -9.42 18.17
C ASP D 142 -25.68 -8.79 19.52
N ARG D 143 -26.04 -9.48 20.59
CA ARG D 143 -25.74 -8.92 21.90
C ARG D 143 -24.73 -9.84 22.61
N PRO D 144 -23.46 -9.44 22.74
CA PRO D 144 -22.46 -10.34 23.33
C PRO D 144 -22.64 -10.58 24.81
N GLY D 145 -23.20 -9.62 25.54
CA GLY D 145 -23.34 -9.89 26.95
C GLY D 145 -24.44 -10.87 27.29
N ILE D 146 -25.41 -11.07 26.37
CA ILE D 146 -26.35 -12.17 26.53
C ILE D 146 -25.63 -13.50 26.34
N LYS D 147 -24.63 -13.53 25.44
CA LYS D 147 -23.83 -14.75 25.28
C LYS D 147 -23.10 -15.08 26.58
N ALA D 148 -22.39 -14.09 27.15
CA ALA D 148 -21.65 -14.28 28.40
C ALA D 148 -22.60 -14.75 29.49
N PHE D 149 -23.81 -14.18 29.51
CA PHE D 149 -24.79 -14.59 30.48
C PHE D 149 -25.24 -16.02 30.24
N ASN D 150 -25.68 -16.35 29.01
CA ASN D 150 -26.16 -17.71 28.75
C ASN D 150 -25.01 -18.72 28.79
N GLU D 151 -23.76 -18.25 28.86
CA GLU D 151 -22.65 -19.14 29.17
C GLU D 151 -22.71 -19.61 30.62
N SER D 152 -23.00 -18.70 31.54
CA SER D 152 -23.14 -19.09 32.94
C SER D 152 -24.53 -19.57 33.30
N ASN D 153 -25.17 -20.31 32.41
CA ASN D 153 -26.51 -20.86 32.59
C ASN D 153 -27.38 -19.96 33.45
N ILE D 154 -27.70 -18.81 32.90
CA ILE D 154 -28.59 -17.87 33.55
C ILE D 154 -29.88 -17.90 32.78
N ILE D 155 -30.99 -18.13 33.49
CA ILE D 155 -32.28 -18.33 32.83
C ILE D 155 -32.89 -17.00 32.46
N SER D 156 -33.34 -16.91 31.21
CA SER D 156 -33.97 -15.72 30.67
C SER D 156 -35.46 -16.05 30.47
N PRO D 157 -36.29 -16.05 31.53
CA PRO D 157 -37.62 -16.63 31.38
C PRO D 157 -38.49 -15.87 30.40
N LEU D 158 -38.35 -14.55 30.31
CA LEU D 158 -39.18 -13.83 29.36
C LEU D 158 -38.90 -14.30 27.95
N SER D 159 -37.64 -14.53 27.63
CA SER D 159 -37.31 -14.98 26.29
C SER D 159 -37.89 -16.37 26.05
N ASN D 160 -37.88 -17.21 27.08
CA ASN D 160 -38.39 -18.57 26.92
C ASN D 160 -39.86 -18.58 26.58
N LEU D 161 -40.63 -17.62 27.11
CA LEU D 161 -42.08 -17.56 26.91
C LEU D 161 -42.49 -16.65 25.76
N LYS D 162 -41.55 -16.30 24.87
CA LYS D 162 -41.84 -15.53 23.66
C LYS D 162 -42.51 -14.20 23.98
N PHE D 163 -42.07 -13.58 25.08
CA PHE D 163 -42.50 -12.23 25.43
C PHE D 163 -41.93 -11.24 24.44
N SER D 164 -42.77 -10.35 23.92
CA SER D 164 -42.27 -9.30 23.06
C SER D 164 -42.04 -8.04 23.89
N LYS D 165 -41.56 -6.99 23.23
CA LYS D 165 -41.43 -5.70 23.89
C LYS D 165 -42.80 -5.16 24.30
N ASN D 166 -43.83 -5.34 23.44
CA ASN D 166 -45.17 -4.93 23.86
C ASN D 166 -45.73 -5.83 24.93
N ASP D 167 -45.45 -7.15 24.86
CA ASP D 167 -45.93 -8.02 25.92
C ASP D 167 -45.37 -7.59 27.27
N VAL D 168 -44.08 -7.20 27.30
CA VAL D 168 -43.47 -6.72 28.54
C VAL D 168 -44.09 -5.40 28.95
N PHE D 169 -44.32 -4.52 27.98
CA PHE D 169 -44.96 -3.25 28.27
C PHE D 169 -46.37 -3.44 28.80
N GLU D 170 -47.15 -4.34 28.17
CA GLU D 170 -48.55 -4.51 28.54
C GLU D 170 -48.71 -5.10 29.93
N LEU D 171 -48.01 -6.20 30.20
CA LEU D 171 -48.07 -6.79 31.53
C LEU D 171 -47.52 -5.84 32.57
N SER D 172 -46.59 -4.97 32.17
CA SER D 172 -46.04 -4.00 33.10
C SER D 172 -47.11 -3.04 33.60
N ASN D 173 -47.95 -2.54 32.69
CA ASN D 173 -49.03 -1.66 33.09
C ASN D 173 -50.11 -2.37 33.89
N TYR D 174 -50.46 -3.61 33.50
CA TYR D 174 -51.48 -4.37 34.23
C TYR D 174 -51.07 -4.60 35.68
N LEU D 175 -49.79 -4.85 35.91
CA LEU D 175 -49.23 -4.90 37.25
C LEU D 175 -49.00 -3.53 37.85
N LYS D 176 -49.28 -2.44 37.12
CA LYS D 176 -49.14 -1.08 37.64
C LYS D 176 -47.68 -0.75 37.99
N ILE D 177 -46.75 -1.39 37.29
CA ILE D 177 -45.32 -1.07 37.35
C ILE D 177 -45.03 0.04 36.36
N ASP D 178 -44.59 1.20 36.85
CA ASP D 178 -44.31 2.31 35.96
C ASP D 178 -43.13 2.02 35.05
N ILE D 179 -43.23 2.57 33.84
CA ILE D 179 -42.21 2.39 32.82
C ILE D 179 -41.15 3.46 33.04
N PRO D 180 -39.96 3.12 33.50
CA PRO D 180 -38.94 4.11 33.81
C PRO D 180 -38.29 4.65 32.53
N LYS D 181 -37.42 5.65 32.73
CA LYS D 181 -36.74 6.25 31.60
C LYS D 181 -35.53 5.41 31.17
N LYS D 182 -35.48 5.08 29.88
CA LYS D 182 -34.47 4.16 29.40
C LYS D 182 -33.13 4.87 29.28
N ASP D 183 -32.15 4.51 30.12
CA ASP D 183 -30.78 4.96 29.91
C ASP D 183 -29.85 3.77 29.89
N THR D 184 -28.96 3.75 28.91
CA THR D 184 -28.03 2.64 28.84
C THR D 184 -26.69 3.19 29.34
N CYS D 185 -25.84 2.26 29.78
CA CYS D 185 -24.56 2.56 30.44
C CYS D 185 -23.70 3.63 29.76
N MET D 186 -22.84 4.26 30.59
CA MET D 186 -21.98 5.37 30.16
C MET D 186 -20.96 4.88 29.14
N ALA D 187 -20.44 3.66 29.34
CA ALA D 187 -19.38 3.10 28.52
C ALA D 187 -19.72 3.04 27.04
N THR D 188 -21.01 3.03 26.70
CA THR D 188 -21.41 3.04 25.32
C THR D 188 -21.03 4.34 24.64
N ARG D 189 -20.86 5.41 25.42
CA ARG D 189 -20.46 6.68 24.84
C ARG D 189 -19.03 6.64 24.32
N ILE D 190 -18.19 5.78 24.91
CA ILE D 190 -16.77 5.66 24.58
C ILE D 190 -16.61 4.88 23.29
N LEU D 191 -16.17 5.57 22.24
CA LEU D 191 -15.96 5.00 20.92
C LEU D 191 -14.50 4.70 20.64
N SER D 192 -13.59 5.15 21.50
CA SER D 192 -12.15 4.92 21.31
C SER D 192 -11.58 4.43 22.64
N ALA D 193 -10.73 3.39 22.56
CA ALA D 193 -10.07 2.93 23.75
C ALA D 193 -9.32 4.10 24.37
N PRO D 194 -9.23 4.15 25.70
CA PRO D 194 -9.67 3.19 26.69
C PRO D 194 -10.95 3.63 27.41
N ILE D 195 -11.69 2.71 28.01
CA ILE D 195 -12.87 3.09 28.79
C ILE D 195 -12.39 3.53 30.17
N SER D 196 -12.33 4.82 30.35
CA SER D 196 -11.91 5.41 31.61
C SER D 196 -13.13 5.90 32.38
N LYS D 197 -12.95 6.11 33.68
CA LYS D 197 -13.99 6.80 34.42
C LYS D 197 -14.17 8.20 33.89
N GLU D 198 -13.05 8.87 33.60
CA GLU D 198 -13.05 10.28 33.21
C GLU D 198 -13.71 10.49 31.86
N ASN D 199 -13.55 9.54 30.95
CA ASN D 199 -14.18 9.63 29.64
C ASN D 199 -15.69 9.55 29.75
N MET D 200 -16.18 8.57 30.51
CA MET D 200 -17.62 8.48 30.75
C MET D 200 -18.10 9.74 31.44
N ALA D 201 -17.29 10.27 32.37
CA ALA D 201 -17.62 11.53 33.02
C ALA D 201 -17.70 12.66 32.02
N LYS D 202 -16.75 12.71 31.09
CA LYS D 202 -16.76 13.75 30.09
C LYS D 202 -18.07 13.69 29.32
N SER D 203 -18.49 12.47 28.94
CA SER D 203 -19.71 12.36 28.15
C SER D 203 -20.94 12.69 28.98
N ASN D 204 -21.04 12.13 30.19
CA ASN D 204 -22.22 12.34 31.04
C ASN D 204 -22.42 13.82 31.36
N LEU D 205 -21.33 14.56 31.64
CA LEU D 205 -21.47 15.99 31.87
C LEU D 205 -22.00 16.69 30.63
N ALA D 206 -21.42 16.39 29.47
CA ALA D 206 -21.90 17.03 28.24
C ALA D 206 -23.35 16.70 28.00
N GLU D 207 -23.74 15.45 28.26
CA GLU D 207 -25.13 15.08 28.01
C GLU D 207 -26.05 15.82 28.97
N GLU D 208 -25.71 15.83 30.26
CA GLU D 208 -26.54 16.52 31.23
C GLU D 208 -26.61 18.02 30.92
N PHE D 209 -25.52 18.59 30.39
CA PHE D 209 -25.56 20.03 30.11
C PHE D 209 -26.55 20.35 29.01
N ILE D 210 -26.47 19.59 27.90
CA ILE D 210 -27.36 19.80 26.76
C ILE D 210 -28.81 19.51 27.15
N LYS D 211 -29.03 18.44 27.91
CA LYS D 211 -30.38 18.03 28.25
C LYS D 211 -31.08 19.06 29.14
N LEU D 212 -30.30 19.75 29.98
CA LEU D 212 -30.86 20.69 30.94
C LEU D 212 -31.04 22.08 30.36
N ASN D 213 -30.04 22.57 29.63
CA ASN D 213 -30.08 23.93 29.12
C ASN D 213 -30.89 24.06 27.85
N PHE D 214 -31.05 22.97 27.10
CA PHE D 214 -31.74 23.04 25.83
C PHE D 214 -32.90 22.06 25.73
N HIS D 215 -33.17 21.30 26.78
CA HIS D 215 -34.40 20.51 26.90
C HIS D 215 -34.53 19.46 25.79
N ILE D 216 -33.54 18.58 25.70
CA ILE D 216 -33.63 17.48 24.75
C ILE D 216 -34.13 16.28 25.56
N GLU D 217 -35.46 16.14 25.70
CA GLU D 217 -35.96 15.02 26.47
C GLU D 217 -35.70 13.68 25.78
N SER D 218 -35.82 13.61 24.44
CA SER D 218 -35.66 12.37 23.67
C SER D 218 -34.19 11.97 23.52
N TYR D 219 -33.96 10.85 22.80
CA TYR D 219 -32.66 10.20 22.68
C TYR D 219 -31.55 11.20 22.44
N LEU D 220 -30.53 11.17 23.30
CA LEU D 220 -29.41 12.10 23.17
C LEU D 220 -28.15 11.38 23.62
N ARG D 221 -27.07 11.58 22.88
CA ARG D 221 -25.79 10.96 23.15
C ARG D 221 -24.69 11.97 22.86
N VAL D 222 -23.66 11.98 23.69
CA VAL D 222 -22.45 12.71 23.39
C VAL D 222 -21.36 11.64 23.39
N ARG D 223 -20.97 11.17 22.21
CA ARG D 223 -19.95 10.14 22.15
C ARG D 223 -18.56 10.74 22.39
N TYR D 224 -17.65 9.89 22.83
CA TYR D 224 -16.23 10.22 22.97
C TYR D 224 -15.46 9.51 21.86
N LEU D 225 -14.95 10.27 20.91
CA LEU D 225 -14.11 9.69 19.86
C LEU D 225 -12.82 10.46 19.92
N GLU D 226 -11.83 9.89 20.61
CA GLU D 226 -10.51 10.49 20.64
C GLU D 226 -10.58 11.96 21.10
N ASN D 227 -11.27 12.14 22.21
CA ASN D 227 -11.53 13.42 22.83
C ASN D 227 -12.32 14.37 21.93
N ILE D 228 -13.03 13.85 20.94
CA ILE D 228 -13.98 14.65 20.18
C ILE D 228 -15.35 14.23 20.66
N ALA D 229 -16.19 15.23 20.96
CA ALA D 229 -17.56 14.98 21.37
C ALA D 229 -18.40 14.95 20.09
N ILE D 230 -19.07 13.83 19.87
CA ILE D 230 -19.96 13.65 18.74
C ILE D 230 -21.36 13.59 19.33
N ILE D 231 -22.14 14.64 19.10
CA ILE D 231 -23.48 14.75 19.66
C ILE D 231 -24.47 14.05 18.74
N GLU D 232 -25.26 13.15 19.30
CA GLU D 232 -26.29 12.43 18.57
C GLU D 232 -27.68 12.89 19.01
N LEU D 233 -28.56 13.09 18.03
CA LEU D 233 -29.90 13.62 18.27
C LEU D 233 -30.97 12.83 17.52
N THR D 234 -32.19 13.03 17.95
CA THR D 234 -33.34 12.53 17.24
C THR D 234 -33.86 13.62 16.31
N LYS D 235 -34.58 13.19 15.26
CA LYS D 235 -35.00 14.13 14.22
C LYS D 235 -35.87 15.26 14.76
N ASN D 236 -36.88 14.93 15.58
CA ASN D 236 -37.76 16.01 16.03
C ASN D 236 -37.15 16.89 17.12
N GLU D 237 -36.18 16.40 17.89
CA GLU D 237 -35.56 17.23 18.92
C GLU D 237 -34.66 18.31 18.31
N SER D 238 -34.15 18.06 17.10
CA SER D 238 -33.17 18.87 16.38
C SER D 238 -33.42 20.37 16.51
N GLU D 239 -34.68 20.76 16.35
CA GLU D 239 -35.06 22.16 16.30
C GLU D 239 -34.56 22.92 17.52
N LYS D 240 -34.34 22.21 18.63
CA LYS D 240 -33.99 22.90 19.85
C LYS D 240 -32.60 23.52 19.82
N ILE D 241 -31.71 23.06 18.95
CA ILE D 241 -30.35 23.58 19.02
C ILE D 241 -29.90 24.18 17.68
N PHE D 242 -30.84 24.54 16.84
CA PHE D 242 -30.46 25.07 15.53
C PHE D 242 -30.06 26.55 15.54
N ASP D 243 -30.37 27.35 16.56
CA ASP D 243 -29.86 28.73 16.54
C ASP D 243 -28.38 28.80 16.98
N ASN D 244 -27.65 29.78 16.41
CA ASN D 244 -26.22 29.91 16.67
C ASN D 244 -25.90 30.18 18.11
N ASP D 245 -26.80 30.84 18.84
CA ASP D 245 -26.49 31.14 20.24
C ASP D 245 -26.43 29.88 21.06
N SER D 246 -27.31 28.93 20.74
CA SER D 246 -27.29 27.64 21.42
C SER D 246 -26.08 26.82 21.03
N ILE D 247 -25.71 26.85 19.75
CA ILE D 247 -24.59 26.02 19.33
C ILE D 247 -23.31 26.54 19.98
N GLU D 248 -23.10 27.86 19.99
CA GLU D 248 -21.89 28.40 20.61
C GLU D 248 -21.82 28.02 22.07
N ARG D 249 -22.97 28.04 22.75
CA ARG D 249 -22.99 27.66 24.16
C ARG D 249 -22.55 26.21 24.33
N ILE D 250 -23.04 25.33 23.44
CA ILE D 250 -22.70 23.91 23.54
C ILE D 250 -21.22 23.69 23.22
N ASN D 251 -20.75 24.25 22.11
CA ASN D 251 -19.35 24.09 21.73
C ASN D 251 -18.43 24.60 22.82
N THR D 252 -18.79 25.72 23.43
CA THR D 252 -17.90 26.33 24.42
C THR D 252 -17.82 25.50 25.70
N GLU D 253 -18.98 25.09 26.22
CA GLU D 253 -19.06 24.33 27.47
C GLU D 253 -18.44 22.94 27.34
N LEU D 254 -18.68 22.27 26.21
CA LEU D 254 -18.13 20.94 26.01
C LEU D 254 -16.61 21.02 25.93
N LYS D 255 -16.06 22.12 25.42
CA LYS D 255 -14.62 22.30 25.48
C LYS D 255 -14.14 22.63 26.88
N LYS D 256 -14.97 23.29 27.71
CA LYS D 256 -14.56 23.50 29.10
C LYS D 256 -14.44 22.16 29.82
N ILE D 257 -15.32 21.22 29.45
CA ILE D 257 -15.23 19.85 29.92
C ILE D 257 -14.00 19.16 29.37
N GLY D 258 -13.41 19.69 28.31
CA GLY D 258 -12.16 19.18 27.80
C GLY D 258 -12.17 18.39 26.52
N PHE D 259 -13.30 18.32 25.81
CA PHE D 259 -13.26 17.76 24.48
C PHE D 259 -12.46 18.70 23.59
N GLU D 260 -11.65 18.13 22.67
CA GLU D 260 -10.87 18.94 21.74
C GLU D 260 -11.77 19.60 20.72
N LYS D 261 -12.79 18.87 20.26
CA LYS D 261 -13.69 19.24 19.18
C LYS D 261 -15.11 18.83 19.54
N VAL D 262 -16.08 19.66 19.16
CA VAL D 262 -17.47 19.35 19.40
C VAL D 262 -18.15 19.28 18.05
N VAL D 263 -18.75 18.13 17.73
CA VAL D 263 -19.43 17.99 16.45
C VAL D 263 -20.85 17.47 16.66
N LEU D 264 -21.67 17.70 15.64
CA LEU D 264 -23.05 17.24 15.58
C LEU D 264 -23.13 16.17 14.50
N ASP D 265 -23.50 14.97 14.91
CA ASP D 265 -23.69 13.86 13.98
C ASP D 265 -24.95 14.11 13.17
N LEU D 266 -24.75 14.32 11.85
CA LEU D 266 -25.89 14.62 10.97
C LEU D 266 -26.70 13.43 10.68
N ASN D 267 -26.54 12.30 11.36
CA ASN D 267 -27.40 11.14 11.19
C ASN D 267 -28.37 11.20 12.35
N PHE D 268 -29.52 11.87 12.14
CA PHE D 268 -30.50 12.03 13.21
C PHE D 268 -31.40 10.80 13.25
N LYS D 269 -31.82 10.40 14.46
CA LYS D 269 -32.59 9.18 14.68
C LYS D 269 -34.08 9.30 14.31
N GLY D 270 -34.55 8.40 13.45
CA GLY D 270 -35.90 8.46 12.91
C GLY D 270 -37.03 8.38 13.93
N GLY E 18 -39.83 -39.99 -9.51
CA GLY E 18 -38.62 -39.95 -8.71
C GLY E 18 -38.51 -38.72 -7.82
N LEU E 19 -38.96 -37.56 -8.34
CA LEU E 19 -38.96 -36.33 -7.53
C LEU E 19 -39.99 -36.39 -6.41
N LEU E 20 -41.18 -36.97 -6.68
CA LEU E 20 -42.22 -37.07 -5.65
C LEU E 20 -41.78 -37.92 -4.47
N GLU E 21 -41.01 -38.99 -4.72
CA GLU E 21 -40.45 -39.82 -3.64
C GLU E 21 -39.45 -39.04 -2.77
N LYS E 22 -38.67 -38.15 -3.39
CA LYS E 22 -37.77 -37.30 -2.60
C LYS E 22 -38.55 -36.30 -1.77
N TYR E 23 -39.57 -35.66 -2.36
CA TYR E 23 -40.37 -34.66 -1.65
C TYR E 23 -41.05 -35.25 -0.42
N ASN E 24 -41.59 -36.46 -0.56
CA ASN E 24 -42.32 -37.08 0.55
C ASN E 24 -41.40 -37.36 1.74
N SER E 25 -40.21 -37.89 1.47
CA SER E 25 -39.26 -38.20 2.55
C SER E 25 -38.89 -36.94 3.31
N LEU E 26 -38.77 -35.81 2.60
CA LEU E 26 -38.48 -34.52 3.22
C LEU E 26 -39.56 -34.14 4.24
N LEU E 27 -40.83 -34.36 3.90
CA LEU E 27 -41.94 -34.04 4.81
C LEU E 27 -41.90 -34.92 6.06
N GLU E 28 -41.49 -36.19 5.88
CA GLU E 28 -41.35 -37.13 6.98
C GLU E 28 -40.21 -36.74 7.92
N PHE E 29 -39.15 -36.17 7.35
CA PHE E 29 -38.00 -35.76 8.15
C PHE E 29 -38.35 -34.56 9.05
N PHE E 30 -39.13 -33.62 8.53
CA PHE E 30 -39.55 -32.47 9.34
C PHE E 30 -40.67 -32.80 10.33
N LYS E 31 -41.26 -34.00 10.29
CA LYS E 31 -42.36 -34.32 11.21
C LYS E 31 -41.91 -34.21 12.67
N ASN E 32 -42.63 -33.39 13.45
CA ASN E 32 -42.44 -33.26 14.90
C ASN E 32 -41.03 -32.82 15.27
N LYS E 33 -40.39 -32.05 14.40
CA LYS E 33 -39.04 -31.54 14.67
C LYS E 33 -39.12 -30.02 14.75
N LYS E 34 -38.38 -29.44 15.70
CA LYS E 34 -38.28 -27.98 15.80
C LYS E 34 -37.09 -27.55 14.92
N VAL E 35 -37.39 -27.02 13.74
CA VAL E 35 -36.42 -26.87 12.66
C VAL E 35 -35.99 -25.41 12.53
N ILE E 36 -34.69 -25.19 12.43
CA ILE E 36 -34.12 -23.88 12.12
C ILE E 36 -33.42 -23.96 10.77
N VAL E 37 -33.83 -23.11 9.84
CA VAL E 37 -33.36 -23.13 8.46
C VAL E 37 -32.38 -21.98 8.26
N ALA E 38 -31.26 -22.27 7.61
CA ALA E 38 -30.30 -21.23 7.24
C ALA E 38 -30.83 -20.54 6.00
N TYR E 39 -31.69 -19.53 6.23
CA TYR E 39 -32.46 -18.89 5.16
C TYR E 39 -31.81 -17.66 4.55
N SER E 40 -31.66 -17.67 3.22
CA SER E 40 -30.99 -16.59 2.51
C SER E 40 -31.85 -15.92 1.43
N GLY E 41 -32.96 -16.51 1.02
CA GLY E 41 -33.72 -15.96 -0.08
C GLY E 41 -33.46 -16.67 -1.39
N GLY E 42 -32.38 -17.47 -1.47
CA GLY E 42 -32.02 -18.19 -2.67
C GLY E 42 -33.00 -19.29 -3.05
N VAL E 43 -32.77 -19.88 -4.22
CA VAL E 43 -33.66 -20.94 -4.69
C VAL E 43 -33.67 -22.09 -3.69
N ASP E 44 -32.48 -22.59 -3.37
CA ASP E 44 -32.27 -23.71 -2.46
C ASP E 44 -32.91 -23.45 -1.10
N SER E 45 -32.49 -22.35 -0.48
CA SER E 45 -32.89 -21.98 0.88
C SER E 45 -34.39 -21.74 0.98
N THR E 46 -34.98 -21.11 -0.04
CA THR E 46 -36.42 -20.83 -0.04
C THR E 46 -37.26 -22.09 -0.18
N LEU E 47 -36.79 -23.06 -0.97
CA LEU E 47 -37.50 -24.31 -1.16
C LEU E 47 -37.74 -25.01 0.19
N ILE E 48 -36.65 -25.22 0.92
CA ILE E 48 -36.64 -25.90 2.21
C ILE E 48 -37.37 -25.09 3.27
N SER E 49 -37.37 -23.76 3.16
CA SER E 49 -37.95 -22.92 4.20
C SER E 49 -39.45 -23.13 4.34
N LYS E 50 -40.21 -23.04 3.25
CA LYS E 50 -41.66 -23.26 3.38
C LYS E 50 -42.00 -24.74 3.60
N ILE E 51 -41.26 -25.65 2.94
CA ILE E 51 -41.52 -27.08 3.08
C ILE E 51 -41.59 -27.44 4.56
N ALA E 52 -40.69 -26.83 5.36
CA ALA E 52 -40.63 -26.98 6.80
C ALA E 52 -41.69 -26.16 7.57
N SER E 53 -42.14 -25.00 7.05
CA SER E 53 -42.98 -24.08 7.84
C SER E 53 -44.28 -24.72 8.33
N ASP E 54 -45.00 -25.39 7.44
CA ASP E 54 -46.26 -26.01 7.85
C ASP E 54 -46.09 -27.45 8.33
N ASN E 55 -44.98 -28.11 7.94
CA ASN E 55 -44.68 -29.51 8.31
C ASN E 55 -44.07 -29.61 9.69
N ALA E 56 -43.45 -28.53 10.16
CA ALA E 56 -42.73 -28.49 11.42
C ALA E 56 -42.80 -27.09 12.01
N GLN E 57 -42.58 -27.01 13.32
CA GLN E 57 -42.43 -25.72 13.98
C GLN E 57 -41.08 -25.15 13.52
N THR E 58 -41.12 -24.27 12.51
CA THR E 58 -39.92 -23.87 11.76
C THR E 58 -39.68 -22.38 11.97
N LEU E 59 -38.39 -22.01 11.92
CA LEU E 59 -37.93 -20.61 11.90
C LEU E 59 -36.82 -20.46 10.87
N ALA E 60 -37.08 -19.65 9.84
CA ALA E 60 -36.07 -19.31 8.87
C ALA E 60 -35.26 -18.14 9.44
N VAL E 61 -33.95 -18.34 9.63
CA VAL E 61 -33.05 -17.32 10.17
C VAL E 61 -32.10 -16.86 9.06
N THR E 62 -32.01 -15.53 8.88
CA THR E 62 -31.09 -14.88 7.96
C THR E 62 -30.06 -14.12 8.77
N ILE E 63 -28.78 -14.39 8.52
CA ILE E 63 -27.71 -13.70 9.24
C ILE E 63 -27.16 -12.57 8.37
N ASP E 64 -27.47 -11.32 8.71
CA ASP E 64 -26.96 -10.20 7.94
C ASP E 64 -25.61 -9.83 8.52
N ASN E 65 -24.54 -10.37 7.95
CA ASN E 65 -23.21 -10.03 8.45
C ASN E 65 -22.63 -8.83 7.74
N GLY E 66 -23.34 -8.29 6.75
CA GLY E 66 -22.88 -7.14 6.02
C GLY E 66 -22.27 -7.44 4.67
N PHE E 67 -22.29 -8.70 4.25
CA PHE E 67 -21.82 -9.03 2.91
C PHE E 67 -22.93 -8.88 1.87
N PHE E 68 -24.15 -8.60 2.30
CA PHE E 68 -25.30 -8.47 1.43
C PHE E 68 -25.93 -7.10 1.55
N SER E 69 -26.40 -6.62 0.40
CA SER E 69 -27.06 -5.33 0.27
C SER E 69 -28.42 -5.31 0.96
N GLU E 70 -28.88 -4.11 1.31
CA GLU E 70 -30.18 -3.91 1.93
C GLU E 70 -31.29 -4.48 1.06
N ASN E 71 -31.18 -4.31 -0.25
CA ASN E 71 -32.16 -4.85 -1.19
C ASN E 71 -32.32 -6.36 -1.04
N VAL E 72 -31.19 -7.07 -1.00
CA VAL E 72 -31.23 -8.54 -0.94
C VAL E 72 -31.86 -9.02 0.35
N ILE E 73 -31.51 -8.39 1.48
CA ILE E 73 -32.14 -8.76 2.75
C ILE E 73 -33.62 -8.44 2.73
N LYS E 74 -34.00 -7.29 2.16
CA LYS E 74 -35.41 -6.94 2.01
C LYS E 74 -36.13 -7.98 1.15
N LYS E 75 -35.53 -8.34 0.01
CA LYS E 75 -36.13 -9.36 -0.86
C LYS E 75 -36.29 -10.69 -0.14
N ALA E 76 -35.24 -11.13 0.57
CA ALA E 76 -35.34 -12.38 1.30
C ALA E 76 -36.39 -12.29 2.41
N GLU E 77 -36.46 -11.15 3.12
CA GLU E 77 -37.51 -10.96 4.11
C GLU E 77 -38.89 -10.96 3.44
N ASN E 78 -39.03 -10.26 2.31
CA ASN E 78 -40.32 -10.19 1.60
C ASN E 78 -40.79 -11.57 1.14
N ARG E 79 -39.88 -12.43 0.65
CA ARG E 79 -40.36 -13.76 0.26
C ARG E 79 -41.01 -14.47 1.43
N ALA E 80 -40.42 -14.36 2.62
CA ALA E 80 -40.98 -14.98 3.81
C ALA E 80 -42.34 -14.39 4.16
N LYS E 81 -42.49 -13.07 4.07
CA LYS E 81 -43.67 -12.40 4.59
C LYS E 81 -44.96 -12.78 3.85
N LYS E 82 -44.88 -12.99 2.53
CA LYS E 82 -46.08 -13.41 1.83
C LYS E 82 -46.47 -14.85 2.18
N TYR E 83 -45.47 -15.72 2.38
CA TYR E 83 -45.69 -17.13 2.69
C TYR E 83 -46.01 -17.41 4.12
N ASN E 84 -46.11 -16.39 4.97
CA ASN E 84 -46.33 -16.59 6.38
C ASN E 84 -45.26 -17.57 6.87
N ILE E 85 -44.05 -17.45 6.27
CA ILE E 85 -42.89 -18.23 6.69
C ILE E 85 -42.28 -17.43 7.81
N PRO E 86 -42.16 -18.02 8.98
CA PRO E 86 -41.62 -17.29 10.14
C PRO E 86 -40.16 -16.97 9.85
N GLN E 87 -39.83 -15.69 9.85
CA GLN E 87 -38.48 -15.36 9.49
C GLN E 87 -38.01 -14.23 10.40
N LYS E 88 -36.77 -14.35 10.85
CA LYS E 88 -36.08 -13.35 11.64
C LYS E 88 -34.73 -13.07 10.98
N THR E 89 -34.32 -11.82 10.99
CA THR E 89 -33.02 -11.42 10.49
C THR E 89 -32.16 -10.86 11.62
N ILE E 90 -30.90 -11.28 11.64
CA ILE E 90 -29.98 -10.90 12.69
C ILE E 90 -28.80 -10.19 12.04
N LYS E 91 -28.71 -8.88 12.23
CA LYS E 91 -27.49 -8.15 11.87
C LYS E 91 -26.45 -8.42 12.93
N ILE E 92 -25.27 -8.82 12.48
CA ILE E 92 -24.15 -9.13 13.32
C ILE E 92 -23.02 -8.25 12.85
N ASP E 93 -22.20 -7.77 13.77
CA ASP E 93 -21.06 -6.99 13.36
C ASP E 93 -19.94 -8.01 13.12
N TYR E 94 -19.80 -8.46 11.86
CA TYR E 94 -18.83 -9.49 11.51
C TYR E 94 -17.52 -8.93 11.02
N LEU E 95 -17.50 -7.74 10.41
CA LEU E 95 -16.27 -7.26 9.78
C LEU E 95 -15.19 -6.81 10.75
N ASN E 96 -15.34 -5.59 11.21
CA ASN E 96 -14.25 -4.71 11.64
C ASN E 96 -12.85 -5.33 11.80
N GLU E 97 -12.73 -6.52 12.38
CA GLU E 97 -11.39 -6.99 12.73
C GLU E 97 -10.52 -7.56 11.62
N ILE E 98 -9.62 -8.46 12.04
CA ILE E 98 -8.75 -9.20 11.15
C ILE E 98 -9.47 -10.23 10.30
N THR E 99 -10.79 -10.37 10.43
CA THR E 99 -11.46 -11.34 9.57
C THR E 99 -11.67 -10.78 8.16
N SER E 100 -11.78 -9.45 8.08
CA SER E 100 -11.73 -8.65 6.87
C SER E 100 -10.32 -8.63 6.26
N LYS E 101 -9.30 -8.75 7.11
CA LYS E 101 -7.93 -8.76 6.60
C LYS E 101 -7.67 -10.07 5.87
N ASP E 102 -8.13 -11.17 6.45
CA ASP E 102 -8.08 -12.52 5.88
C ASP E 102 -8.98 -12.68 4.66
N LEU E 103 -8.44 -12.53 3.47
CA LEU E 103 -9.23 -12.80 2.28
C LEU E 103 -9.14 -14.26 1.86
N GLU E 104 -8.05 -14.95 2.17
CA GLU E 104 -7.90 -16.31 1.68
C GLU E 104 -9.01 -17.22 2.22
N ASN E 105 -9.34 -17.11 3.49
CA ASN E 105 -10.37 -17.97 4.07
C ASN E 105 -11.77 -17.35 4.21
N ARG E 106 -12.03 -16.17 3.61
CA ARG E 106 -13.27 -15.44 3.93
C ARG E 106 -14.48 -16.35 3.95
N CYS E 107 -14.62 -17.21 2.92
CA CYS E 107 -15.82 -18.03 2.86
C CYS E 107 -15.90 -18.98 4.04
N TYR E 108 -14.79 -19.60 4.39
CA TYR E 108 -14.83 -20.46 5.56
C TYR E 108 -15.23 -19.66 6.80
N ASN E 109 -14.51 -18.56 7.08
CA ASN E 109 -14.84 -17.72 8.23
C ASN E 109 -16.26 -17.22 8.17
N CYS E 110 -16.73 -16.87 6.99
CA CYS E 110 -18.07 -16.32 6.88
C CYS E 110 -19.07 -17.27 7.49
N LYS E 111 -19.13 -18.51 6.95
CA LYS E 111 -20.13 -19.45 7.40
C LYS E 111 -19.87 -19.94 8.81
N LYS E 112 -18.60 -20.06 9.21
CA LYS E 112 -18.34 -20.52 10.57
C LYS E 112 -19.00 -19.61 11.57
N ARG E 113 -18.98 -18.32 11.31
CA ARG E 113 -19.64 -17.38 12.20
C ARG E 113 -21.15 -17.52 12.11
N ILE E 114 -21.69 -17.69 10.91
CA ILE E 114 -23.13 -17.87 10.76
C ILE E 114 -23.58 -19.14 11.48
N ALA E 115 -22.82 -20.23 11.28
CA ALA E 115 -23.12 -21.47 11.94
C ALA E 115 -23.15 -21.26 13.44
N GLU E 116 -22.22 -20.47 13.95
CA GLU E 116 -22.20 -20.19 15.37
C GLU E 116 -23.49 -19.47 15.77
N GLU E 117 -24.01 -18.60 14.88
CA GLU E 117 -25.21 -17.85 15.20
C GLU E 117 -26.45 -18.73 15.09
N LEU E 118 -26.54 -19.58 14.06
CA LEU E 118 -27.67 -20.50 13.97
C LEU E 118 -27.69 -21.45 15.15
N LYS E 119 -26.52 -21.95 15.54
CA LYS E 119 -26.41 -22.84 16.68
C LYS E 119 -26.90 -22.15 17.95
N ARG E 120 -26.62 -20.84 18.09
CA ARG E 120 -27.10 -20.11 19.25
C ARG E 120 -28.62 -20.03 19.27
N ILE E 121 -29.23 -19.61 18.16
CA ILE E 121 -30.68 -19.50 18.11
C ILE E 121 -31.33 -20.84 18.43
N LYS E 122 -30.79 -21.92 17.88
CA LYS E 122 -31.36 -23.24 18.10
C LYS E 122 -31.42 -23.58 19.59
N ASN E 123 -30.33 -23.32 20.32
CA ASN E 123 -30.26 -23.70 21.72
C ASN E 123 -31.03 -22.74 22.65
N GLU E 124 -31.12 -21.45 22.29
CA GLU E 124 -31.98 -20.52 23.04
C GLU E 124 -33.45 -20.86 22.87
N LEU E 125 -33.84 -21.25 21.66
CA LEU E 125 -35.21 -21.69 21.42
C LEU E 125 -35.51 -23.08 21.92
N ASN E 126 -34.48 -23.91 22.10
CA ASN E 126 -34.60 -25.34 22.44
C ASN E 126 -35.19 -26.15 21.27
N TYR E 127 -34.98 -25.66 20.05
CA TYR E 127 -35.31 -26.35 18.83
C TYR E 127 -34.40 -27.57 18.65
N ASP E 128 -34.77 -28.46 17.72
CA ASP E 128 -34.04 -29.71 17.52
C ASP E 128 -32.91 -29.65 16.49
N ILE E 129 -33.16 -29.15 15.28
CA ILE E 129 -32.17 -29.26 14.21
C ILE E 129 -31.95 -27.92 13.49
N ILE E 130 -30.85 -27.86 12.74
CA ILE E 130 -30.53 -26.73 11.87
C ILE E 130 -30.28 -27.25 10.45
N VAL E 131 -31.02 -26.72 9.49
CA VAL E 131 -30.91 -27.19 8.11
C VAL E 131 -30.57 -26.05 7.18
N ASP E 132 -29.92 -26.42 6.08
CA ASP E 132 -29.50 -25.51 5.04
C ASP E 132 -29.84 -26.11 3.69
N GLY E 133 -29.97 -25.24 2.70
CA GLY E 133 -30.29 -25.64 1.34
C GLY E 133 -29.06 -26.04 0.54
N THR E 134 -28.28 -26.95 1.05
CA THR E 134 -27.15 -27.43 0.27
C THR E 134 -27.68 -28.59 -0.56
N ILE E 135 -27.52 -28.51 -1.87
CA ILE E 135 -27.99 -29.56 -2.75
C ILE E 135 -26.84 -30.49 -3.06
N TYR E 136 -27.16 -31.65 -3.62
CA TYR E 136 -26.15 -32.68 -3.85
C TYR E 136 -24.99 -32.23 -4.71
N ASP E 137 -25.25 -31.52 -5.80
CA ASP E 137 -24.15 -31.29 -6.72
C ASP E 137 -23.08 -30.39 -6.08
N ASP E 138 -23.48 -29.52 -5.13
CA ASP E 138 -22.52 -28.66 -4.46
C ASP E 138 -21.41 -29.46 -3.77
N ILE E 139 -21.63 -30.73 -3.46
CA ILE E 139 -20.59 -31.42 -2.70
C ILE E 139 -19.41 -31.82 -3.58
N PHE E 140 -19.56 -31.79 -4.90
CA PHE E 140 -18.47 -32.17 -5.78
C PHE E 140 -17.75 -30.96 -6.36
N GLU E 141 -17.98 -29.81 -5.77
CA GLU E 141 -17.27 -28.59 -6.10
C GLU E 141 -16.59 -28.17 -4.82
N ASP E 142 -15.59 -27.33 -4.95
CA ASP E 142 -14.84 -26.89 -3.79
C ASP E 142 -15.69 -25.89 -3.02
N ARG E 143 -16.31 -26.32 -1.95
CA ARG E 143 -17.11 -25.28 -1.31
C ARG E 143 -16.70 -25.13 0.16
N PRO E 144 -16.02 -24.02 0.55
CA PRO E 144 -15.50 -23.86 1.92
C PRO E 144 -16.50 -23.55 3.01
N GLY E 145 -17.57 -22.82 2.67
CA GLY E 145 -18.49 -22.46 3.70
C GLY E 145 -19.42 -23.61 4.03
N ILE E 146 -19.67 -24.52 3.08
CA ILE E 146 -20.39 -25.73 3.45
C ILE E 146 -19.47 -26.60 4.30
N LYS E 147 -18.15 -26.49 4.12
CA LYS E 147 -17.23 -27.23 4.96
C LYS E 147 -17.31 -26.78 6.42
N ALA E 148 -17.24 -25.47 6.65
CA ALA E 148 -17.45 -24.97 8.00
C ALA E 148 -18.81 -25.39 8.54
N PHE E 149 -19.84 -25.37 7.68
CA PHE E 149 -21.19 -25.75 8.12
C PHE E 149 -21.22 -27.21 8.54
N ASN E 150 -20.73 -28.10 7.67
CA ASN E 150 -20.74 -29.50 8.06
C ASN E 150 -19.83 -29.77 9.25
N GLU E 151 -19.08 -28.76 9.71
CA GLU E 151 -18.40 -28.85 11.00
C GLU E 151 -19.37 -28.70 12.17
N SER E 152 -20.30 -27.72 12.10
CA SER E 152 -21.31 -27.57 13.16
C SER E 152 -22.49 -28.49 13.04
N ASN E 153 -22.31 -29.69 12.50
CA ASN E 153 -23.39 -30.66 12.28
C ASN E 153 -24.69 -29.97 11.89
N ILE E 154 -24.67 -29.40 10.69
CA ILE E 154 -25.84 -28.77 10.09
C ILE E 154 -26.29 -29.67 8.95
N ILE E 155 -27.56 -30.03 9.00
CA ILE E 155 -28.11 -31.05 8.13
C ILE E 155 -28.43 -30.44 6.78
N SER E 156 -28.01 -31.11 5.72
CA SER E 156 -28.22 -30.66 4.36
C SER E 156 -29.26 -31.57 3.70
N PRO E 157 -30.57 -31.38 3.97
CA PRO E 157 -31.54 -32.41 3.54
C PRO E 157 -31.60 -32.56 2.06
N LEU E 158 -31.44 -31.47 1.33
CA LEU E 158 -31.42 -31.57 -0.11
C LEU E 158 -30.27 -32.44 -0.58
N SER E 159 -29.09 -32.31 0.01
CA SER E 159 -27.97 -33.13 -0.43
C SER E 159 -28.20 -34.58 -0.03
N ASN E 160 -28.76 -34.81 1.15
CA ASN E 160 -28.98 -36.16 1.63
C ASN E 160 -29.96 -36.93 0.74
N LEU E 161 -30.92 -36.23 0.12
CA LEU E 161 -31.89 -36.85 -0.78
C LEU E 161 -31.49 -36.76 -2.25
N LYS E 162 -30.22 -36.45 -2.54
CA LYS E 162 -29.67 -36.44 -3.91
C LYS E 162 -30.48 -35.52 -4.84
N PHE E 163 -30.89 -34.37 -4.32
CA PHE E 163 -31.55 -33.36 -5.13
C PHE E 163 -30.53 -32.74 -6.10
N SER E 164 -30.85 -32.70 -7.38
CA SER E 164 -29.96 -32.05 -8.33
C SER E 164 -30.41 -30.61 -8.53
N LYS E 165 -29.71 -29.88 -9.41
CA LYS E 165 -30.09 -28.50 -9.67
C LYS E 165 -31.50 -28.41 -10.26
N ASN E 166 -31.84 -29.30 -11.20
CA ASN E 166 -33.18 -29.30 -11.78
C ASN E 166 -34.24 -29.77 -10.79
N ASP E 167 -33.90 -30.74 -9.93
CA ASP E 167 -34.87 -31.24 -8.94
C ASP E 167 -35.38 -30.11 -8.08
N VAL E 168 -34.48 -29.21 -7.72
CA VAL E 168 -34.82 -28.03 -6.93
C VAL E 168 -35.64 -27.07 -7.77
N PHE E 169 -35.16 -26.79 -8.99
CA PHE E 169 -35.87 -25.89 -9.88
C PHE E 169 -37.26 -26.43 -10.19
N GLU E 170 -37.35 -27.72 -10.53
CA GLU E 170 -38.64 -28.28 -10.89
C GLU E 170 -39.56 -28.40 -9.68
N LEU E 171 -39.04 -28.87 -8.54
CA LEU E 171 -39.93 -28.95 -7.39
C LEU E 171 -40.44 -27.58 -7.00
N SER E 172 -39.62 -26.53 -7.18
CA SER E 172 -40.02 -25.18 -6.80
C SER E 172 -41.19 -24.66 -7.64
N ASN E 173 -41.17 -24.91 -8.96
CA ASN E 173 -42.30 -24.47 -9.75
C ASN E 173 -43.57 -25.19 -9.31
N TYR E 174 -43.47 -26.51 -9.08
CA TYR E 174 -44.58 -27.31 -8.57
C TYR E 174 -45.00 -26.93 -7.17
N LEU E 175 -44.04 -26.61 -6.31
CA LEU E 175 -44.41 -26.14 -4.99
C LEU E 175 -45.13 -24.80 -5.10
N LYS E 176 -45.19 -24.29 -6.33
CA LYS E 176 -45.70 -22.99 -6.72
C LYS E 176 -44.82 -21.95 -6.03
N ILE E 177 -43.55 -22.34 -5.85
CA ILE E 177 -42.56 -21.43 -5.28
C ILE E 177 -42.16 -20.49 -6.41
N ASP E 178 -42.43 -19.21 -6.21
CA ASP E 178 -42.29 -18.30 -7.34
C ASP E 178 -40.86 -18.28 -7.80
N ILE E 179 -40.70 -18.16 -9.11
CA ILE E 179 -39.48 -18.21 -9.90
C ILE E 179 -38.16 -18.04 -9.16
N PRO E 180 -37.12 -18.69 -9.65
CA PRO E 180 -35.78 -18.47 -9.10
C PRO E 180 -35.23 -17.13 -9.60
N LYS E 181 -34.16 -16.67 -8.94
CA LYS E 181 -33.47 -15.45 -9.33
C LYS E 181 -32.18 -15.46 -8.52
N LYS E 182 -31.10 -14.97 -9.10
CA LYS E 182 -29.81 -15.14 -8.46
C LYS E 182 -29.33 -13.82 -7.88
N ASP E 183 -28.88 -13.85 -6.63
CA ASP E 183 -28.21 -12.74 -5.94
C ASP E 183 -26.98 -13.30 -5.27
N THR E 184 -25.81 -12.74 -5.61
CA THR E 184 -24.54 -13.23 -5.07
C THR E 184 -23.90 -12.20 -4.14
N CYS E 185 -23.26 -12.72 -3.10
CA CYS E 185 -22.57 -11.92 -2.08
C CYS E 185 -21.67 -10.80 -2.63
N MET E 186 -21.72 -9.62 -1.97
CA MET E 186 -20.88 -8.49 -2.39
C MET E 186 -19.39 -8.74 -2.12
N ALA E 187 -19.06 -9.43 -1.03
CA ALA E 187 -17.64 -9.64 -0.71
C ALA E 187 -16.89 -10.40 -1.80
N THR E 188 -17.62 -11.12 -2.65
CA THR E 188 -17.02 -11.86 -3.76
C THR E 188 -16.34 -10.92 -4.75
N ARG E 189 -16.81 -9.67 -4.81
CA ARG E 189 -16.23 -8.70 -5.71
C ARG E 189 -14.85 -8.25 -5.26
N ILE E 190 -14.58 -8.29 -3.95
CA ILE E 190 -13.31 -7.81 -3.41
C ILE E 190 -12.24 -8.88 -3.67
N LEU E 191 -11.29 -8.58 -4.55
CA LEU E 191 -10.23 -9.52 -4.89
C LEU E 191 -8.95 -9.29 -4.12
N SER E 192 -8.86 -8.21 -3.37
CA SER E 192 -7.65 -7.88 -2.63
C SER E 192 -8.05 -7.51 -1.21
N ALA E 193 -7.27 -7.98 -0.25
CA ALA E 193 -7.51 -7.59 1.13
C ALA E 193 -7.49 -6.07 1.21
N PRO E 194 -8.33 -5.49 2.06
CA PRO E 194 -9.26 -6.13 2.97
C PRO E 194 -10.68 -6.07 2.43
N ILE E 195 -11.55 -6.88 3.00
CA ILE E 195 -12.98 -6.82 2.71
C ILE E 195 -13.52 -5.65 3.53
N SER E 196 -13.72 -4.52 2.89
CA SER E 196 -14.21 -3.37 3.63
C SER E 196 -15.68 -3.13 3.35
N LYS E 197 -16.34 -2.41 4.25
CA LYS E 197 -17.69 -2.00 3.90
C LYS E 197 -17.64 -1.04 2.73
N GLU E 198 -16.63 -0.16 2.71
CA GLU E 198 -16.54 0.85 1.65
C GLU E 198 -16.19 0.21 0.31
N ASN E 199 -15.34 -0.84 0.31
CA ASN E 199 -14.99 -1.52 -0.94
C ASN E 199 -16.18 -2.23 -1.56
N MET E 200 -16.94 -2.96 -0.76
CA MET E 200 -18.10 -3.59 -1.36
C MET E 200 -19.05 -2.52 -1.91
N ALA E 201 -19.18 -1.39 -1.20
CA ALA E 201 -20.03 -0.30 -1.67
C ALA E 201 -19.53 0.27 -2.99
N LYS E 202 -18.21 0.42 -3.11
CA LYS E 202 -17.66 0.90 -4.36
C LYS E 202 -18.04 -0.05 -5.50
N SER E 203 -17.93 -1.35 -5.28
CA SER E 203 -18.28 -2.29 -6.35
C SER E 203 -19.77 -2.28 -6.63
N ASN E 204 -20.59 -2.25 -5.58
CA ASN E 204 -22.04 -2.29 -5.76
C ASN E 204 -22.54 -1.09 -6.57
N LEU E 205 -22.09 0.13 -6.23
CA LEU E 205 -22.54 1.31 -6.98
C LEU E 205 -22.13 1.22 -8.43
N ALA E 206 -20.89 0.79 -8.68
CA ALA E 206 -20.41 0.65 -10.03
C ALA E 206 -21.27 -0.35 -10.80
N GLU E 207 -21.68 -1.43 -10.14
CA GLU E 207 -22.53 -2.41 -10.82
C GLU E 207 -23.92 -1.84 -11.10
N GLU E 208 -24.55 -1.19 -10.11
CA GLU E 208 -25.89 -0.62 -10.29
C GLU E 208 -25.90 0.39 -11.41
N PHE E 209 -24.83 1.16 -11.56
CA PHE E 209 -24.73 2.15 -12.63
C PHE E 209 -24.69 1.47 -13.99
N ILE E 210 -23.83 0.45 -14.14
CA ILE E 210 -23.72 -0.27 -15.41
C ILE E 210 -25.02 -1.00 -15.74
N LYS E 211 -25.64 -1.62 -14.74
CA LYS E 211 -26.88 -2.34 -14.99
C LYS E 211 -28.03 -1.40 -15.36
N LEU E 212 -28.08 -0.19 -14.78
CA LEU E 212 -29.19 0.72 -15.02
C LEU E 212 -28.99 1.60 -16.25
N ASN E 213 -27.81 2.18 -16.42
CA ASN E 213 -27.64 3.10 -17.54
C ASN E 213 -27.44 2.39 -18.86
N PHE E 214 -27.01 1.13 -18.85
CA PHE E 214 -26.72 0.37 -20.05
C PHE E 214 -27.51 -0.94 -20.17
N HIS E 215 -28.39 -1.24 -19.21
CA HIS E 215 -29.34 -2.35 -19.35
C HIS E 215 -28.64 -3.69 -19.52
N ILE E 216 -27.81 -4.01 -18.52
CA ILE E 216 -27.09 -5.28 -18.49
C ILE E 216 -27.89 -6.24 -17.60
N GLU E 217 -28.76 -7.05 -18.21
CA GLU E 217 -29.55 -8.01 -17.43
C GLU E 217 -28.73 -9.21 -16.95
N SER E 218 -27.81 -9.72 -17.77
CA SER E 218 -27.01 -10.92 -17.47
C SER E 218 -25.86 -10.65 -16.49
N TYR E 219 -25.08 -11.70 -16.25
CA TYR E 219 -24.02 -11.70 -15.25
C TYR E 219 -23.19 -10.44 -15.40
N LEU E 220 -23.07 -9.72 -14.29
CA LEU E 220 -22.33 -8.47 -14.23
C LEU E 220 -21.55 -8.39 -12.95
N ARG E 221 -20.27 -8.09 -13.08
CA ARG E 221 -19.43 -7.96 -11.91
C ARG E 221 -18.50 -6.81 -12.16
N VAL E 222 -18.32 -6.00 -11.13
CA VAL E 222 -17.26 -5.01 -11.09
C VAL E 222 -16.42 -5.41 -9.88
N ARG E 223 -15.36 -6.15 -10.13
CA ARG E 223 -14.47 -6.61 -9.08
C ARG E 223 -13.65 -5.43 -8.56
N TYR E 224 -13.24 -5.52 -7.30
CA TYR E 224 -12.37 -4.53 -6.67
C TYR E 224 -10.99 -5.16 -6.55
N LEU E 225 -10.03 -4.65 -7.30
CA LEU E 225 -8.67 -5.16 -7.22
C LEU E 225 -7.72 -4.01 -6.96
N GLU E 226 -7.41 -3.80 -5.69
CA GLU E 226 -6.49 -2.73 -5.32
C GLU E 226 -6.95 -1.40 -5.94
N ASN E 227 -8.22 -1.08 -5.68
CA ASN E 227 -8.92 0.11 -6.18
C ASN E 227 -8.96 0.20 -7.71
N ILE E 228 -8.75 -0.90 -8.41
CA ILE E 228 -8.97 -0.96 -9.85
C ILE E 228 -10.27 -1.71 -10.05
N ALA E 229 -11.16 -1.16 -10.87
CA ALA E 229 -12.43 -1.82 -11.15
C ALA E 229 -12.26 -2.74 -12.36
N ILE E 230 -12.58 -4.01 -12.18
CA ILE E 230 -12.56 -4.99 -13.26
C ILE E 230 -14.00 -5.40 -13.56
N ILE E 231 -14.50 -4.99 -14.72
CA ILE E 231 -15.84 -5.31 -15.17
C ILE E 231 -15.82 -6.66 -15.89
N GLU E 232 -16.65 -7.58 -15.42
CA GLU E 232 -16.84 -8.90 -16.03
C GLU E 232 -18.20 -8.90 -16.70
N LEU E 233 -18.25 -9.46 -17.92
CA LEU E 233 -19.47 -9.46 -18.70
C LEU E 233 -19.73 -10.84 -19.26
N THR E 234 -20.96 -11.02 -19.70
CA THR E 234 -21.30 -12.22 -20.45
C THR E 234 -21.13 -11.95 -21.94
N LYS E 235 -20.99 -13.01 -22.72
CA LYS E 235 -20.73 -12.85 -24.15
C LYS E 235 -21.83 -12.09 -24.86
N ASN E 236 -23.10 -12.43 -24.61
CA ASN E 236 -24.11 -11.79 -25.42
C ASN E 236 -24.40 -10.34 -25.00
N GLU E 237 -24.21 -9.99 -23.74
CA GLU E 237 -24.44 -8.60 -23.30
C GLU E 237 -23.38 -7.64 -23.85
N SER E 238 -22.22 -8.16 -24.24
CA SER E 238 -21.04 -7.37 -24.62
C SER E 238 -21.40 -6.18 -25.51
N GLU E 239 -22.23 -6.43 -26.51
CA GLU E 239 -22.57 -5.38 -27.46
C GLU E 239 -23.16 -4.15 -26.77
N LYS E 240 -23.75 -4.30 -25.57
CA LYS E 240 -24.37 -3.15 -24.93
C LYS E 240 -23.38 -2.08 -24.47
N ILE E 241 -22.07 -2.35 -24.44
CA ILE E 241 -21.14 -1.32 -23.99
C ILE E 241 -20.00 -1.06 -24.98
N PHE E 242 -20.16 -1.48 -26.24
CA PHE E 242 -19.03 -1.39 -27.15
C PHE E 242 -18.81 -0.02 -27.79
N ASP E 243 -19.81 0.85 -27.84
CA ASP E 243 -19.62 2.17 -28.43
C ASP E 243 -18.84 3.06 -27.45
N ASN E 244 -18.01 3.97 -28.01
CA ASN E 244 -17.13 4.76 -27.16
C ASN E 244 -17.86 5.64 -26.16
N ASP E 245 -19.08 6.07 -26.47
CA ASP E 245 -19.77 6.95 -25.53
C ASP E 245 -20.15 6.20 -24.26
N SER E 246 -20.47 4.91 -24.38
CA SER E 246 -20.77 4.14 -23.19
C SER E 246 -19.52 3.91 -22.36
N ILE E 247 -18.40 3.63 -23.02
CA ILE E 247 -17.17 3.29 -22.32
C ILE E 247 -16.65 4.48 -21.54
N GLU E 248 -16.66 5.68 -22.16
CA GLU E 248 -16.23 6.88 -21.43
C GLU E 248 -17.16 7.16 -20.27
N ARG E 249 -18.47 6.95 -20.45
CA ARG E 249 -19.39 7.18 -19.34
C ARG E 249 -19.06 6.23 -18.20
N ILE E 250 -18.79 4.98 -18.52
CA ILE E 250 -18.49 4.01 -17.49
C ILE E 250 -17.16 4.35 -16.83
N ASN E 251 -16.12 4.56 -17.65
CA ASN E 251 -14.82 4.89 -17.08
C ASN E 251 -14.91 6.13 -16.19
N THR E 252 -15.67 7.15 -16.60
CA THR E 252 -15.73 8.35 -15.78
C THR E 252 -16.56 8.16 -14.51
N GLU E 253 -17.72 7.51 -14.59
CA GLU E 253 -18.52 7.36 -13.37
C GLU E 253 -17.84 6.43 -12.37
N LEU E 254 -17.23 5.36 -12.85
CA LEU E 254 -16.52 4.47 -11.94
C LEU E 254 -15.33 5.17 -11.32
N LYS E 255 -14.68 6.08 -12.06
CA LYS E 255 -13.58 6.80 -11.43
C LYS E 255 -14.09 7.78 -10.37
N LYS E 256 -15.29 8.34 -10.57
CA LYS E 256 -15.87 9.24 -9.57
C LYS E 256 -16.16 8.50 -8.27
N ILE E 257 -16.50 7.22 -8.36
CA ILE E 257 -16.71 6.42 -7.15
C ILE E 257 -15.44 6.19 -6.35
N GLY E 258 -14.28 6.39 -6.99
CA GLY E 258 -12.99 6.25 -6.34
C GLY E 258 -12.12 5.12 -6.83
N PHE E 259 -12.49 4.43 -7.91
CA PHE E 259 -11.58 3.52 -8.57
C PHE E 259 -10.48 4.31 -9.26
N GLU E 260 -9.22 3.83 -9.15
CA GLU E 260 -8.11 4.50 -9.80
C GLU E 260 -8.11 4.23 -11.29
N LYS E 261 -8.54 3.02 -11.67
CA LYS E 261 -8.56 2.52 -13.04
C LYS E 261 -9.82 1.70 -13.25
N VAL E 262 -10.41 1.79 -14.45
CA VAL E 262 -11.55 0.98 -14.83
C VAL E 262 -11.14 0.11 -16.01
N VAL E 263 -11.28 -1.19 -15.87
CA VAL E 263 -10.94 -2.10 -16.95
C VAL E 263 -12.09 -3.07 -17.21
N LEU E 264 -12.07 -3.66 -18.42
CA LEU E 264 -13.02 -4.68 -18.81
C LEU E 264 -12.24 -5.98 -18.94
N ASP E 265 -12.63 -6.98 -18.16
CA ASP E 265 -12.04 -8.32 -18.28
C ASP E 265 -12.49 -8.96 -19.59
N LEU E 266 -11.53 -9.18 -20.49
CA LEU E 266 -11.77 -9.75 -21.81
C LEU E 266 -12.03 -11.30 -21.80
N ASN E 267 -12.31 -11.90 -20.64
CA ASN E 267 -12.76 -13.27 -20.55
C ASN E 267 -14.26 -13.18 -20.33
N PHE E 268 -15.03 -13.17 -21.43
CA PHE E 268 -16.48 -13.11 -21.30
C PHE E 268 -17.05 -14.49 -20.99
N LYS E 269 -18.09 -14.49 -20.15
CA LYS E 269 -18.70 -15.73 -19.67
C LYS E 269 -19.58 -16.39 -20.72
N GLY E 270 -19.30 -17.66 -21.00
CA GLY E 270 -20.01 -18.39 -22.04
C GLY E 270 -21.50 -18.59 -21.85
N GLY F 18 45.16 7.44 -39.54
CA GLY F 18 46.36 7.02 -40.26
C GLY F 18 47.30 6.15 -39.43
N LEU F 19 47.71 4.97 -39.94
CA LEU F 19 48.41 4.01 -39.07
C LEU F 19 49.81 4.47 -38.67
N LEU F 20 50.60 4.99 -39.61
CA LEU F 20 51.99 5.31 -39.28
C LEU F 20 52.11 6.40 -38.22
N GLU F 21 51.34 7.48 -38.35
CA GLU F 21 51.47 8.57 -37.38
C GLU F 21 51.08 8.14 -35.97
N LYS F 22 50.07 7.27 -35.85
CA LYS F 22 49.74 6.79 -34.51
C LYS F 22 50.82 5.86 -33.99
N TYR F 23 51.37 5.03 -34.87
CA TYR F 23 52.49 4.20 -34.44
C TYR F 23 53.64 5.08 -33.96
N ASN F 24 53.97 6.13 -34.71
CA ASN F 24 55.06 7.03 -34.32
C ASN F 24 54.74 7.74 -33.00
N SER F 25 53.49 8.18 -32.81
CA SER F 25 53.12 8.80 -31.54
C SER F 25 53.30 7.83 -30.40
N LEU F 26 53.00 6.56 -30.67
CA LEU F 26 53.17 5.52 -29.67
C LEU F 26 54.62 5.42 -29.22
N LEU F 27 55.55 5.47 -30.18
CA LEU F 27 56.98 5.41 -29.85
C LEU F 27 57.42 6.65 -29.09
N GLU F 28 56.93 7.83 -29.48
CA GLU F 28 57.32 9.04 -28.78
C GLU F 28 56.80 9.05 -27.34
N PHE F 29 55.65 8.41 -27.10
CA PHE F 29 55.09 8.38 -25.74
C PHE F 29 56.00 7.62 -24.78
N PHE F 30 56.45 6.43 -25.19
CA PHE F 30 57.30 5.63 -24.31
C PHE F 30 58.74 6.12 -24.22
N LYS F 31 59.16 7.06 -25.08
CA LYS F 31 60.54 7.53 -25.04
C LYS F 31 60.82 8.18 -23.69
N ASN F 32 61.89 7.72 -23.03
CA ASN F 32 62.31 8.23 -21.73
C ASN F 32 61.25 8.00 -20.65
N LYS F 33 60.46 6.94 -20.79
CA LYS F 33 59.47 6.57 -19.80
C LYS F 33 59.78 5.17 -19.25
N LYS F 34 59.61 5.02 -17.94
CA LYS F 34 59.72 3.71 -17.30
C LYS F 34 58.32 3.09 -17.26
N VAL F 35 58.11 2.11 -18.12
CA VAL F 35 56.80 1.58 -18.47
C VAL F 35 56.59 0.21 -17.83
N ILE F 36 55.41 0.02 -17.24
CA ILE F 36 54.95 -1.29 -16.81
C ILE F 36 53.73 -1.67 -17.63
N VAL F 37 53.78 -2.84 -18.23
CA VAL F 37 52.71 -3.33 -19.10
C VAL F 37 51.93 -4.42 -18.39
N ALA F 38 50.60 -4.34 -18.46
CA ALA F 38 49.75 -5.42 -17.95
C ALA F 38 49.70 -6.53 -18.98
N TYR F 39 50.70 -7.40 -18.93
CA TYR F 39 50.95 -8.41 -19.96
C TYR F 39 50.28 -9.73 -19.68
N SER F 40 49.49 -10.21 -20.65
CA SER F 40 48.75 -11.45 -20.52
C SER F 40 49.07 -12.51 -21.56
N GLY F 41 49.79 -12.17 -22.63
CA GLY F 41 50.09 -13.12 -23.67
C GLY F 41 49.20 -13.03 -24.88
N GLY F 42 48.05 -12.35 -24.76
CA GLY F 42 47.09 -12.18 -25.85
C GLY F 42 47.63 -11.28 -26.95
N VAL F 43 46.87 -11.20 -28.04
CA VAL F 43 47.34 -10.43 -29.21
C VAL F 43 47.56 -8.96 -28.84
N ASP F 44 46.54 -8.36 -28.22
CA ASP F 44 46.60 -6.96 -27.77
C ASP F 44 47.79 -6.76 -26.83
N SER F 45 47.82 -7.60 -25.78
CA SER F 45 48.76 -7.46 -24.69
C SER F 45 50.20 -7.56 -25.17
N THR F 46 50.51 -8.54 -26.05
CA THR F 46 51.90 -8.72 -26.47
C THR F 46 52.39 -7.57 -27.36
N LEU F 47 51.53 -7.07 -28.28
CA LEU F 47 51.94 -6.02 -29.21
C LEU F 47 52.36 -4.76 -28.46
N ILE F 48 51.55 -4.29 -27.53
CA ILE F 48 51.94 -3.13 -26.73
C ILE F 48 53.16 -3.45 -25.90
N SER F 49 53.28 -4.72 -25.48
CA SER F 49 54.42 -5.15 -24.68
C SER F 49 55.71 -5.02 -25.46
N LYS F 50 55.70 -5.50 -26.71
CA LYS F 50 56.89 -5.46 -27.54
C LYS F 50 57.29 -4.04 -27.88
N ILE F 51 56.32 -3.23 -28.31
CA ILE F 51 56.61 -1.87 -28.76
C ILE F 51 57.27 -1.04 -27.66
N ALA F 52 56.83 -1.21 -26.42
CA ALA F 52 57.46 -0.45 -25.35
C ALA F 52 58.86 -0.98 -25.08
N SER F 53 59.04 -2.30 -25.25
CA SER F 53 60.31 -2.95 -24.97
C SER F 53 61.44 -2.35 -25.79
N ASP F 54 61.16 -2.06 -27.05
CA ASP F 54 62.18 -1.64 -27.99
C ASP F 54 62.55 -0.17 -27.82
N ASN F 55 61.64 0.63 -27.25
CA ASN F 55 61.81 2.06 -27.17
C ASN F 55 61.91 2.60 -25.75
N ALA F 56 61.62 1.79 -24.74
CA ALA F 56 61.61 2.26 -23.36
C ALA F 56 62.04 1.15 -22.42
N GLN F 57 62.42 1.55 -21.21
CA GLN F 57 62.68 0.60 -20.12
C GLN F 57 61.33 0.02 -19.70
N THR F 58 61.06 -1.20 -20.14
CA THR F 58 59.76 -1.84 -20.03
C THR F 58 59.84 -3.13 -19.21
N LEU F 59 58.76 -3.41 -18.47
CA LEU F 59 58.59 -4.68 -17.75
C LEU F 59 57.16 -5.15 -17.93
N ALA F 60 56.97 -6.28 -18.60
CA ALA F 60 55.66 -6.89 -18.73
C ALA F 60 55.38 -7.69 -17.48
N VAL F 61 54.33 -7.35 -16.74
CA VAL F 61 54.01 -8.01 -15.49
C VAL F 61 52.82 -8.89 -15.74
N THR F 62 52.88 -10.11 -15.27
CA THR F 62 51.77 -11.04 -15.36
C THR F 62 51.27 -11.34 -13.96
N ILE F 63 50.00 -11.07 -13.69
CA ILE F 63 49.41 -11.39 -12.40
C ILE F 63 48.66 -12.71 -12.56
N ASP F 64 49.25 -13.81 -12.09
CA ASP F 64 48.56 -15.10 -12.18
C ASP F 64 47.66 -15.22 -10.96
N ASN F 65 46.40 -14.85 -11.12
CA ASN F 65 45.46 -14.96 -10.01
C ASN F 65 44.81 -16.34 -9.93
N GLY F 66 45.08 -17.24 -10.88
CA GLY F 66 44.50 -18.56 -10.82
C GLY F 66 43.27 -18.84 -11.65
N PHE F 67 42.84 -17.94 -12.51
CA PHE F 67 41.71 -18.24 -13.39
C PHE F 67 42.14 -18.85 -14.73
N PHE F 68 43.45 -18.92 -14.98
CA PHE F 68 44.01 -19.43 -16.23
C PHE F 68 44.87 -20.65 -15.92
N SER F 69 44.92 -21.57 -16.88
CA SER F 69 45.69 -22.81 -16.73
C SER F 69 47.20 -22.55 -16.71
N GLU F 70 47.94 -23.52 -16.15
CA GLU F 70 49.40 -23.45 -16.16
C GLU F 70 49.93 -23.27 -17.56
N ASN F 71 49.32 -23.98 -18.51
CA ASN F 71 49.73 -23.86 -19.90
C ASN F 71 49.69 -22.40 -20.34
N VAL F 72 48.60 -21.72 -20.03
CA VAL F 72 48.41 -20.36 -20.52
C VAL F 72 49.47 -19.43 -19.94
N ILE F 73 49.75 -19.53 -18.65
CA ILE F 73 50.77 -18.68 -18.06
C ILE F 73 52.13 -19.02 -18.65
N LYS F 74 52.37 -20.32 -18.88
CA LYS F 74 53.63 -20.72 -19.52
C LYS F 74 53.76 -20.06 -20.88
N LYS F 75 52.68 -20.08 -21.67
CA LYS F 75 52.72 -19.51 -23.00
C LYS F 75 53.18 -18.07 -22.96
N ALA F 76 52.65 -17.29 -22.03
CA ALA F 76 52.97 -15.89 -21.97
C ALA F 76 54.44 -15.63 -21.65
N GLU F 77 55.03 -16.40 -20.70
CA GLU F 77 56.36 -16.05 -20.21
C GLU F 77 57.45 -16.25 -21.24
N ASN F 78 57.48 -17.42 -21.86
CA ASN F 78 58.49 -17.70 -22.88
C ASN F 78 58.36 -16.75 -24.08
N ARG F 79 57.14 -16.40 -24.48
CA ARG F 79 56.97 -15.45 -25.57
C ARG F 79 57.58 -14.09 -25.23
N ALA F 80 57.39 -13.63 -24.00
CA ALA F 80 57.88 -12.30 -23.67
C ALA F 80 59.38 -12.20 -23.79
N LYS F 81 60.11 -13.15 -23.21
CA LYS F 81 61.56 -13.09 -23.33
C LYS F 81 61.98 -13.49 -24.75
N LYS F 82 61.13 -14.24 -25.45
CA LYS F 82 61.37 -14.54 -26.86
C LYS F 82 61.56 -13.27 -27.67
N TYR F 83 60.62 -12.34 -27.52
CA TYR F 83 60.60 -11.01 -28.10
C TYR F 83 61.33 -9.98 -27.25
N ASN F 84 62.11 -10.47 -26.28
CA ASN F 84 62.95 -9.67 -25.37
C ASN F 84 62.08 -8.67 -24.60
N ILE F 85 60.88 -9.10 -24.24
CA ILE F 85 60.05 -8.34 -23.34
C ILE F 85 60.42 -8.77 -21.93
N PRO F 86 60.98 -7.89 -21.11
CA PRO F 86 61.28 -8.24 -19.72
C PRO F 86 59.96 -8.51 -18.99
N GLN F 87 59.84 -9.72 -18.45
CA GLN F 87 58.57 -10.15 -17.90
C GLN F 87 58.75 -10.90 -16.57
N LYS F 88 57.87 -10.61 -15.62
CA LYS F 88 57.82 -11.30 -14.33
C LYS F 88 56.37 -11.73 -14.10
N THR F 89 56.16 -12.90 -13.50
CA THR F 89 54.85 -13.41 -13.17
C THR F 89 54.69 -13.45 -11.65
N ILE F 90 53.52 -13.05 -11.16
CA ILE F 90 53.27 -13.00 -9.73
C ILE F 90 52.05 -13.88 -9.40
N LYS F 91 52.27 -14.96 -8.66
CA LYS F 91 51.17 -15.78 -8.14
C LYS F 91 50.54 -15.03 -6.97
N ILE F 92 49.21 -14.92 -6.98
CA ILE F 92 48.45 -14.06 -6.08
C ILE F 92 47.47 -14.88 -5.24
N ASP F 93 47.27 -14.44 -3.99
CA ASP F 93 46.25 -14.98 -3.10
C ASP F 93 44.92 -14.29 -3.39
N TYR F 94 44.29 -14.70 -4.48
CA TYR F 94 43.04 -14.02 -4.80
C TYR F 94 41.84 -14.77 -4.25
N LEU F 95 41.87 -16.09 -4.21
CA LEU F 95 40.74 -16.82 -3.69
C LEU F 95 40.75 -16.75 -2.17
N ASN F 96 39.73 -16.12 -1.58
CA ASN F 96 39.75 -15.98 -0.12
C ASN F 96 38.46 -16.49 0.51
N GLU F 97 37.60 -17.17 -0.25
CA GLU F 97 36.29 -17.63 0.19
C GLU F 97 35.39 -16.42 0.33
N ILE F 98 35.99 -15.23 0.38
CA ILE F 98 35.25 -13.96 0.36
C ILE F 98 34.94 -13.51 -1.06
N THR F 99 35.91 -13.64 -1.97
CA THR F 99 35.69 -13.20 -3.34
C THR F 99 34.91 -14.23 -4.12
N SER F 100 34.98 -15.49 -3.69
CA SER F 100 34.21 -16.56 -4.32
C SER F 100 32.71 -16.34 -4.15
N LYS F 101 32.32 -15.62 -3.08
CA LYS F 101 30.90 -15.38 -2.79
C LYS F 101 30.29 -14.41 -3.81
N ASP F 102 30.91 -13.26 -3.97
CA ASP F 102 30.50 -12.24 -4.93
C ASP F 102 30.69 -12.73 -6.36
N LEU F 103 29.61 -13.15 -7.02
CA LEU F 103 29.74 -13.44 -8.43
C LEU F 103 29.56 -12.22 -9.32
N GLU F 104 28.69 -11.26 -8.98
CA GLU F 104 28.42 -10.19 -9.93
C GLU F 104 29.65 -9.34 -10.21
N ASN F 105 30.43 -9.03 -9.19
CA ASN F 105 31.60 -8.17 -9.38
C ASN F 105 32.85 -8.94 -9.75
N ARG F 106 32.70 -10.21 -10.15
CA ARG F 106 33.86 -11.07 -10.39
C ARG F 106 34.90 -10.34 -11.18
N CYS F 107 34.51 -9.86 -12.37
CA CYS F 107 35.50 -9.22 -13.21
C CYS F 107 36.02 -7.95 -12.57
N TYR F 108 35.16 -7.20 -11.87
CA TYR F 108 35.66 -6.03 -11.17
C TYR F 108 36.71 -6.41 -10.13
N ASN F 109 36.37 -7.35 -9.25
CA ASN F 109 37.33 -7.75 -8.22
C ASN F 109 38.60 -8.31 -8.84
N CYS F 110 38.48 -9.12 -9.90
CA CYS F 110 39.65 -9.69 -10.56
C CYS F 110 40.61 -8.59 -10.94
N LYS F 111 40.14 -7.63 -11.76
CA LYS F 111 40.99 -6.55 -12.26
C LYS F 111 41.35 -5.54 -11.18
N LYS F 112 40.46 -5.28 -10.22
CA LYS F 112 40.82 -4.35 -9.17
C LYS F 112 41.99 -4.86 -8.37
N ARG F 113 42.04 -6.16 -8.10
CA ARG F 113 43.19 -6.73 -7.41
C ARG F 113 44.44 -6.63 -8.28
N ILE F 114 44.30 -6.99 -9.55
CA ILE F 114 45.40 -6.96 -10.51
C ILE F 114 45.99 -5.56 -10.63
N ALA F 115 45.12 -4.54 -10.72
CA ALA F 115 45.60 -3.17 -10.74
C ALA F 115 46.39 -2.84 -9.49
N GLU F 116 45.94 -3.38 -8.35
CA GLU F 116 46.58 -3.05 -7.09
C GLU F 116 48.01 -3.56 -7.08
N GLU F 117 48.24 -4.74 -7.67
CA GLU F 117 49.59 -5.30 -7.68
C GLU F 117 50.48 -4.55 -8.65
N LEU F 118 49.95 -4.21 -9.84
CA LEU F 118 50.70 -3.42 -10.80
C LEU F 118 51.08 -2.08 -10.19
N LYS F 119 50.13 -1.45 -9.50
CA LYS F 119 50.43 -0.20 -8.79
C LYS F 119 51.52 -0.41 -7.75
N ARG F 120 51.52 -1.56 -7.09
CA ARG F 120 52.58 -1.82 -6.13
C ARG F 120 53.93 -1.93 -6.83
N ILE F 121 54.03 -2.78 -7.84
CA ILE F 121 55.30 -2.96 -8.55
C ILE F 121 55.81 -1.63 -9.09
N LYS F 122 54.94 -0.82 -9.68
CA LYS F 122 55.38 0.46 -10.26
C LYS F 122 56.04 1.34 -9.22
N ASN F 123 55.48 1.40 -8.01
CA ASN F 123 56.04 2.29 -7.00
C ASN F 123 57.30 1.72 -6.34
N GLU F 124 57.41 0.39 -6.24
CA GLU F 124 58.62 -0.22 -5.71
C GLU F 124 59.80 -0.01 -6.65
N LEU F 125 59.59 -0.22 -7.94
CA LEU F 125 60.64 -0.03 -8.93
C LEU F 125 60.93 1.45 -9.18
N ASN F 126 60.00 2.34 -8.81
CA ASN F 126 60.10 3.78 -9.07
C ASN F 126 59.95 4.10 -10.55
N TYR F 127 59.16 3.30 -11.24
CA TYR F 127 58.76 3.50 -12.62
C TYR F 127 57.82 4.71 -12.73
N ASP F 128 57.50 5.10 -13.97
CA ASP F 128 56.63 6.24 -14.24
C ASP F 128 55.16 5.87 -14.45
N ILE F 129 54.86 4.98 -15.41
CA ILE F 129 53.48 4.74 -15.82
C ILE F 129 53.18 3.25 -15.90
N ILE F 130 51.89 2.94 -15.95
CA ILE F 130 51.39 1.58 -16.14
C ILE F 130 50.48 1.60 -17.35
N VAL F 131 50.70 0.68 -18.30
CA VAL F 131 49.86 0.61 -19.50
C VAL F 131 49.26 -0.78 -19.59
N ASP F 132 48.17 -0.86 -20.34
CA ASP F 132 47.49 -2.12 -20.62
C ASP F 132 47.10 -2.13 -22.08
N GLY F 133 46.84 -3.32 -22.59
CA GLY F 133 46.48 -3.50 -23.98
C GLY F 133 45.00 -3.36 -24.28
N THR F 134 44.42 -2.26 -23.84
CA THR F 134 43.03 -1.99 -24.16
C THR F 134 43.06 -1.22 -25.48
N ILE F 135 42.30 -1.70 -26.46
CA ILE F 135 42.26 -1.10 -27.78
C ILE F 135 41.01 -0.24 -27.95
N TYR F 136 40.95 0.50 -29.07
CA TYR F 136 39.84 1.40 -29.40
C TYR F 136 38.51 0.66 -29.45
N ASP F 137 38.50 -0.58 -29.93
CA ASP F 137 37.26 -1.32 -30.11
C ASP F 137 36.57 -1.57 -28.78
N ASP F 138 37.35 -1.80 -27.74
CA ASP F 138 36.88 -2.10 -26.39
C ASP F 138 36.08 -0.97 -25.77
N ILE F 139 36.12 0.23 -26.35
CA ILE F 139 35.46 1.34 -25.68
C ILE F 139 33.96 1.20 -25.81
N PHE F 140 33.51 0.49 -26.84
CA PHE F 140 32.08 0.37 -27.14
C PHE F 140 31.47 -0.92 -26.67
N GLU F 141 32.11 -1.60 -25.74
CA GLU F 141 31.53 -2.75 -25.08
C GLU F 141 31.56 -2.51 -23.58
N ASP F 142 30.71 -3.24 -22.86
CA ASP F 142 30.69 -3.09 -21.42
C ASP F 142 31.89 -3.91 -20.98
N ARG F 143 33.05 -3.26 -20.90
CA ARG F 143 34.27 -3.96 -20.55
C ARG F 143 34.07 -4.72 -19.24
N PRO F 144 34.76 -5.86 -19.04
CA PRO F 144 34.46 -6.64 -17.85
C PRO F 144 34.76 -5.82 -16.61
N GLY F 145 36.04 -5.59 -16.34
CA GLY F 145 36.34 -4.79 -15.19
C GLY F 145 37.17 -3.59 -15.53
N ILE F 146 37.16 -3.11 -16.79
CA ILE F 146 37.88 -1.87 -17.08
C ILE F 146 37.27 -0.74 -16.27
N LYS F 147 36.09 -0.95 -15.70
CA LYS F 147 35.67 -0.02 -14.67
C LYS F 147 36.74 0.02 -13.57
N ALA F 148 37.11 -1.16 -13.04
CA ALA F 148 38.13 -1.26 -11.99
C ALA F 148 39.50 -0.73 -12.44
N PHE F 149 39.88 -0.99 -13.70
CA PHE F 149 41.16 -0.54 -14.19
C PHE F 149 41.27 0.99 -14.25
N ASN F 150 40.34 1.64 -14.94
CA ASN F 150 40.52 3.07 -15.12
C ASN F 150 40.30 3.87 -13.83
N GLU F 151 39.92 3.22 -12.72
CA GLU F 151 40.07 3.94 -11.44
C GLU F 151 41.54 4.04 -11.02
N SER F 152 42.29 2.97 -11.20
CA SER F 152 43.70 2.95 -10.80
C SER F 152 44.68 3.50 -11.83
N ASN F 153 44.40 4.66 -12.42
CA ASN F 153 45.28 5.34 -13.39
C ASN F 153 46.16 4.41 -14.23
N ILE F 154 45.52 3.55 -14.99
CA ILE F 154 46.24 2.72 -15.95
C ILE F 154 45.94 3.29 -17.32
N ILE F 155 47.00 3.61 -18.04
CA ILE F 155 46.88 4.22 -19.36
C ILE F 155 46.76 3.13 -20.43
N SER F 156 45.83 3.32 -21.35
CA SER F 156 45.62 2.40 -22.48
C SER F 156 46.05 3.12 -23.75
N PRO F 157 47.33 3.06 -24.12
CA PRO F 157 47.81 3.89 -25.23
C PRO F 157 47.23 3.44 -26.54
N LEU F 158 47.01 2.15 -26.72
CA LEU F 158 46.43 1.67 -27.97
C LEU F 158 45.07 2.27 -28.17
N SER F 159 44.28 2.40 -27.10
CA SER F 159 42.98 3.02 -27.23
C SER F 159 43.11 4.53 -27.46
N ASN F 160 44.01 5.22 -26.72
CA ASN F 160 44.16 6.67 -26.85
C ASN F 160 44.51 7.09 -28.26
N LEU F 161 45.19 6.24 -29.01
CA LEU F 161 45.55 6.53 -30.39
C LEU F 161 44.66 5.81 -31.42
N LYS F 162 43.53 5.24 -31.00
CA LYS F 162 42.55 4.63 -31.92
C LYS F 162 43.10 3.45 -32.75
N PHE F 163 43.86 2.56 -32.12
CA PHE F 163 44.19 1.28 -32.77
C PHE F 163 42.97 0.37 -32.80
N SER F 164 42.65 -0.18 -33.97
CA SER F 164 41.53 -1.09 -34.10
C SER F 164 42.02 -2.53 -33.98
N LYS F 165 41.08 -3.48 -34.06
CA LYS F 165 41.48 -4.88 -34.05
C LYS F 165 42.36 -5.19 -35.24
N ASN F 166 41.98 -4.72 -36.42
CA ASN F 166 42.83 -4.99 -37.57
C ASN F 166 44.13 -4.21 -37.48
N ASP F 167 44.06 -2.98 -36.95
CA ASP F 167 45.28 -2.19 -36.78
C ASP F 167 46.28 -2.89 -35.86
N VAL F 168 45.79 -3.57 -34.81
CA VAL F 168 46.69 -4.31 -33.93
C VAL F 168 47.22 -5.57 -34.62
N PHE F 169 46.34 -6.33 -35.28
CA PHE F 169 46.78 -7.53 -35.99
C PHE F 169 47.80 -7.20 -37.07
N GLU F 170 47.56 -6.15 -37.86
CA GLU F 170 48.45 -5.84 -38.96
C GLU F 170 49.81 -5.36 -38.48
N LEU F 171 49.85 -4.46 -37.50
CA LEU F 171 51.15 -4.03 -36.98
C LEU F 171 51.91 -5.20 -36.37
N SER F 172 51.19 -6.17 -35.78
CA SER F 172 51.81 -7.40 -35.28
C SER F 172 52.43 -8.22 -36.41
N ASN F 173 51.73 -8.29 -37.55
CA ASN F 173 52.26 -9.01 -38.70
C ASN F 173 53.58 -8.43 -39.15
N TYR F 174 53.67 -7.09 -39.22
CA TYR F 174 54.90 -6.44 -39.67
C TYR F 174 56.01 -6.65 -38.66
N LEU F 175 55.71 -6.52 -37.36
CA LEU F 175 56.70 -6.82 -36.34
C LEU F 175 56.92 -8.32 -36.12
N LYS F 176 56.25 -9.19 -36.91
CA LYS F 176 56.49 -10.64 -36.89
C LYS F 176 56.13 -11.26 -35.54
N ILE F 177 55.18 -10.65 -34.83
CA ILE F 177 54.63 -11.21 -33.60
C ILE F 177 53.48 -12.16 -33.94
N ASP F 178 53.69 -13.44 -33.63
CA ASP F 178 52.72 -14.48 -34.00
C ASP F 178 51.42 -14.32 -33.23
N ILE F 179 50.31 -14.60 -33.90
CA ILE F 179 48.97 -14.47 -33.33
C ILE F 179 48.62 -15.81 -32.66
N PRO F 180 48.60 -15.87 -31.34
CA PRO F 180 48.25 -17.12 -30.64
C PRO F 180 46.75 -17.41 -30.61
N LYS F 181 46.42 -18.57 -30.03
CA LYS F 181 45.05 -19.10 -29.92
C LYS F 181 44.26 -18.52 -28.74
N LYS F 182 42.94 -18.51 -28.92
CA LYS F 182 42.03 -17.86 -28.00
C LYS F 182 41.92 -18.66 -26.69
N ASP F 183 42.68 -18.22 -25.69
CA ASP F 183 42.61 -18.72 -24.31
C ASP F 183 41.73 -17.78 -23.49
N THR F 184 40.64 -18.30 -22.94
CA THR F 184 39.70 -17.47 -22.18
C THR F 184 39.68 -17.94 -20.72
N CYS F 185 39.79 -16.99 -19.77
CA CYS F 185 39.81 -17.31 -18.34
C CYS F 185 38.72 -18.31 -17.95
N MET F 186 39.10 -19.22 -17.04
CA MET F 186 38.21 -20.30 -16.60
C MET F 186 37.05 -19.82 -15.75
N ALA F 187 37.23 -18.76 -14.95
CA ALA F 187 36.19 -18.34 -14.00
C ALA F 187 34.88 -18.11 -14.71
N THR F 188 34.95 -17.78 -16.00
CA THR F 188 33.79 -17.56 -16.84
C THR F 188 32.99 -18.82 -17.09
N ARG F 189 33.53 -20.01 -16.84
CA ARG F 189 32.67 -21.18 -16.92
C ARG F 189 31.71 -21.23 -15.74
N ILE F 190 32.10 -20.64 -14.60
CA ILE F 190 31.33 -20.70 -13.35
C ILE F 190 30.14 -19.75 -13.42
N LEU F 191 28.95 -20.34 -13.48
CA LEU F 191 27.70 -19.60 -13.48
C LEU F 191 27.06 -19.51 -12.12
N SER F 192 27.52 -20.28 -11.16
CA SER F 192 26.91 -20.26 -9.85
C SER F 192 28.00 -20.11 -8.82
N ALA F 193 27.79 -19.21 -7.87
CA ALA F 193 28.76 -19.06 -6.80
C ALA F 193 28.93 -20.41 -6.10
N PRO F 194 30.13 -20.74 -5.66
CA PRO F 194 31.33 -19.90 -5.68
C PRO F 194 32.30 -20.27 -6.75
N ILE F 195 33.17 -19.32 -7.09
CA ILE F 195 34.22 -19.63 -8.03
C ILE F 195 35.33 -20.34 -7.29
N SER F 196 35.30 -21.67 -7.35
CA SER F 196 36.30 -22.49 -6.70
C SER F 196 37.27 -23.03 -7.74
N LYS F 197 38.49 -23.30 -7.28
CA LYS F 197 39.48 -23.92 -8.13
C LYS F 197 39.00 -25.28 -8.61
N GLU F 198 38.28 -26.01 -7.74
CA GLU F 198 37.74 -27.31 -8.13
C GLU F 198 36.67 -27.18 -9.20
N ASN F 199 35.84 -26.15 -9.11
CA ASN F 199 34.79 -25.98 -10.11
C ASN F 199 35.37 -25.69 -11.48
N MET F 200 36.33 -24.78 -11.52
CA MET F 200 36.98 -24.44 -12.80
C MET F 200 37.69 -25.64 -13.37
N ALA F 201 38.32 -26.44 -12.51
CA ALA F 201 38.95 -27.67 -12.95
C ALA F 201 37.93 -28.66 -13.49
N LYS F 202 36.78 -28.77 -12.82
CA LYS F 202 35.72 -29.65 -13.30
C LYS F 202 35.29 -29.26 -14.71
N SER F 203 35.17 -27.96 -14.97
CA SER F 203 34.83 -27.49 -16.32
C SER F 203 35.99 -27.72 -17.26
N ASN F 204 37.21 -27.36 -16.82
CA ASN F 204 38.38 -27.47 -17.68
C ASN F 204 38.60 -28.90 -18.13
N LEU F 205 38.44 -29.86 -17.22
CA LEU F 205 38.53 -31.25 -17.64
C LEU F 205 37.44 -31.61 -18.63
N ALA F 206 36.19 -31.21 -18.37
CA ALA F 206 35.09 -31.54 -19.26
C ALA F 206 35.31 -30.99 -20.67
N GLU F 207 35.88 -29.79 -20.76
CA GLU F 207 36.18 -29.16 -22.04
C GLU F 207 37.30 -29.88 -22.79
N GLU F 208 38.41 -30.18 -22.08
CA GLU F 208 39.54 -30.86 -22.72
C GLU F 208 39.09 -32.20 -23.27
N PHE F 209 38.22 -32.89 -22.53
CA PHE F 209 37.74 -34.21 -22.92
C PHE F 209 36.92 -34.14 -24.20
N ILE F 210 35.96 -33.24 -24.26
CA ILE F 210 35.19 -33.10 -25.49
C ILE F 210 36.11 -32.62 -26.61
N LYS F 211 37.02 -31.70 -26.29
CA LYS F 211 37.90 -31.14 -27.30
C LYS F 211 38.87 -32.19 -27.85
N LEU F 212 39.33 -33.13 -27.04
CA LEU F 212 40.29 -34.06 -27.63
C LEU F 212 39.59 -35.26 -28.28
N ASN F 213 38.60 -35.84 -27.59
CA ASN F 213 37.97 -37.07 -28.04
C ASN F 213 37.03 -36.86 -29.23
N PHE F 214 36.54 -35.64 -29.44
CA PHE F 214 35.67 -35.36 -30.58
C PHE F 214 36.14 -34.18 -31.44
N HIS F 215 37.29 -33.57 -31.09
CA HIS F 215 37.98 -32.59 -31.94
C HIS F 215 37.10 -31.36 -32.23
N ILE F 216 36.66 -30.72 -31.16
CA ILE F 216 35.88 -29.48 -31.25
C ILE F 216 36.85 -28.32 -31.08
N GLU F 217 37.45 -27.88 -32.21
CA GLU F 217 38.36 -26.74 -32.19
C GLU F 217 37.63 -25.40 -32.04
N SER F 218 36.48 -25.22 -32.72
CA SER F 218 35.83 -23.92 -32.58
C SER F 218 35.20 -23.81 -31.20
N TYR F 219 34.73 -22.61 -30.90
CA TYR F 219 34.37 -22.23 -29.56
C TYR F 219 33.55 -23.33 -28.88
N LEU F 220 34.04 -23.81 -27.73
CA LEU F 220 33.30 -24.80 -26.96
C LEU F 220 33.41 -24.43 -25.49
N ARG F 221 32.31 -24.59 -24.78
CA ARG F 221 32.21 -24.21 -23.39
C ARG F 221 31.46 -25.26 -22.60
N VAL F 222 31.94 -25.54 -21.40
CA VAL F 222 31.23 -26.37 -20.44
C VAL F 222 31.01 -25.52 -19.20
N ARG F 223 29.83 -24.92 -19.10
CA ARG F 223 29.54 -24.08 -17.96
C ARG F 223 29.27 -24.93 -16.71
N TYR F 224 29.58 -24.35 -15.54
CA TYR F 224 29.30 -24.93 -14.23
C TYR F 224 28.15 -24.17 -13.56
N LEU F 225 26.98 -24.79 -13.50
CA LEU F 225 25.80 -24.20 -12.88
C LEU F 225 25.18 -25.19 -11.90
N GLU F 226 25.45 -25.01 -10.60
CA GLU F 226 24.92 -25.88 -9.55
C GLU F 226 25.27 -27.34 -9.81
N ASN F 227 26.55 -27.58 -10.14
CA ASN F 227 27.12 -28.89 -10.49
C ASN F 227 26.46 -29.51 -11.72
N ILE F 228 25.84 -28.70 -12.59
CA ILE F 228 25.35 -29.17 -13.88
C ILE F 228 26.30 -28.67 -14.97
N ALA F 229 26.65 -29.57 -15.87
CA ALA F 229 27.52 -29.25 -17.00
C ALA F 229 26.63 -28.76 -18.13
N ILE F 230 26.88 -27.54 -18.61
CA ILE F 230 26.16 -26.97 -19.75
C ILE F 230 27.16 -26.80 -20.88
N ILE F 231 26.99 -27.57 -21.95
CA ILE F 231 27.90 -27.51 -23.10
C ILE F 231 27.40 -26.51 -24.15
N GLU F 232 28.30 -25.63 -24.57
CA GLU F 232 28.05 -24.66 -25.66
C GLU F 232 28.96 -25.00 -26.86
N LEU F 233 28.39 -25.00 -28.07
CA LEU F 233 29.08 -25.46 -29.28
C LEU F 233 28.93 -24.47 -30.43
N THR F 234 29.74 -24.67 -31.45
CA THR F 234 29.65 -23.86 -32.66
C THR F 234 28.63 -24.51 -33.59
N LYS F 235 28.03 -23.70 -34.46
CA LYS F 235 26.99 -24.24 -35.33
C LYS F 235 27.55 -25.33 -36.22
N ASN F 236 28.72 -25.09 -36.79
CA ASN F 236 29.31 -26.10 -37.67
C ASN F 236 29.92 -27.27 -36.90
N GLU F 237 30.39 -27.04 -35.66
CA GLU F 237 30.99 -28.13 -34.86
C GLU F 237 29.95 -29.15 -34.43
N SER F 238 28.68 -28.74 -34.36
CA SER F 238 27.56 -29.52 -33.87
C SER F 238 27.55 -30.97 -34.38
N GLU F 239 27.86 -31.14 -35.67
CA GLU F 239 27.78 -32.47 -36.29
C GLU F 239 28.68 -33.49 -35.58
N LYS F 240 29.81 -33.05 -35.02
CA LYS F 240 30.76 -33.97 -34.39
C LYS F 240 30.18 -34.62 -33.15
N ILE F 241 29.03 -34.13 -32.68
CA ILE F 241 28.46 -34.50 -31.39
C ILE F 241 27.04 -35.06 -31.55
N PHE F 242 26.64 -35.42 -32.77
CA PHE F 242 25.26 -35.83 -32.95
C PHE F 242 24.97 -37.30 -32.70
N ASP F 243 25.94 -38.19 -32.81
CA ASP F 243 25.63 -39.61 -32.64
C ASP F 243 25.49 -39.99 -31.16
N ASN F 244 24.60 -40.96 -30.90
CA ASN F 244 24.34 -41.41 -29.53
C ASN F 244 25.57 -41.99 -28.85
N ASP F 245 26.54 -42.50 -29.62
CA ASP F 245 27.74 -43.02 -28.97
C ASP F 245 28.60 -41.90 -28.40
N SER F 246 28.65 -40.73 -29.07
CA SER F 246 29.37 -39.58 -28.50
C SER F 246 28.62 -38.97 -27.31
N ILE F 247 27.29 -38.95 -27.36
CA ILE F 247 26.50 -38.35 -26.28
C ILE F 247 26.60 -39.18 -25.00
N GLU F 248 26.49 -40.50 -25.10
CA GLU F 248 26.67 -41.34 -23.91
C GLU F 248 28.06 -41.18 -23.31
N ARG F 249 29.10 -41.18 -24.17
CA ARG F 249 30.48 -41.04 -23.71
C ARG F 249 30.71 -39.70 -23.00
N ILE F 250 30.13 -38.62 -23.52
CA ILE F 250 30.27 -37.32 -22.88
C ILE F 250 29.49 -37.28 -21.56
N ASN F 251 28.21 -37.73 -21.60
CA ASN F 251 27.37 -37.71 -20.40
C ASN F 251 27.98 -38.57 -19.30
N THR F 252 28.54 -39.72 -19.66
CA THR F 252 29.15 -40.61 -18.67
C THR F 252 30.46 -40.03 -18.12
N GLU F 253 31.38 -39.63 -19.00
CA GLU F 253 32.67 -39.12 -18.54
C GLU F 253 32.55 -37.81 -17.79
N LEU F 254 31.66 -36.92 -18.21
CA LEU F 254 31.51 -35.66 -17.48
C LEU F 254 30.93 -35.89 -16.07
N LYS F 255 30.01 -36.85 -15.95
CA LYS F 255 29.49 -37.16 -14.62
C LYS F 255 30.55 -37.85 -13.75
N LYS F 256 31.45 -38.61 -14.37
CA LYS F 256 32.57 -39.20 -13.63
C LYS F 256 33.48 -38.12 -13.06
N ILE F 257 33.60 -36.98 -13.74
CA ILE F 257 34.30 -35.84 -13.17
C ILE F 257 33.54 -35.25 -11.99
N GLY F 258 32.28 -35.65 -11.82
CA GLY F 258 31.46 -35.22 -10.71
C GLY F 258 30.35 -34.25 -11.02
N PHE F 259 30.08 -33.96 -12.31
CA PHE F 259 28.89 -33.18 -12.65
C PHE F 259 27.66 -34.05 -12.39
N GLU F 260 26.61 -33.48 -11.77
CA GLU F 260 25.40 -34.27 -11.53
C GLU F 260 24.52 -34.42 -12.77
N LYS F 261 24.51 -33.43 -13.66
CA LYS F 261 23.72 -33.44 -14.88
C LYS F 261 24.58 -32.95 -16.02
N VAL F 262 24.45 -33.57 -17.20
CA VAL F 262 25.18 -33.08 -18.36
C VAL F 262 24.17 -32.67 -19.44
N VAL F 263 24.15 -31.37 -19.78
CA VAL F 263 23.21 -30.82 -20.74
C VAL F 263 23.92 -30.01 -21.80
N LEU F 264 23.24 -29.88 -22.93
CA LEU F 264 23.72 -29.15 -24.09
C LEU F 264 22.83 -27.95 -24.34
N ASP F 265 23.44 -26.77 -24.31
CA ASP F 265 22.72 -25.55 -24.67
C ASP F 265 22.39 -25.57 -26.16
N LEU F 266 21.09 -25.52 -26.49
CA LEU F 266 20.67 -25.49 -27.88
C LEU F 266 20.84 -24.13 -28.56
N ASN F 267 21.61 -23.25 -27.95
CA ASN F 267 21.90 -21.94 -28.54
C ASN F 267 23.32 -21.92 -29.14
N PHE F 268 23.46 -22.45 -30.35
CA PHE F 268 24.81 -22.63 -30.89
C PHE F 268 25.38 -21.31 -31.36
N LYS F 269 26.71 -21.18 -31.27
CA LYS F 269 27.38 -19.93 -31.63
C LYS F 269 27.36 -19.70 -33.15
N GLY F 270 26.83 -18.55 -33.59
CA GLY F 270 26.63 -18.27 -35.02
C GLY F 270 27.84 -18.25 -35.95
N GLY G 18 -5.98 -69.23 -11.18
CA GLY G 18 -4.93 -68.26 -10.90
C GLY G 18 -5.48 -66.86 -10.77
N LEU G 19 -5.41 -66.11 -11.87
CA LEU G 19 -5.95 -64.76 -11.90
C LEU G 19 -7.45 -64.76 -11.60
N LEU G 20 -8.15 -65.80 -12.07
CA LEU G 20 -9.58 -65.90 -11.80
C LEU G 20 -9.85 -65.92 -10.30
N GLU G 21 -8.99 -66.59 -9.53
CA GLU G 21 -9.15 -66.59 -8.09
C GLU G 21 -9.03 -65.18 -7.51
N LYS G 22 -8.10 -64.39 -8.06
CA LYS G 22 -7.95 -63.01 -7.60
C LYS G 22 -9.17 -62.19 -7.95
N TYR G 23 -9.68 -62.37 -9.18
CA TYR G 23 -10.86 -61.63 -9.63
C TYR G 23 -12.09 -61.99 -8.79
N ASN G 24 -12.26 -63.29 -8.50
CA ASN G 24 -13.40 -63.72 -7.70
C ASN G 24 -13.34 -63.12 -6.31
N SER G 25 -12.13 -63.04 -5.73
CA SER G 25 -11.98 -62.39 -4.44
C SER G 25 -12.36 -60.91 -4.54
N LEU G 26 -12.02 -60.28 -5.67
CA LEU G 26 -12.33 -58.86 -5.85
C LEU G 26 -13.84 -58.60 -5.82
N LEU G 27 -14.62 -59.47 -6.48
CA LEU G 27 -16.07 -59.33 -6.52
C LEU G 27 -16.70 -59.52 -5.14
N GLU G 28 -16.19 -60.48 -4.38
CA GLU G 28 -16.70 -60.81 -3.06
C GLU G 28 -16.48 -59.66 -2.08
N PHE G 29 -15.36 -58.95 -2.22
CA PHE G 29 -15.04 -57.86 -1.32
C PHE G 29 -16.06 -56.73 -1.47
N PHE G 30 -16.40 -56.39 -2.71
CA PHE G 30 -17.34 -55.32 -3.06
C PHE G 30 -18.81 -55.69 -2.83
N LYS G 31 -19.13 -56.93 -2.48
CA LYS G 31 -20.53 -57.29 -2.25
C LYS G 31 -21.13 -56.46 -1.12
N ASN G 32 -22.24 -55.78 -1.42
CA ASN G 32 -23.04 -55.05 -0.44
C ASN G 32 -22.23 -54.00 0.30
N LYS G 33 -21.23 -53.44 -0.36
CA LYS G 33 -20.41 -52.38 0.20
C LYS G 33 -20.62 -51.13 -0.65
N LYS G 34 -20.72 -49.98 0.00
CA LYS G 34 -20.80 -48.70 -0.69
C LYS G 34 -19.38 -48.17 -0.90
N VAL G 35 -18.91 -48.22 -2.14
CA VAL G 35 -17.49 -48.04 -2.48
C VAL G 35 -17.25 -46.68 -3.12
N ILE G 36 -16.22 -45.97 -2.66
CA ILE G 36 -15.70 -44.76 -3.31
C ILE G 36 -14.28 -45.03 -3.80
N VAL G 37 -14.07 -44.84 -5.09
CA VAL G 37 -12.81 -45.19 -5.72
C VAL G 37 -12.02 -43.94 -6.06
N ALA G 38 -10.71 -43.97 -5.78
CA ALA G 38 -9.82 -42.88 -6.16
C ALA G 38 -9.46 -43.02 -7.64
N TYR G 39 -10.36 -42.51 -8.48
CA TYR G 39 -10.31 -42.74 -9.91
C TYR G 39 -9.54 -41.67 -10.69
N SER G 40 -8.57 -42.11 -11.49
CA SER G 40 -7.69 -41.21 -12.22
C SER G 40 -7.76 -41.32 -13.73
N GLY G 41 -8.30 -42.42 -14.27
CA GLY G 41 -8.27 -42.66 -15.69
C GLY G 41 -7.20 -43.64 -16.14
N GLY G 42 -6.22 -43.92 -15.30
CA GLY G 42 -5.17 -44.86 -15.64
C GLY G 42 -5.67 -46.30 -15.66
N VAL G 43 -4.78 -47.18 -16.13
CA VAL G 43 -5.11 -48.59 -16.21
C VAL G 43 -5.48 -49.12 -14.84
N ASP G 44 -4.61 -48.90 -13.86
CA ASP G 44 -4.82 -49.39 -12.49
C ASP G 44 -6.17 -48.90 -11.95
N SER G 45 -6.39 -47.59 -12.02
CA SER G 45 -7.59 -46.99 -11.44
C SER G 45 -8.86 -47.55 -12.07
N THR G 46 -8.88 -47.65 -13.39
CA THR G 46 -10.10 -48.03 -14.10
C THR G 46 -10.45 -49.50 -13.91
N LEU G 47 -9.44 -50.36 -13.80
CA LEU G 47 -9.73 -51.78 -13.59
C LEU G 47 -10.54 -51.99 -12.32
N ILE G 48 -10.09 -51.39 -11.21
CA ILE G 48 -10.82 -51.51 -9.94
C ILE G 48 -12.14 -50.74 -9.96
N SER G 49 -12.18 -49.58 -10.63
CA SER G 49 -13.42 -48.82 -10.66
C SER G 49 -14.52 -49.61 -11.38
N LYS G 50 -14.19 -50.18 -12.55
CA LYS G 50 -15.19 -50.92 -13.32
C LYS G 50 -15.71 -52.10 -12.53
N ILE G 51 -14.82 -52.84 -11.89
CA ILE G 51 -15.22 -54.03 -11.13
C ILE G 51 -16.24 -53.69 -10.04
N ALA G 52 -16.07 -52.56 -9.36
CA ALA G 52 -17.02 -52.23 -8.29
C ALA G 52 -18.36 -51.80 -8.85
N SER G 53 -18.38 -51.11 -9.99
CA SER G 53 -19.63 -50.62 -10.59
C SER G 53 -20.60 -51.73 -10.91
N ASP G 54 -20.10 -52.89 -11.33
CA ASP G 54 -21.00 -53.97 -11.74
C ASP G 54 -21.62 -54.70 -10.55
N ASN G 55 -20.97 -54.72 -9.39
CA ASN G 55 -21.48 -55.44 -8.23
C ASN G 55 -21.80 -54.58 -7.01
N ALA G 56 -21.42 -53.31 -7.01
CA ALA G 56 -21.65 -52.51 -5.82
C ALA G 56 -22.03 -51.08 -6.21
N GLN G 57 -22.68 -50.42 -5.27
CA GLN G 57 -22.99 -49.00 -5.33
C GLN G 57 -21.68 -48.26 -5.20
N THR G 58 -21.17 -47.78 -6.35
CA THR G 58 -19.83 -47.24 -6.47
C THR G 58 -19.86 -45.81 -7.01
N LEU G 59 -18.89 -45.00 -6.56
CA LEU G 59 -18.67 -43.66 -7.11
C LEU G 59 -17.17 -43.45 -7.32
N ALA G 60 -16.76 -43.32 -8.58
CA ALA G 60 -15.39 -43.02 -8.91
C ALA G 60 -15.19 -41.52 -8.84
N VAL G 61 -14.35 -41.04 -7.93
CA VAL G 61 -14.13 -39.61 -7.74
C VAL G 61 -12.72 -39.27 -8.19
N THR G 62 -12.61 -38.24 -9.02
CA THR G 62 -11.33 -37.72 -9.53
C THR G 62 -11.12 -36.36 -8.88
N ILE G 63 -10.00 -36.18 -8.19
CA ILE G 63 -9.67 -34.89 -7.61
C ILE G 63 -8.71 -34.16 -8.53
N ASP G 64 -9.21 -33.15 -9.22
CA ASP G 64 -8.37 -32.32 -10.07
C ASP G 64 -7.77 -31.23 -9.21
N ASN G 65 -6.52 -31.41 -8.83
CA ASN G 65 -5.85 -30.32 -8.14
C ASN G 65 -5.12 -29.40 -9.11
N GLY G 66 -5.09 -29.72 -10.40
CA GLY G 66 -4.39 -28.88 -11.35
C GLY G 66 -3.01 -29.32 -11.77
N PHE G 67 -2.59 -30.52 -11.43
CA PHE G 67 -1.32 -31.06 -11.88
C PHE G 67 -1.43 -31.79 -13.20
N PHE G 68 -2.63 -31.88 -13.71
CA PHE G 68 -2.95 -32.55 -14.95
C PHE G 68 -3.65 -31.59 -15.89
N SER G 69 -3.41 -31.80 -17.18
CA SER G 69 -4.04 -31.01 -18.22
C SER G 69 -5.53 -31.31 -18.30
N GLU G 70 -6.27 -30.36 -18.88
CA GLU G 70 -7.72 -30.47 -19.07
C GLU G 70 -8.13 -31.75 -19.80
N ASN G 71 -7.29 -32.24 -20.74
CA ASN G 71 -7.60 -33.46 -21.45
C ASN G 71 -7.91 -34.61 -20.50
N VAL G 72 -7.12 -34.72 -19.44
CA VAL G 72 -7.18 -35.89 -18.57
C VAL G 72 -8.53 -36.01 -17.85
N ILE G 73 -9.09 -34.91 -17.33
CA ILE G 73 -10.41 -35.04 -16.68
C ILE G 73 -11.47 -35.43 -17.70
N LYS G 74 -11.47 -34.82 -18.89
CA LYS G 74 -12.38 -35.28 -19.94
C LYS G 74 -12.11 -36.73 -20.29
N LYS G 75 -10.84 -37.10 -20.47
CA LYS G 75 -10.51 -38.49 -20.76
C LYS G 75 -11.01 -39.41 -19.66
N ALA G 76 -10.75 -39.04 -18.40
CA ALA G 76 -11.19 -39.87 -17.29
C ALA G 76 -12.71 -39.91 -17.20
N GLU G 77 -13.39 -38.80 -17.45
CA GLU G 77 -14.85 -38.82 -17.47
C GLU G 77 -15.36 -39.69 -18.61
N ASN G 78 -14.72 -39.62 -19.78
CA ASN G 78 -15.17 -40.40 -20.93
C ASN G 78 -15.06 -41.90 -20.62
N ARG G 79 -13.95 -42.31 -20.00
CA ARG G 79 -13.78 -43.71 -19.67
C ARG G 79 -14.91 -44.17 -18.75
N ALA G 80 -15.30 -43.32 -17.81
CA ALA G 80 -16.42 -43.66 -16.93
C ALA G 80 -17.71 -43.81 -17.73
N LYS G 81 -17.94 -42.91 -18.68
CA LYS G 81 -19.19 -42.98 -19.46
C LYS G 81 -19.25 -44.22 -20.34
N LYS G 82 -18.10 -44.63 -20.89
CA LYS G 82 -18.05 -45.81 -21.77
C LYS G 82 -18.41 -47.06 -21.00
N TYR G 83 -17.81 -47.23 -19.82
CA TYR G 83 -17.98 -48.37 -18.95
C TYR G 83 -19.12 -48.23 -17.94
N ASN G 84 -19.97 -47.21 -18.06
CA ASN G 84 -21.14 -47.00 -17.20
C ASN G 84 -20.71 -46.94 -15.71
N ILE G 85 -19.52 -46.38 -15.47
CA ILE G 85 -18.98 -46.17 -14.12
C ILE G 85 -19.44 -44.79 -13.65
N PRO G 86 -20.13 -44.70 -12.52
CA PRO G 86 -20.56 -43.38 -12.01
C PRO G 86 -19.34 -42.57 -11.59
N GLN G 87 -19.19 -41.38 -12.16
CA GLN G 87 -17.97 -40.61 -11.88
C GLN G 87 -18.29 -39.14 -11.66
N LYS G 88 -17.61 -38.55 -10.67
CA LYS G 88 -17.67 -37.13 -10.36
C LYS G 88 -16.25 -36.56 -10.27
N THR G 89 -16.08 -35.36 -10.81
CA THR G 89 -14.81 -34.64 -10.80
C THR G 89 -14.94 -33.40 -9.90
N ILE G 90 -13.92 -33.18 -9.08
CA ILE G 90 -13.87 -32.07 -8.14
C ILE G 90 -12.65 -31.22 -8.46
N LYS G 91 -12.89 -30.00 -8.94
CA LYS G 91 -11.81 -29.05 -9.14
C LYS G 91 -11.45 -28.42 -7.79
N ILE G 92 -10.17 -28.49 -7.42
CA ILE G 92 -9.70 -28.03 -6.12
C ILE G 92 -8.52 -27.09 -6.29
N ASP G 93 -8.52 -25.99 -5.53
CA ASP G 93 -7.39 -25.07 -5.50
C ASP G 93 -6.43 -25.58 -4.44
N TYR G 94 -5.52 -26.47 -4.82
CA TYR G 94 -4.60 -27.01 -3.84
C TYR G 94 -3.30 -26.24 -3.80
N LEU G 95 -3.03 -25.46 -4.85
CA LEU G 95 -1.76 -24.76 -4.99
C LEU G 95 -1.49 -23.76 -3.86
N ASN G 96 -2.56 -23.23 -3.24
CA ASN G 96 -2.45 -22.27 -2.16
C ASN G 96 -1.28 -21.36 -2.47
N GLU G 97 -0.30 -21.41 -1.60
CA GLU G 97 0.91 -20.65 -1.80
C GLU G 97 2.02 -21.51 -1.23
N ILE G 98 1.72 -22.12 -0.07
CA ILE G 98 2.67 -22.95 0.65
C ILE G 98 3.03 -24.20 -0.12
N THR G 99 2.11 -24.74 -0.92
CA THR G 99 2.43 -26.02 -1.52
C THR G 99 3.44 -25.83 -2.63
N SER G 100 3.47 -24.64 -3.21
CA SER G 100 4.42 -24.34 -4.26
C SER G 100 5.86 -24.34 -3.76
N LYS G 101 6.11 -23.88 -2.52
CA LYS G 101 7.49 -23.90 -1.98
C LYS G 101 7.92 -25.30 -1.56
N ASP G 102 7.01 -26.10 -0.99
CA ASP G 102 7.38 -27.44 -0.55
C ASP G 102 7.44 -28.38 -1.76
N LEU G 103 8.64 -28.49 -2.33
CA LEU G 103 8.90 -29.46 -3.39
C LEU G 103 9.27 -30.85 -2.86
N GLU G 104 10.03 -30.91 -1.77
CA GLU G 104 10.47 -32.19 -1.22
C GLU G 104 9.29 -33.03 -0.75
N ASN G 105 8.30 -32.36 -0.15
CA ASN G 105 7.13 -32.97 0.45
C ASN G 105 5.92 -33.04 -0.50
N ARG G 106 5.98 -32.36 -1.66
CA ARG G 106 4.80 -32.18 -2.52
C ARG G 106 4.07 -33.49 -2.82
N CYS G 107 4.82 -34.51 -3.24
CA CYS G 107 4.13 -35.70 -3.71
C CYS G 107 3.28 -36.23 -2.57
N TYR G 108 3.84 -36.19 -1.37
CA TYR G 108 3.09 -36.53 -0.18
C TYR G 108 1.88 -35.59 -0.02
N ASN G 109 2.11 -34.26 -0.06
CA ASN G 109 1.02 -33.29 0.10
C ASN G 109 -0.09 -33.43 -0.94
N CYS G 110 0.26 -33.62 -2.22
CA CYS G 110 -0.77 -33.73 -3.25
C CYS G 110 -1.81 -34.73 -2.81
N LYS G 111 -1.33 -35.94 -2.56
CA LYS G 111 -2.25 -37.00 -2.22
C LYS G 111 -2.90 -36.79 -0.87
N LYS G 112 -2.19 -36.16 0.09
CA LYS G 112 -2.84 -35.92 1.38
C LYS G 112 -4.07 -35.06 1.20
N ARG G 113 -3.99 -34.04 0.34
CA ARG G 113 -5.17 -33.25 0.04
C ARG G 113 -6.24 -34.06 -0.67
N ILE G 114 -5.83 -34.88 -1.64
CA ILE G 114 -6.81 -35.67 -2.37
C ILE G 114 -7.50 -36.64 -1.41
N ALA G 115 -6.71 -37.35 -0.62
CA ALA G 115 -7.28 -38.26 0.36
C ALA G 115 -8.21 -37.55 1.31
N GLU G 116 -7.86 -36.32 1.68
CA GLU G 116 -8.73 -35.57 2.58
C GLU G 116 -10.08 -35.36 1.94
N GLU G 117 -10.08 -35.16 0.62
CA GLU G 117 -11.34 -34.87 -0.07
C GLU G 117 -12.16 -36.13 -0.26
N LEU G 118 -11.50 -37.23 -0.64
CA LEU G 118 -12.21 -38.48 -0.80
C LEU G 118 -12.87 -38.88 0.52
N LYS G 119 -12.16 -38.70 1.64
CA LYS G 119 -12.72 -38.98 2.97
C LYS G 119 -13.95 -38.14 3.23
N ARG G 120 -13.99 -36.90 2.73
CA ARG G 120 -15.14 -36.04 2.90
C ARG G 120 -16.36 -36.56 2.13
N ILE G 121 -16.20 -36.80 0.82
CA ILE G 121 -17.32 -37.30 0.00
C ILE G 121 -17.86 -38.59 0.58
N LYS G 122 -16.95 -39.47 1.03
CA LYS G 122 -17.34 -40.74 1.61
C LYS G 122 -18.32 -40.55 2.77
N ASN G 123 -18.05 -39.62 3.68
CA ASN G 123 -18.95 -39.47 4.82
C ASN G 123 -20.23 -38.69 4.49
N GLU G 124 -20.17 -37.70 3.57
CA GLU G 124 -21.41 -37.06 3.13
C GLU G 124 -22.31 -38.04 2.38
N LEU G 125 -21.73 -38.91 1.57
CA LEU G 125 -22.49 -39.94 0.88
C LEU G 125 -22.95 -41.07 1.80
N ASN G 126 -22.30 -41.25 2.96
CA ASN G 126 -22.47 -42.33 3.94
C ASN G 126 -22.07 -43.69 3.36
N TYR G 127 -21.18 -43.64 2.36
CA TYR G 127 -20.56 -44.82 1.78
C TYR G 127 -19.65 -45.46 2.83
N ASP G 128 -19.25 -46.71 2.57
CA ASP G 128 -18.53 -47.48 3.58
C ASP G 128 -17.00 -47.41 3.44
N ILE G 129 -16.45 -47.63 2.25
CA ILE G 129 -15.00 -47.70 2.09
C ILE G 129 -14.54 -46.84 0.92
N ILE G 130 -13.22 -46.60 0.91
CA ILE G 130 -12.51 -45.91 -0.15
C ILE G 130 -11.43 -46.85 -0.67
N VAL G 131 -11.36 -46.95 -1.99
CA VAL G 131 -10.49 -47.91 -2.64
C VAL G 131 -9.44 -47.24 -3.51
N ASP G 132 -8.34 -47.93 -3.66
CA ASP G 132 -7.19 -47.49 -4.42
C ASP G 132 -6.66 -48.50 -5.42
N GLY G 133 -6.27 -47.94 -6.55
CA GLY G 133 -5.69 -48.59 -7.71
C GLY G 133 -4.19 -48.66 -7.58
N THR G 134 -3.69 -49.25 -6.53
CA THR G 134 -2.25 -49.40 -6.45
C THR G 134 -1.97 -50.89 -6.51
N ILE G 135 -1.03 -51.26 -7.36
CA ILE G 135 -0.76 -52.67 -7.57
C ILE G 135 0.28 -53.14 -6.55
N TYR G 136 0.37 -54.46 -6.46
CA TYR G 136 1.31 -55.09 -5.54
C TYR G 136 2.73 -54.64 -5.86
N ASP G 137 3.07 -54.51 -7.15
CA ASP G 137 4.43 -54.13 -7.54
C ASP G 137 4.78 -52.74 -7.00
N ASP G 138 3.76 -51.89 -6.83
CA ASP G 138 3.94 -50.53 -6.33
C ASP G 138 4.47 -50.51 -4.89
N ILE G 139 4.28 -51.58 -4.12
CA ILE G 139 4.67 -51.58 -2.70
C ILE G 139 6.16 -51.72 -2.52
N PHE G 140 6.89 -52.16 -3.54
CA PHE G 140 8.34 -52.26 -3.46
C PHE G 140 9.03 -51.08 -4.14
N GLU G 141 8.32 -49.97 -4.30
CA GLU G 141 8.89 -48.75 -4.85
C GLU G 141 8.74 -47.65 -3.81
N ASP G 142 9.63 -46.66 -3.87
CA ASP G 142 9.59 -45.54 -2.92
C ASP G 142 8.55 -44.55 -3.40
N ARG G 143 7.30 -44.74 -2.98
CA ARG G 143 6.27 -43.82 -3.38
C ARG G 143 5.80 -43.04 -2.14
N PRO G 144 6.14 -41.75 -2.02
CA PRO G 144 5.71 -40.96 -0.86
C PRO G 144 4.24 -40.65 -0.89
N GLY G 145 3.61 -40.66 -2.05
CA GLY G 145 2.21 -40.37 -2.07
C GLY G 145 1.39 -41.58 -1.67
N ILE G 146 1.94 -42.79 -1.83
CA ILE G 146 1.24 -43.93 -1.24
C ILE G 146 1.27 -43.81 0.28
N LYS G 147 2.29 -43.14 0.83
CA LYS G 147 2.34 -42.89 2.27
C LYS G 147 1.11 -42.12 2.73
N ALA G 148 0.80 -41.01 2.06
CA ALA G 148 -0.34 -40.20 2.46
C ALA G 148 -1.66 -40.98 2.38
N PHE G 149 -1.83 -41.83 1.36
CA PHE G 149 -3.07 -42.61 1.27
C PHE G 149 -3.22 -43.59 2.41
N ASN G 150 -2.22 -44.45 2.62
CA ASN G 150 -2.41 -45.45 3.65
C ASN G 150 -2.43 -44.85 5.04
N GLU G 151 -2.17 -43.54 5.16
CA GLU G 151 -2.44 -42.85 6.42
C GLU G 151 -3.93 -42.70 6.66
N SER G 152 -4.70 -42.38 5.64
CA SER G 152 -6.14 -42.20 5.77
C SER G 152 -6.92 -43.52 5.71
N ASN G 153 -6.24 -44.66 5.81
CA ASN G 153 -6.88 -45.98 5.68
C ASN G 153 -7.65 -46.07 4.36
N ILE G 154 -6.90 -46.05 3.27
CA ILE G 154 -7.45 -46.26 1.95
C ILE G 154 -7.03 -47.65 1.49
N ILE G 155 -8.02 -48.44 1.14
CA ILE G 155 -7.81 -49.84 0.85
C ILE G 155 -7.25 -49.97 -0.56
N SER G 156 -6.19 -50.71 -0.67
CA SER G 156 -5.58 -50.93 -1.96
C SER G 156 -5.80 -52.39 -2.34
N PRO G 157 -6.98 -52.75 -2.87
CA PRO G 157 -7.28 -54.17 -3.05
C PRO G 157 -6.37 -54.84 -4.07
N LEU G 158 -5.96 -54.13 -5.12
CA LEU G 158 -5.05 -54.74 -6.07
C LEU G 158 -3.76 -55.17 -5.39
N SER G 159 -3.26 -54.34 -4.48
CA SER G 159 -2.07 -54.76 -3.75
C SER G 159 -2.39 -55.92 -2.80
N ASN G 160 -3.57 -55.89 -2.14
CA ASN G 160 -3.90 -56.97 -1.21
C ASN G 160 -3.99 -58.33 -1.89
N LEU G 161 -4.40 -58.37 -3.16
CA LEU G 161 -4.50 -59.63 -3.88
C LEU G 161 -3.28 -59.92 -4.73
N LYS G 162 -2.16 -59.23 -4.44
CA LYS G 162 -0.88 -59.52 -5.10
C LYS G 162 -0.98 -59.39 -6.62
N PHE G 163 -1.77 -58.41 -7.10
CA PHE G 163 -1.89 -58.11 -8.53
C PHE G 163 -0.60 -57.51 -9.06
N SER G 164 -0.04 -58.11 -10.08
CA SER G 164 1.17 -57.58 -10.66
C SER G 164 0.82 -56.66 -11.82
N LYS G 165 1.87 -56.09 -12.44
CA LYS G 165 1.64 -55.21 -13.59
C LYS G 165 0.95 -55.95 -14.71
N ASN G 166 1.37 -57.20 -14.98
CA ASN G 166 0.68 -57.96 -16.01
C ASN G 166 -0.70 -58.42 -15.54
N ASP G 167 -0.84 -58.79 -14.26
CA ASP G 167 -2.15 -59.23 -13.78
C ASP G 167 -3.23 -58.19 -14.05
N VAL G 168 -2.88 -56.92 -13.94
CA VAL G 168 -3.83 -55.85 -14.21
C VAL G 168 -4.07 -55.67 -15.71
N PHE G 169 -3.01 -55.46 -16.50
CA PHE G 169 -3.23 -55.24 -17.93
C PHE G 169 -3.77 -56.48 -18.63
N GLU G 170 -3.26 -57.68 -18.30
CA GLU G 170 -3.82 -58.87 -18.94
C GLU G 170 -5.28 -59.06 -18.52
N LEU G 171 -5.59 -58.85 -17.23
CA LEU G 171 -7.00 -58.89 -16.84
C LEU G 171 -7.81 -57.78 -17.49
N SER G 172 -7.19 -56.62 -17.75
CA SER G 172 -7.90 -55.55 -18.40
C SER G 172 -8.33 -55.95 -19.81
N ASN G 173 -7.43 -56.60 -20.56
CA ASN G 173 -7.76 -57.10 -21.88
C ASN G 173 -8.84 -58.17 -21.79
N TYR G 174 -8.75 -59.05 -20.79
CA TYR G 174 -9.83 -60.02 -20.57
C TYR G 174 -11.10 -59.33 -20.12
N LEU G 175 -10.97 -58.33 -19.25
CA LEU G 175 -12.17 -57.59 -18.85
C LEU G 175 -12.59 -56.64 -19.95
N LYS G 176 -11.78 -56.52 -21.01
CA LYS G 176 -12.01 -55.70 -22.19
C LYS G 176 -12.09 -54.20 -21.85
N ILE G 177 -11.41 -53.82 -20.78
CA ILE G 177 -11.22 -52.41 -20.45
C ILE G 177 -10.03 -51.94 -21.27
N ASP G 178 -10.27 -50.95 -22.12
CA ASP G 178 -9.23 -50.43 -22.99
C ASP G 178 -8.09 -49.84 -22.15
N ILE G 179 -6.86 -50.01 -22.63
CA ILE G 179 -5.66 -49.53 -21.93
C ILE G 179 -5.36 -48.13 -22.41
N PRO G 180 -5.49 -47.09 -21.59
CA PRO G 180 -5.16 -45.73 -22.02
C PRO G 180 -3.64 -45.45 -21.98
N LYS G 181 -3.27 -44.25 -22.48
CA LYS G 181 -1.88 -43.77 -22.57
C LYS G 181 -1.38 -43.07 -21.30
N LYS G 182 -0.05 -43.10 -21.10
CA LYS G 182 0.59 -42.66 -19.85
C LYS G 182 0.29 -41.20 -19.52
N ASP G 183 0.02 -40.95 -18.24
CA ASP G 183 -0.26 -39.61 -17.72
C ASP G 183 0.71 -39.29 -16.59
N THR G 184 1.58 -38.33 -16.81
CA THR G 184 2.55 -37.90 -15.80
C THR G 184 2.27 -36.44 -15.42
N CYS G 185 2.69 -36.05 -14.21
CA CYS G 185 2.52 -34.67 -13.76
C CYS G 185 2.94 -33.67 -14.80
N MET G 186 2.28 -32.51 -14.82
CA MET G 186 3.06 -31.33 -15.15
C MET G 186 4.01 -31.00 -14.00
N ALA G 187 3.54 -31.20 -12.77
CA ALA G 187 4.31 -30.83 -11.59
C ALA G 187 5.65 -31.53 -11.52
N THR G 188 5.74 -32.72 -12.11
CA THR G 188 7.01 -33.42 -12.16
C THR G 188 8.02 -32.72 -13.06
N ARG G 189 7.56 -31.90 -14.01
CA ARG G 189 8.48 -31.14 -14.84
C ARG G 189 9.14 -30.01 -14.06
N ILE G 190 8.47 -29.49 -13.03
CA ILE G 190 9.00 -28.39 -12.21
C ILE G 190 10.04 -28.94 -11.23
N LEU G 191 11.29 -28.57 -11.44
CA LEU G 191 12.40 -28.99 -10.59
C LEU G 191 12.79 -27.96 -9.54
N SER G 192 12.26 -26.75 -9.60
CA SER G 192 12.62 -25.74 -8.63
C SER G 192 11.36 -25.11 -8.06
N ALA G 193 11.39 -24.84 -6.75
CA ALA G 193 10.31 -24.09 -6.16
C ALA G 193 10.15 -22.78 -6.94
N PRO G 194 8.93 -22.33 -7.15
CA PRO G 194 7.68 -22.95 -6.71
C PRO G 194 7.00 -23.63 -7.86
N ILE G 195 6.10 -24.56 -7.54
CA ILE G 195 5.26 -25.24 -8.52
C ILE G 195 4.15 -24.27 -8.85
N SER G 196 4.27 -23.54 -9.96
CA SER G 196 3.26 -22.57 -10.37
C SER G 196 2.43 -23.10 -11.54
N LYS G 197 1.22 -22.58 -11.67
CA LYS G 197 0.42 -22.91 -12.84
C LYS G 197 1.11 -22.46 -14.12
N GLU G 198 1.77 -21.29 -14.06
CA GLU G 198 2.45 -20.72 -15.23
C GLU G 198 3.69 -21.53 -15.63
N ASN G 199 4.45 -22.05 -14.64
CA ASN G 199 5.60 -22.92 -14.95
C ASN G 199 5.17 -24.25 -15.55
N MET G 200 4.14 -24.87 -14.97
CA MET G 200 3.67 -26.11 -15.56
C MET G 200 3.24 -25.86 -16.99
N ALA G 201 2.61 -24.72 -17.23
CA ALA G 201 2.19 -24.35 -18.58
C ALA G 201 3.38 -24.14 -19.51
N LYS G 202 4.42 -23.44 -19.05
CA LYS G 202 5.61 -23.25 -19.87
C LYS G 202 6.26 -24.57 -20.23
N SER G 203 6.24 -25.55 -19.30
CA SER G 203 6.76 -26.85 -19.66
C SER G 203 5.86 -27.53 -20.69
N ASN G 204 4.54 -27.52 -20.42
CA ASN G 204 3.61 -28.24 -21.27
C ASN G 204 3.65 -27.72 -22.71
N LEU G 205 3.66 -26.40 -22.87
CA LEU G 205 3.77 -25.82 -24.21
C LEU G 205 5.08 -26.24 -24.86
N ALA G 206 6.17 -26.18 -24.12
CA ALA G 206 7.45 -26.57 -24.70
C ALA G 206 7.39 -28.01 -25.19
N GLU G 207 6.74 -28.89 -24.41
CA GLU G 207 6.60 -30.28 -24.78
C GLU G 207 5.66 -30.44 -25.97
N GLU G 208 4.49 -29.80 -25.91
CA GLU G 208 3.51 -29.91 -26.98
C GLU G 208 4.10 -29.45 -28.31
N PHE G 209 4.88 -28.38 -28.26
CA PHE G 209 5.52 -27.84 -29.46
C PHE G 209 6.50 -28.85 -30.04
N ILE G 210 7.38 -29.39 -29.20
CA ILE G 210 8.33 -30.36 -29.69
C ILE G 210 7.61 -31.63 -30.16
N LYS G 211 6.58 -32.08 -29.42
CA LYS G 211 5.87 -33.29 -29.81
C LYS G 211 5.11 -33.11 -31.12
N LEU G 212 4.62 -31.91 -31.42
CA LEU G 212 3.91 -31.74 -32.69
C LEU G 212 4.84 -31.43 -33.86
N ASN G 213 5.80 -30.52 -33.67
CA ASN G 213 6.64 -30.04 -34.77
C ASN G 213 7.75 -31.00 -35.18
N PHE G 214 8.17 -31.91 -34.30
CA PHE G 214 9.25 -32.83 -34.63
C PHE G 214 8.87 -34.29 -34.37
N HIS G 215 7.61 -34.54 -33.97
CA HIS G 215 7.03 -35.89 -33.89
C HIS G 215 7.79 -36.80 -32.93
N ILE G 216 7.86 -36.38 -31.67
CA ILE G 216 8.41 -37.21 -30.60
C ILE G 216 7.20 -37.88 -29.95
N GLU G 217 6.78 -39.01 -30.53
CA GLU G 217 5.65 -39.74 -29.96
C GLU G 217 6.04 -40.42 -28.65
N SER G 218 7.27 -40.92 -28.58
CA SER G 218 7.74 -41.52 -27.35
C SER G 218 7.95 -40.41 -26.33
N TYR G 219 7.57 -40.68 -25.09
CA TYR G 219 7.49 -39.65 -24.07
C TYR G 219 8.77 -38.81 -24.05
N LEU G 220 8.59 -37.53 -23.74
CA LEU G 220 9.68 -36.57 -23.64
C LEU G 220 9.39 -35.66 -22.47
N ARG G 221 10.44 -34.97 -22.00
CA ARG G 221 10.30 -34.10 -20.85
C ARG G 221 11.05 -32.80 -21.10
N VAL G 222 10.38 -31.70 -20.73
CA VAL G 222 10.96 -30.36 -20.71
C VAL G 222 10.89 -29.90 -19.27
N ARG G 223 11.99 -30.09 -18.55
CA ARG G 223 11.99 -29.74 -17.14
C ARG G 223 12.09 -28.24 -16.98
N TYR G 224 11.47 -27.72 -15.91
CA TYR G 224 11.52 -26.31 -15.55
C TYR G 224 12.42 -26.15 -14.33
N LEU G 225 13.61 -25.62 -14.54
CA LEU G 225 14.59 -25.45 -13.46
C LEU G 225 15.11 -24.02 -13.45
N GLU G 226 14.55 -23.18 -12.57
CA GLU G 226 14.93 -21.76 -12.52
C GLU G 226 14.81 -21.11 -13.91
N ASN G 227 13.65 -21.32 -14.53
CA ASN G 227 13.35 -20.83 -15.88
C ASN G 227 14.29 -21.36 -16.96
N ILE G 228 14.98 -22.48 -16.72
CA ILE G 228 15.78 -23.12 -17.75
C ILE G 228 15.05 -24.36 -18.20
N ALA G 229 14.94 -24.55 -19.52
CA ALA G 229 14.25 -25.70 -20.07
C ALA G 229 15.25 -26.83 -20.28
N ILE G 230 14.98 -27.98 -19.69
CA ILE G 230 15.81 -29.15 -19.87
C ILE G 230 15.01 -30.21 -20.62
N ILE G 231 15.41 -30.48 -21.87
CA ILE G 231 14.72 -31.46 -22.71
C ILE G 231 15.35 -32.85 -22.51
N GLU G 232 14.52 -33.80 -22.09
CA GLU G 232 14.89 -35.21 -21.96
C GLU G 232 14.06 -36.02 -22.96
N LEU G 233 14.70 -36.94 -23.67
CA LEU G 233 14.03 -37.71 -24.74
C LEU G 233 14.52 -39.16 -24.75
N THR G 234 13.99 -39.95 -25.68
CA THR G 234 14.29 -41.38 -25.85
C THR G 234 15.56 -41.58 -26.70
N LYS G 235 16.18 -42.76 -26.54
CA LYS G 235 17.41 -43.05 -27.26
C LYS G 235 17.15 -43.10 -28.77
N ASN G 236 16.13 -43.86 -29.20
CA ASN G 236 15.89 -44.02 -30.63
C ASN G 236 15.25 -42.78 -31.24
N GLU G 237 14.47 -42.05 -30.44
CA GLU G 237 13.86 -40.80 -30.88
C GLU G 237 14.90 -39.73 -31.16
N SER G 238 16.12 -39.87 -30.58
CA SER G 238 17.16 -38.83 -30.58
C SER G 238 17.42 -38.17 -31.93
N GLU G 239 17.58 -38.97 -32.99
CA GLU G 239 17.90 -38.42 -34.31
C GLU G 239 16.83 -37.47 -34.86
N LYS G 240 15.59 -37.54 -34.37
CA LYS G 240 14.55 -36.66 -34.90
C LYS G 240 14.87 -35.19 -34.65
N ILE G 241 15.81 -34.89 -33.77
CA ILE G 241 16.09 -33.49 -33.45
C ILE G 241 17.57 -33.13 -33.59
N PHE G 242 18.35 -33.91 -34.33
CA PHE G 242 19.79 -33.64 -34.36
C PHE G 242 20.24 -32.57 -35.37
N ASP G 243 19.47 -32.24 -36.42
CA ASP G 243 19.93 -31.21 -37.37
C ASP G 243 19.72 -29.81 -36.79
N ASN G 244 20.64 -28.88 -37.11
CA ASN G 244 20.62 -27.57 -36.48
C ASN G 244 19.34 -26.79 -36.74
N ASP G 245 18.67 -27.03 -37.88
CA ASP G 245 17.43 -26.31 -38.14
C ASP G 245 16.35 -26.73 -37.17
N SER G 246 16.38 -27.97 -36.71
CA SER G 246 15.43 -28.33 -35.67
C SER G 246 15.83 -27.71 -34.33
N ILE G 247 17.13 -27.66 -34.03
CA ILE G 247 17.60 -27.16 -32.74
C ILE G 247 17.32 -25.67 -32.62
N GLU G 248 17.64 -24.88 -33.64
CA GLU G 248 17.37 -23.46 -33.51
C GLU G 248 15.88 -23.19 -33.33
N ARG G 249 15.04 -23.94 -34.03
CA ARG G 249 13.60 -23.76 -33.94
C ARG G 249 13.10 -24.06 -32.53
N ILE G 250 13.61 -25.11 -31.90
CA ILE G 250 13.22 -25.42 -30.53
C ILE G 250 13.77 -24.36 -29.58
N ASN G 251 15.07 -24.05 -29.72
CA ASN G 251 15.71 -23.05 -28.85
C ASN G 251 14.97 -21.73 -28.92
N THR G 252 14.57 -21.33 -30.13
CA THR G 252 13.87 -20.07 -30.34
C THR G 252 12.43 -20.12 -29.84
N GLU G 253 11.70 -21.19 -30.18
CA GLU G 253 10.31 -21.27 -29.73
C GLU G 253 10.21 -21.37 -28.23
N LEU G 254 11.10 -22.14 -27.59
CA LEU G 254 11.07 -22.25 -26.14
C LEU G 254 11.47 -20.94 -25.46
N LYS G 255 12.42 -20.19 -26.04
CA LYS G 255 12.74 -18.91 -25.43
C LYS G 255 11.61 -17.91 -25.56
N LYS G 256 10.81 -18.03 -26.62
CA LYS G 256 9.63 -17.17 -26.73
C LYS G 256 8.66 -17.48 -25.60
N ILE G 257 8.63 -18.73 -25.14
CA ILE G 257 7.79 -19.09 -23.99
C ILE G 257 8.27 -18.45 -22.71
N GLY G 258 9.52 -17.99 -22.71
CA GLY G 258 10.12 -17.32 -21.58
C GLY G 258 11.18 -18.10 -20.83
N PHE G 259 11.63 -19.24 -21.35
CA PHE G 259 12.80 -19.87 -20.77
C PHE G 259 14.03 -19.01 -21.04
N GLU G 260 14.88 -18.81 -20.03
CA GLU G 260 16.12 -18.05 -20.26
C GLU G 260 17.19 -18.88 -20.99
N LYS G 261 17.15 -20.20 -20.86
CA LYS G 261 18.10 -21.05 -21.58
C LYS G 261 17.37 -22.30 -22.03
N VAL G 262 17.69 -22.81 -23.21
CA VAL G 262 17.12 -24.08 -23.64
C VAL G 262 18.26 -25.05 -23.83
N VAL G 263 18.23 -26.15 -23.06
CA VAL G 263 19.27 -27.16 -23.02
C VAL G 263 18.72 -28.58 -23.17
N LEU G 264 19.62 -29.48 -23.57
CA LEU G 264 19.34 -30.90 -23.82
C LEU G 264 20.04 -31.79 -22.82
N ASP G 265 19.27 -32.53 -22.00
CA ASP G 265 19.86 -33.52 -21.10
C ASP G 265 20.41 -34.68 -21.91
N LEU G 266 21.73 -34.84 -21.88
CA LEU G 266 22.45 -35.90 -22.61
C LEU G 266 22.28 -37.29 -21.98
N ASN G 267 21.34 -37.42 -21.07
CA ASN G 267 21.02 -38.71 -20.48
C ASN G 267 19.75 -39.23 -21.14
N PHE G 268 19.92 -39.98 -22.24
CA PHE G 268 18.77 -40.48 -22.97
C PHE G 268 18.20 -41.71 -22.32
N LYS G 269 16.88 -41.84 -22.34
CA LYS G 269 16.17 -42.93 -21.70
C LYS G 269 16.24 -44.22 -22.53
N GLY G 270 16.63 -45.33 -21.88
CA GLY G 270 16.85 -46.61 -22.55
C GLY G 270 15.71 -47.33 -23.28
FE1 SF4 H . 9.03 28.17 29.36
FE2 SF4 H . 9.26 29.81 31.46
FE3 SF4 H . 9.50 27.25 31.81
FE4 SF4 H . 7.08 28.27 31.27
S1 SF4 H . 8.28 28.61 33.06
S2 SF4 H . 7.95 26.46 30.34
S3 SF4 H . 7.70 29.89 29.82
S4 SF4 H . 10.87 28.53 30.60
P AMP I . 9.01 32.74 32.61
O1P AMP I . 10.24 31.85 32.55
O2P AMP I . 7.86 32.24 31.78
O3P AMP I . 8.60 33.28 33.97
O5' AMP I . 9.56 33.98 31.77
C5' AMP I . 10.94 34.07 31.42
C4' AMP I . 11.19 33.53 30.03
O4' AMP I . 9.93 33.22 29.40
C3' AMP I . 11.91 34.52 29.11
O3' AMP I . 13.12 33.94 28.61
C2' AMP I . 10.93 34.76 27.95
O2' AMP I . 11.54 34.83 26.68
C1' AMP I . 9.98 33.57 28.04
N9 AMP I . 8.62 33.82 27.54
C8 AMP I . 7.46 33.43 28.09
N7 AMP I . 6.40 33.80 27.35
C5 AMP I . 6.91 34.44 26.30
C6 AMP I . 6.32 35.06 25.17
N6 AMP I . 4.98 35.00 25.15
N1 AMP I . 7.13 35.64 24.24
C2 AMP I . 8.48 35.65 24.36
N3 AMP I . 9.07 35.07 25.40
C4 AMP I . 8.36 34.45 26.40
CL CL J . 14.38 29.52 33.73
CL CL K . 18.44 39.75 5.41
FE1 SF4 L . 1.67 22.68 0.28
FE2 SF4 L . 0.52 25.09 0.67
FE3 SF4 L . 0.77 23.43 2.63
FE4 SF4 L . -0.97 22.90 0.77
S1 SF4 L . -1.02 24.62 2.15
S2 SF4 L . 0.43 21.45 1.67
S3 SF4 L . 0.14 23.63 -1.03
S4 SF4 L . 2.40 24.36 1.50
CL CL M . 0.14 27.25 0.43
CL CL N . 3.31 28.26 4.46
CL CL O . 23.13 30.68 -15.05
FE1 SF4 P . 14.87 4.84 -19.49
FE2 SF4 P . 13.45 6.27 -21.12
FE3 SF4 P . 12.55 5.87 -18.68
FE4 SF4 P . 12.54 3.84 -20.51
S1 SF4 P . 11.35 5.69 -20.56
S2 SF4 P . 13.22 3.79 -18.38
S3 SF4 P . 14.40 4.26 -21.60
S4 SF4 P . 14.40 7.01 -19.25
CL CL Q . 13.36 7.88 -22.87
CL CL R . 12.77 11.60 -18.96
FE1 SF4 S . -22.15 -3.91 29.94
FE2 SF4 S . -24.55 -3.36 29.10
FE3 SF4 S . -22.50 -3.19 27.43
FE4 SF4 S . -22.83 -1.34 29.44
S1 SF4 S . -24.14 -1.67 27.71
S2 SF4 S . -20.93 -2.39 28.80
S3 SF4 S . -23.65 -2.63 31.03
S4 SF4 S . -23.25 -5.06 28.39
CL CL T . -26.99 -3.67 29.44
FE1 SF4 U . -19.97 -15.75 2.94
FE2 SF4 U . -21.04 -16.99 0.86
FE3 SF4 U . -18.44 -16.54 0.81
FE4 SF4 U . -20.27 -14.47 0.53
S1 SF4 U . -19.88 -16.19 -0.84
S2 SF4 U . -18.40 -14.53 1.85
S3 SF4 U . -21.87 -15.11 1.95
S4 SF4 U . -19.51 -17.84 2.23
CL CL V . -23.10 -17.78 0.19
FE1 SF4 W . 39.38 -11.88 -14.37
FE2 SF4 W . 39.08 -11.73 -17.07
FE3 SF4 W . 37.14 -10.88 -15.48
FE4 SF4 W . 37.59 -13.53 -15.80
S1 SF4 W . 36.90 -12.22 -17.37
S2 SF4 W . 37.23 -12.37 -13.83
S3 SF4 W . 39.89 -13.51 -15.89
S4 SF4 W . 39.24 -10.00 -15.53
CL CL X . 40.56 -10.38 -18.20
FE1 SF4 Y . 0.87 -35.12 -7.11
FE2 SF4 Y . 0.41 -37.51 -8.11
FE3 SF4 Y . 3.02 -36.88 -7.17
FE4 SF4 Y . 2.21 -35.90 -9.42
S1 SF4 Y . 2.58 -38.03 -9.03
S2 SF4 Y . 3.17 -34.80 -7.73
S3 SF4 Y . -0.13 -35.60 -9.06
S4 SF4 Y . 0.91 -36.99 -6.00
CL CL Z . -0.17 -39.52 -9.14
#